data_6V74
#
_entry.id   6V74
#
_cell.length_a   80.990
_cell.length_b   154.580
_cell.length_c   92.150
_cell.angle_alpha   90.000
_cell.angle_beta   102.540
_cell.angle_gamma   90.000
#
_symmetry.space_group_name_H-M   'P 1 21 1'
#
loop_
_entity.id
_entity.type
_entity.pdbx_description
1 polymer 'Pyruvate kinase PKM'
2 non-polymer 'POTASSIUM ION'
3 non-polymer GLYCEROL
4 non-polymer 'OXALATE ION'
5 non-polymer 1,6-di-O-phosphono-beta-D-fructofuranose
6 non-polymer 'MAGNESIUM ION'
7 non-polymer 'CHLORIDE ION'
8 non-polymer ASPARAGINE
9 non-polymer TRIS-HYDROXYMETHYL-METHYL-AMMONIUM
10 water water
#
_entity_poly.entity_id   1
_entity_poly.type   'polypeptide(L)'
_entity_poly.pdbx_seq_one_letter_code
;MGSSHHHHHHSSGLVPRGSMSKPHSEAGTAFIQTQQLHAAMADTFLEHMCRLDIDSPPITARNTGIICTIGPASRSVETL
KEMIKSGMNVARLNFSHGTHEYHAETIKNVRTATESFASDPILYRPVAVALDTKGPEIRTGLIKGSGTAEVELKKGATLK
ITLDNAYMEKCDENILWLDYKNICKVVEVGSKIYVDDGLISLQVKQKGADFLVTEVENGGSLGSKKGVNLPGAAVDLPAV
SEKDIQDLKFGVEQDVDMVFASFIRKASDVHEVRKVLGEKGKNIKIISKIENHEGVRRFDEILEASDGIMVARGDLGIEI
PAEKVFLAQKMMIGRCNRAGKPVICATQMLESMIKKPRPTRAEGSDVANAVLDGADCIMLSGETAKGDYPLEAVRMQHLI
AREAEAAIYHLQLFEELRRLAPITSDPTEATAVGAVEASFKCCSGAIIVLTKSGRSAHQVARYRPRAPIIAVTRNPQTAR
QAHLYRGIFPVLCKDPVQEAWAEDVDLRVNFAMNVGKARGFFKKGDVVIVLTGWRPGSGFTNTMRVVPVP
;
_entity_poly.pdbx_strand_id   A,B,C,D
#
loop_
_chem_comp.id
_chem_comp.type
_chem_comp.name
_chem_comp.formula
144 non-polymer TRIS-HYDROXYMETHYL-METHYL-AMMONIUM 'C4 H12 N O3 1'
CL non-polymer 'CHLORIDE ION' 'Cl -1'
FBP D-saccharide, beta linking 1,6-di-O-phosphono-beta-D-fructofuranose 'C6 H14 O12 P2'
GOL non-polymer GLYCEROL 'C3 H8 O3'
K non-polymer 'POTASSIUM ION' 'K 1'
MG non-polymer 'MAGNESIUM ION' 'Mg 2'
OXL non-polymer 'OXALATE ION' 'C2 O4 -2'
#
# COMPACT_ATOMS: atom_id res chain seq x y z
N GLN A 33 18.77 31.14 12.34
CA GLN A 33 17.39 30.99 11.90
C GLN A 33 16.51 30.49 13.04
N THR A 34 16.47 29.17 13.20
CA THR A 34 15.84 28.44 14.31
C THR A 34 14.39 28.79 14.64
N GLN A 35 13.51 27.80 14.55
CA GLN A 35 12.16 27.82 15.14
C GLN A 35 11.23 28.84 14.50
N GLN A 36 11.56 29.37 13.32
CA GLN A 36 10.84 30.49 12.73
C GLN A 36 10.75 31.68 13.68
N LEU A 37 11.81 31.89 14.47
CA LEU A 37 11.80 32.96 15.47
C LEU A 37 12.03 34.34 14.87
N HIS A 38 12.64 34.42 13.68
CA HIS A 38 12.66 35.69 12.97
C HIS A 38 11.25 36.09 12.53
N ALA A 39 10.44 35.11 12.11
CA ALA A 39 9.06 35.38 11.77
C ALA A 39 8.22 35.63 13.03
N ALA A 40 8.63 35.05 14.16
CA ALA A 40 7.89 35.22 15.40
C ALA A 40 7.91 36.65 15.92
N MET A 41 8.90 37.43 15.52
CA MET A 41 9.06 38.81 15.98
C MET A 41 8.77 39.82 14.88
N ALA A 42 7.72 39.58 14.10
CA ALA A 42 7.26 40.50 13.09
C ALA A 42 6.11 41.34 13.63
N ASP A 43 6.05 42.59 13.18
CA ASP A 43 5.01 43.50 13.66
C ASP A 43 3.65 43.24 13.01
N THR A 44 3.62 42.61 11.83
CA THR A 44 2.39 42.33 11.12
C THR A 44 2.34 40.86 10.74
N PHE A 45 1.13 40.39 10.47
CA PHE A 45 0.97 39.01 10.00
C PHE A 45 1.58 38.83 8.62
N LEU A 46 1.47 39.85 7.76
CA LEU A 46 2.03 39.76 6.42
C LEU A 46 3.55 39.62 6.49
N GLU A 47 4.20 40.44 7.30
CA GLU A 47 5.64 40.32 7.47
C GLU A 47 6.02 38.98 8.09
N HIS A 48 5.18 38.48 8.99
CA HIS A 48 5.42 37.15 9.56
C HIS A 48 5.38 36.08 8.47
N MET A 49 4.43 36.20 7.53
CA MET A 49 4.40 35.28 6.40
C MET A 49 5.65 35.43 5.54
N CYS A 50 6.11 36.66 5.35
CA CYS A 50 7.28 36.90 4.50
C CYS A 50 8.55 36.32 5.11
N ARG A 51 8.62 36.20 6.43
CA ARG A 51 9.80 35.72 7.11
C ARG A 51 9.80 34.21 7.35
N LEU A 52 8.82 33.50 6.81
CA LEU A 52 8.79 32.05 6.97
C LEU A 52 9.96 31.42 6.22
N ASP A 53 10.75 30.62 6.92
CA ASP A 53 12.06 30.17 6.44
C ASP A 53 12.11 28.65 6.45
N ILE A 54 12.16 28.04 5.26
CA ILE A 54 12.31 26.60 5.15
C ILE A 54 13.63 26.09 5.69
N ASP A 55 14.60 26.97 5.90
CA ASP A 55 15.90 26.61 6.43
C ASP A 55 16.02 26.85 7.93
N SER A 56 14.93 27.20 8.60
CA SER A 56 14.93 27.37 10.04
C SER A 56 14.38 26.10 10.66
N PRO A 57 15.20 25.28 11.31
CA PRO A 57 14.73 23.95 11.73
C PRO A 57 13.70 24.07 12.84
N PRO A 58 12.76 23.13 12.92
CA PRO A 58 11.72 23.21 13.95
C PRO A 58 12.24 22.95 15.36
N ILE A 59 11.31 23.02 16.32
CA ILE A 59 11.57 22.88 17.75
C ILE A 59 12.23 21.53 18.03
N THR A 60 11.40 20.53 18.34
CA THR A 60 11.78 19.16 18.65
C THR A 60 10.55 18.48 19.21
N ALA A 61 9.89 19.16 20.15
CA ALA A 61 8.69 18.65 20.79
C ALA A 61 7.48 19.01 19.94
N ARG A 62 6.79 17.99 19.43
CA ARG A 62 5.61 18.19 18.59
C ARG A 62 4.40 18.34 19.50
N ASN A 63 3.69 19.46 19.35
CA ASN A 63 2.60 19.81 20.26
C ASN A 63 1.25 19.25 19.82
N THR A 64 1.00 19.20 18.51
CA THR A 64 -0.29 18.73 18.01
C THR A 64 -0.36 17.21 18.09
N GLY A 65 -1.32 16.70 18.85
CA GLY A 65 -1.48 15.27 18.96
C GLY A 65 -1.91 14.64 17.65
N ILE A 66 -1.54 13.37 17.48
CA ILE A 66 -1.86 12.60 16.28
C ILE A 66 -2.78 11.46 16.69
N ILE A 67 -3.94 11.38 16.05
CA ILE A 67 -4.92 10.33 16.29
C ILE A 67 -4.93 9.44 15.05
N CYS A 68 -4.71 8.14 15.27
CA CYS A 68 -4.66 7.17 14.19
C CYS A 68 -5.79 6.17 14.36
N THR A 69 -6.54 5.91 13.29
CA THR A 69 -7.54 4.86 13.30
C THR A 69 -6.85 3.52 13.13
N ILE A 70 -7.09 2.61 14.05
CA ILE A 70 -6.47 1.28 14.02
C ILE A 70 -7.38 0.35 13.23
N GLY A 71 -6.79 -0.38 12.29
CA GLY A 71 -7.53 -1.31 11.46
C GLY A 71 -6.65 -2.47 11.04
N PRO A 72 -7.08 -3.19 10.00
CA PRO A 72 -6.31 -4.37 9.56
C PRO A 72 -4.85 -4.09 9.26
N ALA A 73 -4.53 -2.93 8.69
CA ALA A 73 -3.16 -2.63 8.31
C ALA A 73 -2.30 -2.16 9.46
N SER A 74 -2.85 -2.02 10.67
CA SER A 74 -2.09 -1.46 11.77
C SER A 74 -2.39 -2.09 13.13
N ARG A 75 -3.30 -3.06 13.21
CA ARG A 75 -3.70 -3.60 14.51
C ARG A 75 -2.73 -4.60 15.09
N SER A 76 -1.64 -4.93 14.39
CA SER A 76 -0.66 -5.85 14.92
C SER A 76 0.21 -5.15 15.96
N VAL A 77 0.65 -5.92 16.96
CA VAL A 77 1.50 -5.37 18.01
C VAL A 77 2.79 -4.82 17.40
N GLU A 78 3.34 -5.52 16.40
CA GLU A 78 4.57 -5.06 15.77
C GLU A 78 4.38 -3.72 15.08
N THR A 79 3.27 -3.56 14.35
CA THR A 79 3.02 -2.29 13.68
C THR A 79 2.67 -1.20 14.69
N LEU A 80 1.82 -1.51 15.67
CA LEU A 80 1.42 -0.52 16.67
C LEU A 80 2.62 0.04 17.42
N LYS A 81 3.62 -0.80 17.71
CA LYS A 81 4.83 -0.32 18.36
C LYS A 81 5.53 0.72 17.49
N GLU A 82 5.59 0.48 16.18
CA GLU A 82 6.20 1.46 15.29
C GLU A 82 5.30 2.68 15.10
N MET A 83 3.99 2.51 15.23
CA MET A 83 3.10 3.68 15.23
C MET A 83 3.40 4.58 16.42
N ILE A 84 3.61 3.99 17.60
CA ILE A 84 3.92 4.77 18.79
C ILE A 84 5.24 5.51 18.61
N LYS A 85 6.26 4.80 18.10
CA LYS A 85 7.55 5.42 17.86
C LYS A 85 7.48 6.49 16.77
N SER A 86 6.59 6.32 15.78
CA SER A 86 6.44 7.32 14.73
C SER A 86 5.70 8.56 15.22
N GLY A 87 4.92 8.46 16.29
CA GLY A 87 4.31 9.64 16.87
C GLY A 87 2.85 9.52 17.24
N MET A 88 2.27 8.32 17.12
CA MET A 88 0.86 8.15 17.43
C MET A 88 0.61 8.37 18.91
N ASN A 89 -0.39 9.21 19.22
CA ASN A 89 -0.76 9.50 20.59
C ASN A 89 -2.10 8.92 21.00
N VAL A 90 -3.03 8.76 20.06
CA VAL A 90 -4.36 8.25 20.35
C VAL A 90 -4.70 7.17 19.33
N ALA A 91 -5.17 6.02 19.81
CA ALA A 91 -5.59 4.92 18.95
C ALA A 91 -7.10 4.97 18.85
N ARG A 92 -7.61 5.30 17.66
CA ARG A 92 -9.03 5.45 17.43
C ARG A 92 -9.59 4.16 16.85
N LEU A 93 -10.65 3.65 17.47
CA LEU A 93 -11.35 2.46 17.00
C LEU A 93 -12.70 2.90 16.43
N ASN A 94 -12.93 2.59 15.15
CA ASN A 94 -14.14 3.01 14.46
C ASN A 94 -15.16 1.88 14.58
N PHE A 95 -16.18 2.09 15.39
CA PHE A 95 -17.20 1.06 15.62
C PHE A 95 -18.28 1.05 14.55
N SER A 96 -18.08 1.77 13.45
CA SER A 96 -18.95 1.60 12.28
C SER A 96 -18.82 0.21 11.69
N HIS A 97 -17.73 -0.49 11.96
CA HIS A 97 -17.52 -1.85 11.50
C HIS A 97 -16.85 -2.65 12.60
N GLY A 98 -16.77 -3.97 12.38
CA GLY A 98 -16.09 -4.84 13.32
C GLY A 98 -16.92 -5.25 14.52
N THR A 99 -16.62 -6.42 15.07
CA THR A 99 -17.32 -6.95 16.23
C THR A 99 -16.65 -6.48 17.51
N HIS A 100 -17.27 -6.81 18.65
CA HIS A 100 -16.64 -6.52 19.93
C HIS A 100 -15.43 -7.41 20.18
N GLU A 101 -15.46 -8.65 19.66
CA GLU A 101 -14.29 -9.52 19.75
C GLU A 101 -13.12 -8.94 18.96
N TYR A 102 -13.39 -8.39 17.77
CA TYR A 102 -12.33 -7.82 16.96
C TYR A 102 -11.75 -6.58 17.62
N HIS A 103 -12.60 -5.72 18.18
CA HIS A 103 -12.13 -4.49 18.82
C HIS A 103 -11.45 -4.76 20.14
N ALA A 104 -11.91 -5.78 20.89
CA ALA A 104 -11.23 -6.14 22.12
C ALA A 104 -9.79 -6.58 21.87
N GLU A 105 -9.58 -7.36 20.80
CA GLU A 105 -8.22 -7.78 20.47
C GLU A 105 -7.38 -6.60 20.01
N THR A 106 -7.96 -5.68 19.24
CA THR A 106 -7.24 -4.48 18.83
C THR A 106 -6.81 -3.66 20.04
N ILE A 107 -7.74 -3.45 20.98
CA ILE A 107 -7.41 -2.73 22.22
C ILE A 107 -6.30 -3.45 22.97
N LYS A 108 -6.41 -4.77 23.07
CA LYS A 108 -5.34 -5.55 23.72
C LYS A 108 -4.02 -5.37 23.01
N ASN A 109 -4.03 -5.37 21.67
CA ASN A 109 -2.80 -5.16 20.92
C ASN A 109 -2.23 -3.77 21.16
N VAL A 110 -3.10 -2.76 21.29
CA VAL A 110 -2.62 -1.40 21.53
C VAL A 110 -1.94 -1.30 22.89
N ARG A 111 -2.53 -1.93 23.91
CA ARG A 111 -1.93 -1.86 25.25
C ARG A 111 -0.68 -2.71 25.35
N THR A 112 -0.60 -3.81 24.58
CA THR A 112 0.64 -4.58 24.54
C THR A 112 1.76 -3.77 23.92
N ALA A 113 1.47 -3.08 22.82
CA ALA A 113 2.47 -2.22 22.20
C ALA A 113 2.83 -1.05 23.11
N THR A 114 1.85 -0.51 23.83
CA THR A 114 2.10 0.63 24.69
C THR A 114 2.92 0.23 25.92
N GLU A 115 2.45 -0.79 26.65
CA GLU A 115 3.19 -1.27 27.81
C GLU A 115 4.54 -1.88 27.45
N SER A 116 4.80 -2.11 26.15
CA SER A 116 6.12 -2.54 25.72
C SER A 116 7.22 -1.56 26.11
N PHE A 117 6.88 -0.29 26.35
CA PHE A 117 7.84 0.73 26.74
C PHE A 117 7.72 1.13 28.21
N ALA A 118 6.87 0.44 28.96
CA ALA A 118 6.57 0.86 30.34
C ALA A 118 7.73 0.65 31.30
N SER A 119 8.81 -0.02 30.88
CA SER A 119 9.91 -0.28 31.80
C SER A 119 10.66 0.98 32.16
N ASP A 120 10.79 1.92 31.22
CA ASP A 120 11.43 3.20 31.48
C ASP A 120 10.37 4.28 31.52
N PRO A 121 9.88 4.68 32.70
CA PRO A 121 8.85 5.73 32.75
C PRO A 121 9.35 7.08 32.25
N ILE A 122 10.66 7.30 32.19
CA ILE A 122 11.18 8.55 31.66
C ILE A 122 10.85 8.68 30.17
N LEU A 123 10.97 7.58 29.42
CA LEU A 123 10.72 7.59 27.98
C LEU A 123 9.34 7.06 27.61
N TYR A 124 8.56 6.58 28.57
CA TYR A 124 7.25 6.00 28.27
C TYR A 124 6.29 7.07 27.80
N ARG A 125 5.65 6.83 26.65
CA ARG A 125 4.68 7.77 26.10
C ARG A 125 3.29 7.19 26.27
N PRO A 126 2.41 7.86 27.02
CA PRO A 126 1.03 7.37 27.13
C PRO A 126 0.34 7.37 25.78
N VAL A 127 -0.50 6.37 25.56
CA VAL A 127 -1.26 6.21 24.32
C VAL A 127 -2.73 6.03 24.70
N ALA A 128 -3.57 6.93 24.23
CA ALA A 128 -4.98 6.91 24.59
C ALA A 128 -5.77 6.03 23.63
N VAL A 129 -6.89 5.49 24.12
CA VAL A 129 -7.80 4.67 23.34
C VAL A 129 -9.09 5.46 23.15
N ALA A 130 -9.52 5.57 21.89
CA ALA A 130 -10.71 6.34 21.52
C ALA A 130 -11.72 5.41 20.87
N LEU A 131 -12.97 5.51 21.30
CA LEU A 131 -14.07 4.77 20.69
C LEU A 131 -14.88 5.74 19.83
N ASP A 132 -15.01 5.42 18.55
CA ASP A 132 -15.79 6.21 17.60
C ASP A 132 -17.08 5.47 17.32
N THR A 133 -18.20 6.08 17.67
CA THR A 133 -19.50 5.42 17.58
C THR A 133 -20.01 5.42 16.15
N LYS A 134 -20.80 4.39 15.82
CA LYS A 134 -21.44 4.35 14.51
C LYS A 134 -22.42 5.51 14.35
N GLY A 135 -23.25 5.75 15.37
CA GLY A 135 -24.22 6.82 15.33
C GLY A 135 -25.37 6.52 14.40
N PRO A 136 -26.20 7.53 14.13
CA PRO A 136 -27.33 7.33 13.22
C PRO A 136 -26.90 7.19 11.78
N GLU A 137 -26.27 6.07 11.44
CA GLU A 137 -25.83 5.83 10.08
C GLU A 137 -26.96 5.22 9.25
N ILE A 138 -26.96 5.55 7.96
CA ILE A 138 -27.87 4.98 6.99
C ILE A 138 -27.05 4.13 6.05
N ARG A 139 -27.23 2.82 6.10
CA ARG A 139 -26.46 1.88 5.30
C ARG A 139 -27.36 1.17 4.29
N THR A 140 -26.74 0.71 3.21
CA THR A 140 -27.44 0.00 2.16
C THR A 140 -27.31 -1.52 2.38
N GLY A 141 -27.99 -2.29 1.53
CA GLY A 141 -27.95 -3.73 1.61
C GLY A 141 -26.67 -4.31 1.04
N LEU A 142 -26.76 -5.58 0.65
CA LEU A 142 -25.62 -6.30 0.09
C LEU A 142 -25.90 -6.62 -1.38
N ILE A 143 -24.95 -6.29 -2.24
CA ILE A 143 -25.07 -6.56 -3.66
C ILE A 143 -25.01 -8.06 -3.90
N LYS A 144 -26.19 -8.69 -4.02
CA LYS A 144 -26.33 -10.12 -4.27
C LYS A 144 -25.87 -11.00 -3.11
N GLY A 145 -24.89 -10.53 -2.34
CA GLY A 145 -24.38 -11.28 -1.22
C GLY A 145 -23.26 -10.57 -0.48
N VAL A 151 -22.13 -4.30 -7.54
CA VAL A 151 -22.55 -3.98 -8.91
C VAL A 151 -21.82 -2.75 -9.44
N GLU A 152 -22.44 -2.08 -10.41
CA GLU A 152 -21.83 -0.88 -11.00
C GLU A 152 -22.98 -0.05 -11.59
N LEU A 153 -23.35 1.02 -10.88
CA LEU A 153 -24.42 1.89 -11.34
C LEU A 153 -23.99 2.65 -12.59
N LYS A 154 -24.97 3.00 -13.41
CA LYS A 154 -24.73 3.72 -14.65
C LYS A 154 -25.08 5.20 -14.48
N LYS A 155 -24.33 6.05 -15.19
CA LYS A 155 -24.51 7.50 -15.09
C LYS A 155 -25.80 7.90 -15.79
N GLY A 156 -26.78 8.35 -15.01
CA GLY A 156 -28.06 8.77 -15.54
C GLY A 156 -29.10 7.68 -15.66
N ALA A 157 -28.84 6.49 -15.10
CA ALA A 157 -29.76 5.37 -15.24
C ALA A 157 -30.93 5.48 -14.28
N THR A 158 -31.54 4.35 -13.93
CA THR A 158 -32.67 4.29 -13.02
C THR A 158 -32.29 3.40 -11.84
N LEU A 159 -32.48 3.92 -10.63
CA LEU A 159 -32.17 3.20 -9.40
C LEU A 159 -33.39 3.28 -8.48
N LYS A 160 -34.03 2.14 -8.25
CA LYS A 160 -35.17 2.07 -7.35
C LYS A 160 -34.68 1.78 -5.94
N ILE A 161 -34.96 2.68 -5.02
CA ILE A 161 -34.56 2.54 -3.62
C ILE A 161 -35.78 2.07 -2.83
N THR A 162 -35.75 0.82 -2.39
CA THR A 162 -36.87 0.22 -1.68
C THR A 162 -36.51 -0.05 -0.23
N LEU A 163 -37.54 -0.05 0.62
CA LEU A 163 -37.41 -0.45 2.02
C LEU A 163 -37.87 -1.88 2.26
N ASP A 164 -38.40 -2.55 1.24
CA ASP A 164 -38.79 -3.94 1.36
C ASP A 164 -37.58 -4.79 1.71
N ASN A 165 -37.63 -5.43 2.87
CA ASN A 165 -36.50 -6.23 3.35
C ASN A 165 -36.23 -7.46 2.50
N ALA A 166 -37.10 -7.77 1.54
CA ALA A 166 -36.84 -8.90 0.65
C ALA A 166 -35.61 -8.65 -0.22
N TYR A 167 -35.34 -7.39 -0.55
CA TYR A 167 -34.18 -7.03 -1.35
C TYR A 167 -32.99 -6.61 -0.51
N MET A 168 -33.00 -6.90 0.79
CA MET A 168 -31.88 -6.52 1.66
C MET A 168 -30.62 -7.28 1.28
N GLU A 169 -30.70 -8.60 1.20
CA GLU A 169 -29.60 -9.44 0.75
C GLU A 169 -29.62 -9.67 -0.76
N LYS A 170 -30.39 -8.88 -1.51
CA LYS A 170 -30.51 -9.01 -2.96
C LYS A 170 -30.56 -7.60 -3.55
N CYS A 171 -29.40 -6.96 -3.65
CA CYS A 171 -29.27 -5.62 -4.20
C CYS A 171 -28.64 -5.72 -5.58
N ASP A 172 -29.26 -5.08 -6.56
CA ASP A 172 -28.78 -5.07 -7.93
C ASP A 172 -28.69 -3.64 -8.44
N GLU A 173 -28.32 -3.49 -9.71
CA GLU A 173 -28.23 -2.16 -10.32
C GLU A 173 -29.58 -1.50 -10.55
N ASN A 174 -30.68 -2.19 -10.23
CA ASN A 174 -32.02 -1.64 -10.42
C ASN A 174 -32.76 -1.42 -9.09
N ILE A 175 -32.58 -2.32 -8.13
CA ILE A 175 -33.23 -2.21 -6.83
C ILE A 175 -32.15 -1.99 -5.77
N LEU A 176 -32.37 -1.01 -4.90
CA LEU A 176 -31.42 -0.67 -3.85
C LEU A 176 -32.18 -0.61 -2.52
N TRP A 177 -31.69 -1.32 -1.52
CA TRP A 177 -32.31 -1.35 -0.21
C TRP A 177 -31.41 -0.63 0.80
N LEU A 178 -32.04 0.22 1.62
CA LEU A 178 -31.34 0.91 2.70
C LEU A 178 -32.11 0.69 4.00
N ASP A 179 -31.39 0.81 5.11
CA ASP A 179 -31.92 0.46 6.42
C ASP A 179 -32.65 1.61 7.13
N TYR A 180 -32.80 2.75 6.48
CA TYR A 180 -33.52 3.88 7.07
C TYR A 180 -34.99 3.72 6.74
N LYS A 181 -35.77 3.21 7.70
CA LYS A 181 -37.17 2.87 7.44
C LYS A 181 -37.98 4.13 7.12
N ASN A 182 -37.82 5.18 7.91
CA ASN A 182 -38.58 6.40 7.70
C ASN A 182 -37.91 7.30 6.66
N ILE A 183 -37.52 6.73 5.53
CA ILE A 183 -36.80 7.49 4.51
C ILE A 183 -37.74 8.42 3.75
N CYS A 184 -38.88 7.89 3.30
CA CYS A 184 -39.79 8.68 2.47
C CYS A 184 -40.47 9.80 3.25
N LYS A 185 -40.49 9.71 4.58
CA LYS A 185 -41.03 10.77 5.42
C LYS A 185 -39.99 11.83 5.78
N VAL A 186 -38.92 11.95 4.98
CA VAL A 186 -37.87 12.93 5.23
C VAL A 186 -37.40 13.52 3.91
N VAL A 187 -37.55 12.77 2.83
CA VAL A 187 -37.13 13.20 1.50
C VAL A 187 -38.36 13.60 0.70
N GLU A 188 -38.15 14.49 -0.26
CA GLU A 188 -39.26 15.01 -1.05
C GLU A 188 -39.00 14.91 -2.55
N VAL A 189 -39.44 15.92 -3.30
CA VAL A 189 -39.35 15.89 -4.76
C VAL A 189 -37.93 16.22 -5.20
N GLY A 190 -37.36 15.37 -6.04
CA GLY A 190 -36.05 15.63 -6.61
C GLY A 190 -34.94 15.80 -5.60
N SER A 191 -35.10 15.22 -4.41
CA SER A 191 -34.10 15.38 -3.37
C SER A 191 -32.80 14.69 -3.75
N LYS A 192 -31.68 15.32 -3.41
CA LYS A 192 -30.37 14.74 -3.68
C LYS A 192 -30.01 13.78 -2.55
N ILE A 193 -29.67 12.55 -2.91
CA ILE A 193 -29.30 11.51 -1.96
C ILE A 193 -28.01 10.86 -2.43
N TYR A 194 -27.01 10.81 -1.55
CA TYR A 194 -25.66 10.40 -1.91
C TYR A 194 -25.33 9.05 -1.28
N VAL A 195 -24.69 8.19 -2.07
CA VAL A 195 -24.26 6.88 -1.62
C VAL A 195 -22.75 6.78 -1.83
N ASP A 196 -22.12 5.89 -1.07
CA ASP A 196 -20.69 5.60 -1.19
C ASP A 196 -19.84 6.81 -0.80
N ASP A 197 -19.97 7.19 0.48
CA ASP A 197 -19.20 8.28 1.07
C ASP A 197 -19.24 9.54 0.20
N GLY A 198 -20.41 9.80 -0.39
CA GLY A 198 -20.60 10.98 -1.20
C GLY A 198 -20.33 10.82 -2.69
N LEU A 199 -19.73 9.70 -3.10
CA LEU A 199 -19.40 9.48 -4.51
C LEU A 199 -20.65 9.43 -5.38
N ILE A 200 -21.40 8.34 -5.29
CA ILE A 200 -22.63 8.21 -6.07
C ILE A 200 -23.65 9.20 -5.56
N SER A 201 -24.30 9.91 -6.49
CA SER A 201 -25.33 10.89 -6.16
C SER A 201 -26.60 10.56 -6.92
N LEU A 202 -27.74 10.66 -6.25
CA LEU A 202 -29.03 10.31 -6.80
C LEU A 202 -29.98 11.50 -6.73
N GLN A 203 -31.13 11.35 -7.38
CA GLN A 203 -32.18 12.37 -7.37
C GLN A 203 -33.52 11.64 -7.37
N VAL A 204 -34.26 11.75 -6.26
CA VAL A 204 -35.53 11.05 -6.10
C VAL A 204 -36.51 11.48 -7.16
N LYS A 205 -36.49 10.80 -8.32
CA LYS A 205 -37.38 11.16 -9.42
C LYS A 205 -38.83 10.77 -9.16
N GLN A 206 -39.08 9.87 -8.20
CA GLN A 206 -40.43 9.47 -7.87
C GLN A 206 -40.45 8.95 -6.44
N LYS A 207 -41.52 9.25 -5.71
CA LYS A 207 -41.65 8.87 -4.32
C LYS A 207 -42.48 7.60 -4.17
N GLY A 208 -42.75 7.24 -2.93
CA GLY A 208 -43.54 6.05 -2.66
C GLY A 208 -43.74 5.86 -1.17
N ALA A 209 -43.97 4.66 -0.72
CA ALA A 209 -44.16 4.54 0.69
C ALA A 209 -43.20 3.58 1.30
N ASP A 210 -42.77 2.68 0.46
CA ASP A 210 -41.82 1.70 0.87
C ASP A 210 -40.76 1.56 -0.21
N PHE A 211 -40.84 2.41 -1.23
CA PHE A 211 -39.93 2.44 -2.31
C PHE A 211 -39.69 3.86 -2.70
N LEU A 212 -38.61 4.04 -3.42
CA LEU A 212 -38.28 5.35 -3.98
C LEU A 212 -37.57 5.13 -5.30
N VAL A 213 -38.05 5.80 -6.34
CA VAL A 213 -37.48 5.70 -7.68
C VAL A 213 -36.57 6.90 -7.90
N THR A 214 -35.29 6.62 -8.17
CA THR A 214 -34.29 7.67 -8.30
C THR A 214 -33.59 7.56 -9.64
N GLU A 215 -33.20 8.72 -10.18
CA GLU A 215 -32.41 8.82 -11.39
C GLU A 215 -30.99 9.22 -11.00
N VAL A 216 -30.01 8.44 -11.45
CA VAL A 216 -28.63 8.68 -11.07
C VAL A 216 -28.16 10.02 -11.61
N GLU A 217 -27.64 10.87 -10.71
CA GLU A 217 -27.05 12.14 -11.11
C GLU A 217 -25.54 12.04 -11.30
N ASN A 218 -24.89 11.16 -10.55
CA ASN A 218 -23.46 10.91 -10.70
C ASN A 218 -23.24 9.41 -10.57
N GLY A 219 -22.82 8.77 -11.66
CA GLY A 219 -22.66 7.34 -11.68
C GLY A 219 -21.47 6.88 -10.85
N GLY A 220 -21.22 5.58 -10.91
CA GLY A 220 -20.12 4.97 -10.19
C GLY A 220 -20.43 3.54 -9.83
N SER A 221 -19.37 2.80 -9.51
CA SER A 221 -19.51 1.40 -9.15
C SER A 221 -20.08 1.28 -7.74
N LEU A 222 -21.30 0.77 -7.63
CA LEU A 222 -21.96 0.62 -6.34
C LEU A 222 -21.28 -0.49 -5.54
N GLY A 223 -21.76 -0.70 -4.32
CA GLY A 223 -21.19 -1.70 -3.44
C GLY A 223 -22.17 -2.14 -2.40
N SER A 224 -21.70 -2.98 -1.48
CA SER A 224 -22.52 -3.52 -0.41
C SER A 224 -22.29 -2.75 0.87
N LYS A 225 -23.39 -2.47 1.59
CA LYS A 225 -23.34 -1.79 2.88
C LYS A 225 -22.63 -0.44 2.79
N LYS A 226 -23.09 0.39 1.86
CA LYS A 226 -22.53 1.72 1.67
C LYS A 226 -23.33 2.74 2.48
N GLY A 227 -22.64 3.82 2.87
CA GLY A 227 -23.30 4.87 3.62
C GLY A 227 -24.13 5.77 2.72
N VAL A 228 -25.24 6.26 3.26
CA VAL A 228 -26.16 7.12 2.54
C VAL A 228 -26.35 8.41 3.33
N ASN A 229 -26.21 9.54 2.65
CA ASN A 229 -26.42 10.85 3.24
C ASN A 229 -27.66 11.48 2.63
N LEU A 230 -28.41 12.22 3.44
CA LEU A 230 -29.61 12.94 3.00
C LEU A 230 -29.44 14.42 3.33
N PRO A 231 -28.58 15.13 2.59
CA PRO A 231 -28.36 16.55 2.88
C PRO A 231 -29.62 17.35 2.61
N GLY A 232 -29.81 18.40 3.42
CA GLY A 232 -30.99 19.22 3.28
C GLY A 232 -32.25 18.61 3.83
N ALA A 233 -32.17 17.44 4.45
CA ALA A 233 -33.29 16.78 5.08
C ALA A 233 -33.03 16.66 6.58
N ALA A 234 -33.98 16.05 7.29
CA ALA A 234 -33.89 15.88 8.73
C ALA A 234 -34.16 14.41 9.06
N VAL A 235 -33.10 13.65 9.29
CA VAL A 235 -33.25 12.26 9.73
C VAL A 235 -33.72 12.26 11.18
N ASP A 236 -34.66 11.35 11.49
CA ASP A 236 -35.23 11.25 12.81
C ASP A 236 -34.61 10.14 13.65
N LEU A 237 -33.49 9.58 13.22
CA LEU A 237 -32.86 8.50 13.95
C LEU A 237 -32.41 9.00 15.32
N PRO A 238 -32.42 8.13 16.34
CA PRO A 238 -32.02 8.57 17.67
C PRO A 238 -30.53 8.93 17.70
N ALA A 239 -30.20 9.85 18.61
CA ALA A 239 -28.80 10.24 18.79
C ALA A 239 -27.95 9.04 19.18
N VAL A 240 -28.40 8.27 20.16
CA VAL A 240 -27.72 7.06 20.60
C VAL A 240 -28.60 5.87 20.27
N SER A 241 -28.20 5.11 19.26
CA SER A 241 -28.97 3.95 18.83
C SER A 241 -28.82 2.82 19.84
N GLU A 242 -29.60 1.75 19.63
CA GLU A 242 -29.48 0.57 20.49
C GLU A 242 -28.13 -0.11 20.30
N LYS A 243 -27.51 0.04 19.13
CA LYS A 243 -26.18 -0.50 18.91
C LYS A 243 -25.12 0.34 19.62
N ASP A 244 -25.27 1.66 19.58
CA ASP A 244 -24.34 2.54 20.30
C ASP A 244 -24.36 2.26 21.80
N ILE A 245 -25.51 1.86 22.33
CA ILE A 245 -25.59 1.50 23.75
C ILE A 245 -24.63 0.34 24.04
N GLN A 246 -24.63 -0.67 23.18
CA GLN A 246 -23.74 -1.81 23.38
C GLN A 246 -22.27 -1.41 23.21
N ASP A 247 -21.98 -0.53 22.25
CA ASP A 247 -20.60 -0.11 22.03
C ASP A 247 -20.13 0.83 23.14
N LEU A 248 -21.02 1.69 23.65
CA LEU A 248 -20.64 2.55 24.76
C LEU A 248 -20.45 1.75 26.04
N LYS A 249 -21.29 0.75 26.27
CA LYS A 249 -21.08 -0.14 27.41
C LYS A 249 -19.81 -0.96 27.24
N PHE A 250 -19.54 -1.38 26.00
CA PHE A 250 -18.28 -2.07 25.71
C PHE A 250 -17.09 -1.15 25.97
N GLY A 251 -17.22 0.13 25.60
CA GLY A 251 -16.13 1.06 25.82
C GLY A 251 -15.84 1.31 27.29
N VAL A 252 -16.87 1.29 28.13
CA VAL A 252 -16.66 1.49 29.57
C VAL A 252 -15.89 0.32 30.16
N GLU A 253 -16.33 -0.92 29.86
CA GLU A 253 -15.64 -2.09 30.41
C GLU A 253 -14.25 -2.29 29.82
N GLN A 254 -13.98 -1.70 28.66
CA GLN A 254 -12.65 -1.76 28.06
C GLN A 254 -11.76 -0.61 28.49
N ASP A 255 -12.26 0.28 29.35
CA ASP A 255 -11.46 1.36 29.92
C ASP A 255 -10.96 2.34 28.85
N VAL A 256 -11.83 2.66 27.89
CA VAL A 256 -11.46 3.65 26.89
C VAL A 256 -11.38 5.04 27.52
N ASP A 257 -10.60 5.91 26.88
CA ASP A 257 -10.35 7.24 27.43
C ASP A 257 -11.29 8.30 26.88
N MET A 258 -11.84 8.09 25.69
CA MET A 258 -12.69 9.11 25.09
C MET A 258 -13.65 8.46 24.12
N VAL A 259 -14.81 9.08 23.96
CA VAL A 259 -15.82 8.68 22.99
C VAL A 259 -15.93 9.77 21.94
N PHE A 260 -15.91 9.35 20.67
CA PHE A 260 -16.16 10.26 19.56
C PHE A 260 -17.59 10.00 19.12
N ALA A 261 -18.50 10.87 19.54
CA ALA A 261 -19.93 10.67 19.32
C ALA A 261 -20.29 11.16 17.92
N SER A 262 -20.64 10.23 17.03
CA SER A 262 -20.93 10.58 15.65
C SER A 262 -22.26 11.32 15.53
N PHE A 263 -22.29 12.33 14.67
CA PHE A 263 -23.53 12.98 14.23
C PHE A 263 -24.27 13.67 15.37
N ILE A 264 -23.54 14.44 16.17
CA ILE A 264 -24.17 15.26 17.20
C ILE A 264 -24.85 16.45 16.53
N ARG A 265 -26.11 16.70 16.90
CA ARG A 265 -26.86 17.83 16.36
C ARG A 265 -27.23 18.88 17.40
N LYS A 266 -27.43 18.49 18.65
CA LYS A 266 -27.87 19.41 19.68
C LYS A 266 -27.20 19.04 21.00
N ALA A 267 -27.33 19.94 21.98
CA ALA A 267 -26.73 19.68 23.28
C ALA A 267 -27.33 18.46 23.95
N SER A 268 -28.62 18.18 23.68
CA SER A 268 -29.28 17.05 24.32
C SER A 268 -28.70 15.72 23.83
N ASP A 269 -28.11 15.70 22.64
CA ASP A 269 -27.41 14.50 22.19
C ASP A 269 -26.19 14.21 23.04
N VAL A 270 -25.43 15.25 23.40
CA VAL A 270 -24.25 15.05 24.23
C VAL A 270 -24.65 14.61 25.63
N HIS A 271 -25.71 15.20 26.19
CA HIS A 271 -26.19 14.78 27.50
C HIS A 271 -26.63 13.32 27.47
N GLU A 272 -27.23 12.88 26.36
CA GLU A 272 -27.63 11.48 26.25
C GLU A 272 -26.42 10.55 26.30
N VAL A 273 -25.37 10.88 25.56
CA VAL A 273 -24.13 10.11 25.62
C VAL A 273 -23.57 10.12 27.04
N ARG A 274 -23.67 11.27 27.72
CA ARG A 274 -23.13 11.38 29.07
C ARG A 274 -23.95 10.55 30.06
N LYS A 275 -25.27 10.64 29.98
CA LYS A 275 -26.13 9.85 30.86
C LYS A 275 -25.92 8.37 30.62
N VAL A 276 -25.78 7.96 29.36
CA VAL A 276 -25.58 6.54 29.04
C VAL A 276 -24.28 6.03 29.65
N LEU A 277 -23.19 6.80 29.52
CA LEU A 277 -21.94 6.42 30.16
C LEU A 277 -22.10 6.31 31.67
N GLY A 278 -22.93 7.16 32.27
CA GLY A 278 -23.28 7.02 33.66
C GLY A 278 -22.10 7.28 34.59
N GLU A 279 -22.19 6.68 35.78
CA GLU A 279 -21.15 6.89 36.78
C GLU A 279 -19.86 6.14 36.42
N LYS A 280 -20.00 4.91 35.88
CA LYS A 280 -18.82 4.13 35.53
C LYS A 280 -18.00 4.76 34.41
N GLY A 281 -18.61 5.65 33.63
CA GLY A 281 -17.89 6.30 32.55
C GLY A 281 -17.87 7.82 32.68
N LYS A 282 -18.03 8.31 33.91
CA LYS A 282 -18.11 9.75 34.13
C LYS A 282 -16.80 10.46 33.77
N ASN A 283 -15.68 9.75 33.82
CA ASN A 283 -14.39 10.34 33.49
C ASN A 283 -14.03 10.19 32.02
N ILE A 284 -14.79 9.41 31.26
CA ILE A 284 -14.58 9.31 29.82
C ILE A 284 -14.94 10.64 29.18
N LYS A 285 -14.01 11.21 28.44
CA LYS A 285 -14.25 12.50 27.79
C LYS A 285 -15.07 12.30 26.52
N ILE A 286 -16.03 13.18 26.31
CA ILE A 286 -16.98 13.08 25.19
C ILE A 286 -16.60 14.11 24.15
N ILE A 287 -16.21 13.64 22.97
CA ILE A 287 -15.88 14.50 21.84
C ILE A 287 -17.05 14.46 20.86
N SER A 288 -17.69 15.61 20.67
CA SER A 288 -18.82 15.71 19.76
C SER A 288 -18.32 15.84 18.33
N LYS A 289 -18.70 14.89 17.47
CA LYS A 289 -18.36 14.94 16.06
C LYS A 289 -19.44 15.74 15.33
N ILE A 290 -19.04 16.85 14.72
CA ILE A 290 -19.95 17.72 13.99
C ILE A 290 -19.82 17.38 12.52
N GLU A 291 -20.88 16.80 11.95
CA GLU A 291 -20.84 16.29 10.59
C GLU A 291 -22.05 16.66 9.76
N ASN A 292 -22.89 17.59 10.20
CA ASN A 292 -24.06 17.99 9.42
C ASN A 292 -24.37 19.45 9.70
N HIS A 293 -25.38 19.96 8.98
CA HIS A 293 -25.73 21.38 9.07
C HIS A 293 -26.27 21.73 10.45
N GLU A 294 -27.01 20.82 11.07
CA GLU A 294 -27.60 21.11 12.38
C GLU A 294 -26.53 21.19 13.46
N GLY A 295 -25.51 20.33 13.37
CA GLY A 295 -24.41 20.42 14.31
C GLY A 295 -23.66 21.74 14.22
N VAL A 296 -23.48 22.24 13.00
CA VAL A 296 -22.83 23.53 12.82
C VAL A 296 -23.72 24.66 13.35
N ARG A 297 -25.01 24.60 13.03
CA ARG A 297 -25.92 25.67 13.44
C ARG A 297 -26.01 25.77 14.95
N ARG A 298 -25.99 24.63 15.64
CA ARG A 298 -26.10 24.60 17.10
C ARG A 298 -24.76 24.27 17.75
N PHE A 299 -23.66 24.72 17.15
CA PHE A 299 -22.33 24.36 17.63
C PHE A 299 -22.09 24.88 19.05
N ASP A 300 -22.59 26.07 19.35
CA ASP A 300 -22.30 26.70 20.64
C ASP A 300 -22.85 25.87 21.79
N GLU A 301 -24.10 25.43 21.69
CA GLU A 301 -24.67 24.59 22.73
C GLU A 301 -24.03 23.20 22.75
N ILE A 302 -23.64 22.68 21.58
CA ILE A 302 -22.95 21.40 21.54
C ILE A 302 -21.59 21.50 22.21
N LEU A 303 -20.85 22.58 21.93
CA LEU A 303 -19.53 22.75 22.52
C LEU A 303 -19.60 22.94 24.02
N GLU A 304 -20.60 23.70 24.50
CA GLU A 304 -20.72 23.94 25.93
C GLU A 304 -20.95 22.65 26.70
N ALA A 305 -21.75 21.74 26.16
CA ALA A 305 -22.02 20.47 26.81
C ALA A 305 -20.93 19.43 26.56
N SER A 306 -20.02 19.68 25.63
CA SER A 306 -19.02 18.69 25.24
C SER A 306 -17.75 18.85 26.07
N ASP A 307 -16.93 17.80 26.03
CA ASP A 307 -15.55 17.91 26.48
C ASP A 307 -14.61 18.29 25.36
N GLY A 308 -15.06 18.21 24.12
CA GLY A 308 -14.23 18.52 22.97
C GLY A 308 -15.04 18.32 21.71
N ILE A 309 -14.43 18.68 20.58
CA ILE A 309 -15.11 18.71 19.29
C ILE A 309 -14.20 18.05 18.26
N MET A 310 -14.80 17.31 17.33
CA MET A 310 -14.10 16.81 16.15
C MET A 310 -14.76 17.39 14.91
N VAL A 311 -13.97 18.06 14.08
CA VAL A 311 -14.44 18.47 12.77
C VAL A 311 -14.37 17.25 11.86
N ALA A 312 -15.47 16.50 11.80
CA ALA A 312 -15.54 15.29 10.99
C ALA A 312 -15.87 15.68 9.56
N ARG A 313 -14.83 16.09 8.83
CA ARG A 313 -15.01 16.70 7.52
C ARG A 313 -15.56 15.73 6.48
N GLY A 314 -15.40 14.42 6.67
CA GLY A 314 -15.88 13.45 5.72
C GLY A 314 -17.37 13.56 5.47
N ASP A 315 -18.17 13.28 6.50
CA ASP A 315 -19.62 13.45 6.36
C ASP A 315 -20.00 14.91 6.20
N LEU A 316 -19.30 15.81 6.93
CA LEU A 316 -19.61 17.23 6.83
C LEU A 316 -19.49 17.74 5.40
N GLY A 317 -18.46 17.28 4.68
CA GLY A 317 -18.29 17.64 3.28
C GLY A 317 -19.38 17.14 2.36
N ILE A 318 -20.25 16.25 2.85
CA ILE A 318 -21.38 15.76 2.08
C ILE A 318 -22.68 16.41 2.53
N GLU A 319 -22.84 16.63 3.84
CA GLU A 319 -24.07 17.20 4.34
C GLU A 319 -24.22 18.68 3.98
N ILE A 320 -23.09 19.39 3.87
CA ILE A 320 -23.10 20.78 3.45
C ILE A 320 -22.22 20.88 2.20
N PRO A 321 -22.37 21.95 1.42
CA PRO A 321 -21.52 22.12 0.24
C PRO A 321 -20.05 22.00 0.58
N ALA A 322 -19.33 21.21 -0.23
CA ALA A 322 -17.94 20.91 0.07
C ALA A 322 -17.07 22.15 0.08
N GLU A 323 -17.46 23.20 -0.67
CA GLU A 323 -16.67 24.43 -0.68
C GLU A 323 -16.84 25.25 0.59
N LYS A 324 -17.74 24.85 1.50
CA LYS A 324 -17.97 25.57 2.74
C LYS A 324 -17.34 24.89 3.94
N VAL A 325 -16.69 23.73 3.75
CA VAL A 325 -16.18 22.96 4.88
C VAL A 325 -15.10 23.73 5.62
N PHE A 326 -14.20 24.39 4.87
CA PHE A 326 -13.13 25.14 5.51
C PHE A 326 -13.66 26.24 6.41
N LEU A 327 -14.79 26.84 6.06
CA LEU A 327 -15.41 27.84 6.93
C LEU A 327 -15.87 27.21 8.23
N ALA A 328 -16.53 26.05 8.15
CA ALA A 328 -16.99 25.38 9.37
C ALA A 328 -15.82 24.92 10.22
N GLN A 329 -14.72 24.49 9.58
CA GLN A 329 -13.54 24.03 10.32
C GLN A 329 -12.89 25.20 11.05
N LYS A 330 -12.63 26.30 10.35
CA LYS A 330 -12.00 27.44 10.98
C LYS A 330 -12.90 28.09 12.02
N MET A 331 -14.23 28.02 11.83
CA MET A 331 -15.14 28.52 12.84
C MET A 331 -15.07 27.67 14.11
N MET A 332 -15.13 26.35 13.95
CA MET A 332 -15.17 25.48 15.11
C MET A 332 -13.82 25.41 15.81
N ILE A 333 -12.72 25.51 15.06
CA ILE A 333 -11.41 25.54 15.70
C ILE A 333 -11.24 26.81 16.50
N GLY A 334 -11.61 27.96 15.92
CA GLY A 334 -11.50 29.21 16.64
C GLY A 334 -12.38 29.26 17.87
N ARG A 335 -13.61 28.77 17.76
CA ARG A 335 -14.52 28.77 18.91
C ARG A 335 -14.03 27.83 20.00
N CYS A 336 -13.47 26.68 19.62
CA CYS A 336 -12.93 25.76 20.62
C CYS A 336 -11.67 26.33 21.26
N ASN A 337 -10.83 27.01 20.48
CA ASN A 337 -9.69 27.70 21.06
C ASN A 337 -10.14 28.81 21.99
N ARG A 338 -11.18 29.54 21.60
CA ARG A 338 -11.72 30.59 22.45
C ARG A 338 -12.21 30.02 23.78
N ALA A 339 -12.88 28.88 23.74
CA ALA A 339 -13.43 28.24 24.94
C ALA A 339 -12.42 27.35 25.65
N GLY A 340 -11.21 27.19 25.11
CA GLY A 340 -10.24 26.31 25.72
C GLY A 340 -10.61 24.85 25.69
N LYS A 341 -11.32 24.42 24.64
CA LYS A 341 -11.71 23.02 24.59
C LYS A 341 -11.05 22.32 23.39
N PRO A 342 -10.72 21.05 23.51
CA PRO A 342 -10.01 20.35 22.43
C PRO A 342 -10.82 20.33 21.15
N VAL A 343 -10.13 20.52 20.04
CA VAL A 343 -10.74 20.39 18.71
C VAL A 343 -9.84 19.52 17.85
N ILE A 344 -10.47 18.60 17.11
CA ILE A 344 -9.78 17.64 16.26
C ILE A 344 -10.16 17.93 14.82
N CYS A 345 -9.16 18.04 13.96
CA CYS A 345 -9.38 18.09 12.51
C CYS A 345 -9.16 16.69 11.96
N ALA A 346 -10.14 16.17 11.23
CA ALA A 346 -10.16 14.75 10.89
C ALA A 346 -10.56 14.53 9.43
N THR A 347 -10.21 13.35 8.95
CA THR A 347 -10.71 12.77 7.70
C THR A 347 -10.06 13.33 6.44
N GLN A 348 -9.41 12.44 5.68
CA GLN A 348 -8.84 12.75 4.36
C GLN A 348 -7.71 13.77 4.43
N MET A 349 -7.02 13.86 5.57
CA MET A 349 -5.90 14.79 5.68
C MET A 349 -4.75 14.37 4.79
N LEU A 350 -4.46 13.07 4.71
CA LEU A 350 -3.42 12.52 3.86
C LEU A 350 -3.97 11.35 3.05
N GLU A 351 -5.14 11.55 2.45
CA GLU A 351 -5.91 10.44 1.89
C GLU A 351 -5.12 9.67 0.84
N SER A 352 -4.39 10.37 -0.02
CA SER A 352 -3.66 9.69 -1.10
C SER A 352 -2.58 8.75 -0.57
N MET A 353 -2.18 8.89 0.70
CA MET A 353 -1.19 7.99 1.28
C MET A 353 -1.75 6.60 1.54
N ILE A 354 -3.05 6.39 1.34
CA ILE A 354 -3.61 5.04 1.38
C ILE A 354 -2.90 4.14 0.37
N LYS A 355 -2.51 4.70 -0.79
CA LYS A 355 -1.86 3.95 -1.84
C LYS A 355 -0.46 4.42 -2.20
N LYS A 356 -0.05 5.62 -1.78
CA LYS A 356 1.25 6.14 -2.15
C LYS A 356 2.08 6.46 -0.92
N PRO A 357 3.41 6.26 -0.99
CA PRO A 357 4.26 6.54 0.19
C PRO A 357 4.46 8.02 0.47
N ARG A 358 4.02 8.90 -0.43
CA ARG A 358 4.18 10.34 -0.26
C ARG A 358 2.83 11.02 -0.49
N PRO A 359 2.48 11.99 0.33
CA PRO A 359 1.19 12.68 0.16
C PRO A 359 1.25 13.69 -0.99
N THR A 360 0.09 14.25 -1.29
CA THR A 360 -0.01 15.31 -2.28
C THR A 360 0.24 16.66 -1.61
N ARG A 361 0.52 17.67 -2.45
CA ARG A 361 0.78 19.01 -1.94
C ARG A 361 -0.44 19.60 -1.24
N ALA A 362 -1.64 19.30 -1.75
CA ALA A 362 -2.85 19.72 -1.07
C ALA A 362 -2.93 19.11 0.33
N GLU A 363 -2.56 17.83 0.45
CA GLU A 363 -2.57 17.17 1.75
C GLU A 363 -1.48 17.70 2.66
N GLY A 364 -0.34 18.11 2.09
CA GLY A 364 0.69 18.73 2.92
C GLY A 364 0.24 20.07 3.47
N SER A 365 -0.51 20.84 2.68
CA SER A 365 -1.00 22.13 3.16
C SER A 365 -2.15 21.96 4.14
N ASP A 366 -3.00 20.96 3.93
CA ASP A 366 -4.16 20.78 4.81
C ASP A 366 -3.72 20.48 6.24
N VAL A 367 -2.77 19.56 6.41
CA VAL A 367 -2.28 19.25 7.75
C VAL A 367 -1.65 20.48 8.39
N ALA A 368 -0.83 21.20 7.62
CA ALA A 368 -0.19 22.41 8.15
C ALA A 368 -1.21 23.47 8.48
N ASN A 369 -2.22 23.66 7.62
CA ASN A 369 -3.21 24.70 7.85
C ASN A 369 -4.15 24.35 9.00
N ALA A 370 -4.41 23.05 9.22
CA ALA A 370 -5.19 22.67 10.39
C ALA A 370 -4.46 23.02 11.69
N VAL A 371 -3.15 22.77 11.72
CA VAL A 371 -2.36 23.16 12.89
C VAL A 371 -2.35 24.67 13.06
N LEU A 372 -2.13 25.39 11.96
CA LEU A 372 -2.15 26.86 12.01
C LEU A 372 -3.53 27.39 12.40
N ASP A 373 -4.60 26.71 11.97
CA ASP A 373 -5.93 27.11 12.41
C ASP A 373 -6.05 27.08 13.92
N GLY A 374 -5.39 26.11 14.57
CA GLY A 374 -5.40 26.01 16.02
C GLY A 374 -5.88 24.68 16.54
N ALA A 375 -5.88 23.65 15.69
CA ALA A 375 -6.39 22.35 16.07
C ALA A 375 -5.46 21.70 17.11
N ASP A 376 -6.06 21.14 18.16
CA ASP A 376 -5.26 20.43 19.16
C ASP A 376 -4.77 19.09 18.63
N CYS A 377 -5.54 18.45 17.76
CA CYS A 377 -5.20 17.14 17.24
C CYS A 377 -5.50 17.08 15.75
N ILE A 378 -4.70 16.27 15.05
CA ILE A 378 -4.98 15.90 13.67
C ILE A 378 -5.17 14.38 13.62
N MET A 379 -5.99 13.93 12.68
CA MET A 379 -6.43 12.54 12.67
C MET A 379 -6.09 11.87 11.33
N LEU A 380 -5.90 10.55 11.40
CA LEU A 380 -5.75 9.70 10.22
C LEU A 380 -6.77 8.59 10.33
N SER A 381 -7.45 8.30 9.21
CA SER A 381 -8.50 7.30 9.19
C SER A 381 -8.04 6.15 8.31
N GLY A 382 -8.47 6.07 7.05
CA GLY A 382 -8.03 4.99 6.18
C GLY A 382 -6.53 4.94 5.95
N GLU A 383 -5.84 6.08 6.09
CA GLU A 383 -4.39 6.11 5.90
C GLU A 383 -3.68 5.17 6.86
N THR A 384 -4.24 4.95 8.05
CA THR A 384 -3.66 4.04 9.02
C THR A 384 -4.48 2.78 9.24
N ALA A 385 -5.80 2.84 9.09
CA ALA A 385 -6.62 1.67 9.36
C ALA A 385 -6.44 0.60 8.29
N LYS A 386 -6.40 1.00 7.01
CA LYS A 386 -6.36 0.04 5.91
C LYS A 386 -5.35 0.38 4.81
N GLY A 387 -4.72 1.54 4.86
CA GLY A 387 -3.83 1.94 3.78
C GLY A 387 -2.56 1.12 3.73
N ASP A 388 -1.78 1.35 2.67
CA ASP A 388 -0.55 0.60 2.45
C ASP A 388 0.64 1.19 3.21
N TYR A 389 0.52 2.42 3.69
CA TYR A 389 1.63 3.11 4.34
C TYR A 389 1.18 3.78 5.64
N PRO A 390 0.74 2.99 6.61
CA PRO A 390 0.28 3.59 7.88
C PRO A 390 1.39 4.30 8.63
N LEU A 391 2.62 3.76 8.60
CA LEU A 391 3.72 4.39 9.30
C LEU A 391 4.18 5.68 8.60
N GLU A 392 4.20 5.66 7.26
CA GLU A 392 4.57 6.86 6.53
C GLU A 392 3.56 7.99 6.76
N ALA A 393 2.28 7.64 6.93
CA ALA A 393 1.27 8.66 7.20
C ALA A 393 1.47 9.29 8.57
N VAL A 394 1.73 8.47 9.59
CA VAL A 394 1.96 9.01 10.93
C VAL A 394 3.19 9.91 10.94
N ARG A 395 4.28 9.46 10.30
CA ARG A 395 5.50 10.27 10.28
C ARG A 395 5.29 11.57 9.53
N MET A 396 4.49 11.55 8.46
CA MET A 396 4.28 12.77 7.68
C MET A 396 3.50 13.80 8.48
N GLN A 397 2.46 13.37 9.19
CA GLN A 397 1.72 14.30 10.05
C GLN A 397 2.63 14.86 11.14
N HIS A 398 3.51 14.03 11.68
CA HIS A 398 4.46 14.50 12.70
C HIS A 398 5.36 15.59 12.12
N LEU A 399 5.96 15.34 10.97
CA LEU A 399 6.87 16.31 10.37
C LEU A 399 6.16 17.61 10.02
N ILE A 400 4.96 17.52 9.45
CA ILE A 400 4.24 18.72 9.05
C ILE A 400 3.80 19.52 10.29
N ALA A 401 3.28 18.83 11.30
CA ALA A 401 2.77 19.52 12.49
C ALA A 401 3.87 20.26 13.21
N ARG A 402 5.06 19.66 13.30
CA ARG A 402 6.18 20.33 13.95
C ARG A 402 6.59 21.59 13.18
N GLU A 403 6.60 21.50 11.85
CA GLU A 403 6.92 22.68 11.05
C GLU A 403 5.86 23.76 11.21
N ALA A 404 4.58 23.36 11.23
CA ALA A 404 3.50 24.35 11.33
C ALA A 404 3.50 25.02 12.71
N GLU A 405 3.83 24.28 13.76
CA GLU A 405 3.84 24.85 15.10
C GLU A 405 4.86 25.98 15.22
N ALA A 406 6.01 25.84 14.55
CA ALA A 406 6.98 26.92 14.55
C ALA A 406 6.49 28.12 13.76
N ALA A 407 5.67 27.89 12.74
CA ALA A 407 5.18 28.97 11.88
C ALA A 407 3.98 29.71 12.47
N ILE A 408 3.54 29.35 13.67
CA ILE A 408 2.41 30.03 14.29
C ILE A 408 2.81 31.44 14.73
N TYR A 409 1.92 32.40 14.51
CA TYR A 409 2.16 33.80 14.87
C TYR A 409 1.75 33.98 16.34
N HIS A 410 2.66 33.59 17.24
CA HIS A 410 2.35 33.58 18.66
C HIS A 410 2.09 34.98 19.19
N LEU A 411 2.72 36.00 18.60
CA LEU A 411 2.50 37.37 19.06
C LEU A 411 1.04 37.77 18.94
N GLN A 412 0.38 37.37 17.85
CA GLN A 412 -1.04 37.67 17.69
C GLN A 412 -1.91 36.68 18.43
N LEU A 413 -1.57 35.39 18.36
CA LEU A 413 -2.41 34.36 18.98
C LEU A 413 -2.48 34.54 20.50
N PHE A 414 -1.33 34.66 21.16
CA PHE A 414 -1.32 34.84 22.61
C PHE A 414 -2.04 36.12 23.00
N GLU A 415 -1.87 37.18 22.22
CA GLU A 415 -2.55 38.44 22.52
C GLU A 415 -4.06 38.32 22.33
N GLU A 416 -4.50 37.66 21.26
CA GLU A 416 -5.93 37.56 20.98
C GLU A 416 -6.62 36.58 21.91
N LEU A 417 -5.94 35.49 22.30
CA LEU A 417 -6.56 34.54 23.23
C LEU A 417 -6.73 35.16 24.61
N ARG A 418 -5.89 36.13 24.98
CA ARG A 418 -6.01 36.77 26.28
C ARG A 418 -7.09 37.85 26.27
N ARG A 419 -7.11 38.69 25.24
CA ARG A 419 -8.12 39.74 25.17
C ARG A 419 -9.53 39.16 25.08
N LEU A 420 -9.66 37.96 24.52
CA LEU A 420 -10.96 37.30 24.41
C LEU A 420 -11.33 36.51 25.65
N ALA A 421 -10.34 36.07 26.43
CA ALA A 421 -10.64 35.36 27.67
C ALA A 421 -11.02 36.36 28.76
N PRO A 422 -12.06 36.07 29.53
CA PRO A 422 -12.49 37.02 30.57
C PRO A 422 -11.57 37.00 31.78
N ILE A 423 -11.67 38.07 32.57
CA ILE A 423 -11.00 38.11 33.87
C ILE A 423 -11.63 37.07 34.78
N THR A 424 -10.79 36.35 35.51
CA THR A 424 -11.25 35.24 36.34
C THR A 424 -10.81 35.43 37.78
N SER A 425 -11.44 34.66 38.67
CA SER A 425 -11.04 34.59 40.06
C SER A 425 -10.35 33.28 40.40
N ASP A 426 -10.30 32.33 39.48
CA ASP A 426 -9.60 31.07 39.71
C ASP A 426 -8.11 31.33 39.74
N PRO A 427 -7.41 31.04 40.85
CA PRO A 427 -5.95 31.22 40.87
C PRO A 427 -5.23 30.42 39.79
N THR A 428 -5.76 29.25 39.44
CA THR A 428 -5.11 28.42 38.43
C THR A 428 -5.12 29.10 37.06
N GLU A 429 -6.20 29.82 36.75
CA GLU A 429 -6.27 30.51 35.46
C GLU A 429 -5.26 31.66 35.40
N ALA A 430 -5.17 32.46 36.46
CA ALA A 430 -4.19 33.53 36.50
C ALA A 430 -2.77 32.96 36.49
N THR A 431 -2.53 31.88 37.24
CA THR A 431 -1.22 31.26 37.24
C THR A 431 -0.88 30.66 35.88
N ALA A 432 -1.88 30.10 35.20
CA ALA A 432 -1.63 29.50 33.90
C ALA A 432 -1.21 30.54 32.87
N VAL A 433 -1.92 31.67 32.82
CA VAL A 433 -1.56 32.70 31.85
C VAL A 433 -0.29 33.43 32.26
N GLY A 434 -0.03 33.57 33.55
CA GLY A 434 1.24 34.11 33.98
C GLY A 434 2.40 33.19 33.62
N ALA A 435 2.19 31.88 33.73
CA ALA A 435 3.22 30.93 33.33
C ALA A 435 3.50 30.99 31.84
N VAL A 436 2.45 31.17 31.03
CA VAL A 436 2.64 31.25 29.59
C VAL A 436 3.36 32.53 29.20
N GLU A 437 2.97 33.66 29.79
CA GLU A 437 3.67 34.92 29.54
C GLU A 437 5.13 34.81 29.97
N ALA A 438 5.39 34.18 31.11
CA ALA A 438 6.77 33.98 31.54
C ALA A 438 7.53 33.06 30.60
N SER A 439 6.85 32.06 30.03
CA SER A 439 7.52 31.15 29.10
C SER A 439 7.91 31.86 27.80
N PHE A 440 7.10 32.81 27.35
CA PHE A 440 7.48 33.60 26.19
C PHE A 440 8.62 34.56 26.53
N LYS A 441 8.62 35.10 27.76
CA LYS A 441 9.63 36.06 28.16
C LYS A 441 11.00 35.42 28.24
N CYS A 442 11.10 34.22 28.80
CA CYS A 442 12.38 33.57 28.96
C CYS A 442 12.69 32.57 27.85
N CYS A 443 11.80 32.44 26.86
CA CYS A 443 11.92 31.40 25.83
C CYS A 443 12.16 30.03 26.46
N SER A 444 11.23 29.68 27.35
CA SER A 444 11.39 28.53 28.23
C SER A 444 11.55 27.24 27.42
N GLY A 445 12.27 26.30 28.00
CA GLY A 445 12.36 24.97 27.41
C GLY A 445 11.08 24.19 27.57
N ALA A 446 10.34 24.42 28.65
CA ALA A 446 9.10 23.71 28.90
C ALA A 446 8.36 24.41 30.04
N ILE A 447 7.09 24.06 30.18
CA ILE A 447 6.27 24.48 31.32
C ILE A 447 5.86 23.20 32.03
N ILE A 448 6.49 22.92 33.17
CA ILE A 448 6.20 21.70 33.93
C ILE A 448 4.96 21.94 34.77
N VAL A 449 3.99 21.03 34.68
CA VAL A 449 2.71 21.16 35.38
C VAL A 449 2.44 19.86 36.12
N LEU A 450 2.26 19.95 37.44
CA LEU A 450 1.81 18.82 38.22
C LEU A 450 0.28 18.86 38.26
N THR A 451 -0.35 17.75 37.90
CA THR A 451 -1.81 17.70 37.86
C THR A 451 -2.30 16.28 38.10
N LYS A 452 -3.42 16.17 38.81
CA LYS A 452 -4.08 14.89 39.01
C LYS A 452 -5.08 14.60 37.90
N SER A 453 -5.97 15.56 37.63
CA SER A 453 -7.03 15.38 36.66
C SER A 453 -6.66 15.87 35.27
N GLY A 454 -5.58 16.63 35.14
CA GLY A 454 -5.18 17.24 33.88
C GLY A 454 -5.60 18.68 33.73
N ARG A 455 -6.51 19.16 34.58
CA ARG A 455 -7.13 20.46 34.38
C ARG A 455 -6.10 21.58 34.35
N SER A 456 -5.17 21.58 35.32
CA SER A 456 -4.17 22.63 35.39
C SER A 456 -3.32 22.68 34.13
N ALA A 457 -3.03 21.50 33.55
CA ALA A 457 -2.30 21.48 32.28
C ALA A 457 -3.18 21.95 31.13
N HIS A 458 -4.47 21.58 31.14
CA HIS A 458 -5.38 22.06 30.11
C HIS A 458 -5.48 23.58 30.12
N GLN A 459 -5.51 24.17 31.32
CA GLN A 459 -5.61 25.63 31.43
C GLN A 459 -4.36 26.33 30.92
N VAL A 460 -3.21 25.66 30.91
CA VAL A 460 -2.02 26.23 30.31
C VAL A 460 -2.07 26.13 28.78
N ALA A 461 -2.52 24.98 28.26
CA ALA A 461 -2.56 24.79 26.82
C ALA A 461 -3.55 25.73 26.14
N ARG A 462 -4.58 26.17 26.87
CA ARG A 462 -5.57 27.09 26.32
C ARG A 462 -4.93 28.38 25.82
N TYR A 463 -3.84 28.82 26.44
CA TYR A 463 -3.17 30.03 26.03
C TYR A 463 -2.06 29.78 25.01
N ARG A 464 -1.87 28.53 24.60
CA ARG A 464 -1.02 28.15 23.48
C ARG A 464 0.42 28.62 23.63
N PRO A 465 1.15 28.15 24.64
CA PRO A 465 2.57 28.49 24.72
C PRO A 465 3.33 27.81 23.61
N ARG A 466 4.45 28.43 23.21
CA ARG A 466 5.35 27.77 22.27
C ARG A 466 6.08 26.62 22.94
N ALA A 467 6.42 26.77 24.21
CA ALA A 467 7.17 25.74 24.91
C ALA A 467 6.27 24.53 25.20
N PRO A 468 6.82 23.32 25.15
CA PRO A 468 6.00 22.15 25.46
C PRO A 468 5.60 22.12 26.92
N ILE A 469 4.39 21.60 27.16
CA ILE A 469 3.84 21.47 28.51
C ILE A 469 4.06 20.03 28.95
N ILE A 470 4.91 19.84 29.96
CA ILE A 470 5.19 18.53 30.51
C ILE A 470 4.29 18.34 31.73
N ALA A 471 3.20 17.62 31.55
CA ALA A 471 2.24 17.38 32.63
C ALA A 471 2.62 16.09 33.34
N VAL A 472 3.12 16.21 34.57
CA VAL A 472 3.47 15.06 35.38
C VAL A 472 2.26 14.62 36.19
N THR A 473 1.95 13.33 36.15
CA THR A 473 0.77 12.81 36.82
C THR A 473 1.02 11.36 37.20
N ARG A 474 0.36 10.93 38.26
CA ARG A 474 0.30 9.52 38.63
C ARG A 474 -0.97 8.85 38.16
N ASN A 475 -1.91 9.61 37.60
CA ASN A 475 -3.16 9.06 37.09
C ASN A 475 -2.93 8.61 35.66
N PRO A 476 -2.96 7.31 35.35
CA PRO A 476 -2.70 6.88 33.97
C PRO A 476 -3.74 7.38 32.98
N GLN A 477 -5.01 7.47 33.39
CA GLN A 477 -6.04 7.97 32.50
C GLN A 477 -5.83 9.44 32.18
N THR A 478 -5.42 10.24 33.17
CA THR A 478 -5.09 11.63 32.93
C THR A 478 -3.97 11.77 31.91
N ALA A 479 -2.99 10.87 31.96
CA ALA A 479 -1.89 10.93 31.01
C ALA A 479 -2.35 10.61 29.59
N ARG A 480 -3.25 9.63 29.45
CA ARG A 480 -3.76 9.30 28.13
C ARG A 480 -4.68 10.39 27.60
N GLN A 481 -5.53 10.94 28.47
CA GLN A 481 -6.46 11.98 28.03
C GLN A 481 -5.77 13.30 27.74
N ALA A 482 -4.54 13.49 28.22
CA ALA A 482 -3.84 14.75 28.01
C ALA A 482 -3.53 15.00 26.53
N HIS A 483 -3.49 13.94 25.71
CA HIS A 483 -3.19 14.10 24.29
C HIS A 483 -4.25 14.90 23.55
N LEU A 484 -5.43 15.11 24.16
CA LEU A 484 -6.48 15.87 23.50
C LEU A 484 -6.14 17.36 23.41
N TYR A 485 -5.17 17.83 24.18
CA TYR A 485 -4.89 19.26 24.29
C TYR A 485 -3.52 19.55 23.70
N ARG A 486 -3.45 20.61 22.89
CA ARG A 486 -2.23 20.95 22.17
C ARG A 486 -1.10 21.28 23.13
N GLY A 487 0.05 20.65 22.94
CA GLY A 487 1.25 21.00 23.66
C GLY A 487 1.50 20.22 24.93
N ILE A 488 0.51 19.48 25.42
CA ILE A 488 0.67 18.74 26.67
C ILE A 488 1.40 17.44 26.39
N PHE A 489 2.60 17.31 26.96
CA PHE A 489 3.38 16.09 26.87
C PHE A 489 3.19 15.33 28.17
N PRO A 490 2.28 14.35 28.23
CA PRO A 490 2.00 13.66 29.49
C PRO A 490 3.13 12.69 29.85
N VAL A 491 3.53 12.72 31.11
CA VAL A 491 4.47 11.75 31.66
C VAL A 491 3.83 11.10 32.88
N LEU A 492 3.91 9.77 32.96
CA LEU A 492 3.24 9.01 34.00
C LEU A 492 4.25 8.68 35.08
N CYS A 493 4.13 9.34 36.23
CA CYS A 493 5.03 9.10 37.35
C CYS A 493 4.59 7.84 38.09
N LYS A 494 5.49 6.85 38.13
CA LYS A 494 5.23 5.59 38.83
C LYS A 494 6.01 5.47 40.13
N ASP A 495 6.72 6.52 40.53
CA ASP A 495 7.43 6.52 41.80
C ASP A 495 6.42 6.47 42.96
N PRO A 496 6.80 5.86 44.08
CA PRO A 496 5.88 5.80 45.22
C PRO A 496 5.73 7.16 45.88
N VAL A 497 4.58 7.37 46.52
CA VAL A 497 4.29 8.63 47.18
C VAL A 497 5.25 8.81 48.36
N GLN A 498 5.98 9.91 48.35
CA GLN A 498 6.93 10.19 49.42
C GLN A 498 6.19 10.47 50.73
N GLU A 499 6.94 10.41 51.84
CA GLU A 499 6.36 10.65 53.15
C GLU A 499 5.97 12.12 53.32
N ALA A 500 6.89 13.03 53.03
CA ALA A 500 6.63 14.45 53.12
C ALA A 500 6.08 14.95 51.78
N TRP A 501 5.00 15.74 51.84
CA TRP A 501 4.35 16.20 50.61
C TRP A 501 5.28 17.08 49.79
N ALA A 502 6.05 17.94 50.45
CA ALA A 502 7.01 18.78 49.74
C ALA A 502 8.02 17.94 48.97
N GLU A 503 8.39 16.79 49.50
CA GLU A 503 9.31 15.90 48.80
C GLU A 503 8.63 15.16 47.65
N ASP A 504 7.36 14.80 47.83
CA ASP A 504 6.62 14.16 46.75
C ASP A 504 6.44 15.12 45.57
N VAL A 505 6.23 16.41 45.88
CA VAL A 505 6.10 17.42 44.82
C VAL A 505 7.41 17.54 44.05
N ASP A 506 8.52 17.73 44.78
CA ASP A 506 9.82 17.90 44.14
C ASP A 506 10.25 16.65 43.40
N LEU A 507 9.85 15.47 43.89
CA LEU A 507 10.16 14.23 43.18
C LEU A 507 9.52 14.22 41.80
N ARG A 508 8.28 14.74 41.70
CA ARG A 508 7.61 14.76 40.41
C ARG A 508 8.16 15.84 39.50
N VAL A 509 8.56 16.98 40.08
CA VAL A 509 9.19 18.04 39.29
C VAL A 509 10.49 17.54 38.69
N ASN A 510 11.32 16.87 39.52
CA ASN A 510 12.58 16.33 39.01
C ASN A 510 12.35 15.24 37.98
N PHE A 511 11.23 14.52 38.07
CA PHE A 511 10.90 13.55 37.03
C PHE A 511 10.70 14.23 35.69
N ALA A 512 10.01 15.38 35.68
CA ALA A 512 9.82 16.12 34.44
C ALA A 512 11.15 16.67 33.92
N MET A 513 12.03 17.09 34.83
CA MET A 513 13.36 17.55 34.43
C MET A 513 14.10 16.46 33.67
N ASN A 514 14.16 15.25 34.24
CA ASN A 514 14.86 14.15 33.59
C ASN A 514 14.19 13.77 32.27
N VAL A 515 12.86 13.85 32.21
CA VAL A 515 12.16 13.53 30.96
C VAL A 515 12.52 14.53 29.88
N GLY A 516 12.42 15.83 30.19
CA GLY A 516 12.77 16.84 29.20
C GLY A 516 14.20 16.75 28.75
N LYS A 517 15.12 16.42 29.67
CA LYS A 517 16.51 16.23 29.31
C LYS A 517 16.69 15.02 28.41
N ALA A 518 16.04 13.90 28.76
CA ALA A 518 16.19 12.68 27.96
C ALA A 518 15.55 12.83 26.59
N ARG A 519 14.38 13.47 26.52
CA ARG A 519 13.68 13.68 25.27
C ARG A 519 14.28 14.80 24.44
N GLY A 520 15.31 15.48 24.93
CA GLY A 520 15.91 16.57 24.18
C GLY A 520 15.10 17.84 24.15
N PHE A 521 14.10 17.97 25.03
CA PHE A 521 13.32 19.21 25.07
C PHE A 521 14.16 20.38 25.57
N PHE A 522 14.99 20.13 26.58
CA PHE A 522 15.90 21.15 27.11
C PHE A 522 17.13 20.47 27.66
N LYS A 523 18.11 21.29 28.04
CA LYS A 523 19.36 20.80 28.63
C LYS A 523 19.60 21.53 29.94
N LYS A 524 20.62 21.07 30.67
CA LYS A 524 20.96 21.69 31.94
C LYS A 524 21.42 23.13 31.72
N GLY A 525 20.94 24.04 32.58
CA GLY A 525 21.22 25.45 32.47
C GLY A 525 20.07 26.25 31.89
N ASP A 526 19.23 25.63 31.07
CA ASP A 526 18.05 26.31 30.55
C ASP A 526 17.08 26.63 31.68
N VAL A 527 16.14 27.51 31.38
CA VAL A 527 15.11 27.91 32.33
C VAL A 527 13.79 27.28 31.90
N VAL A 528 13.09 26.68 32.86
CA VAL A 528 11.75 26.15 32.64
C VAL A 528 10.83 26.73 33.71
N ILE A 529 9.54 26.77 33.38
CA ILE A 529 8.49 27.20 34.30
C ILE A 529 7.90 25.96 34.94
N VAL A 530 7.70 26.00 36.25
CA VAL A 530 7.15 24.88 36.99
C VAL A 530 5.87 25.34 37.67
N LEU A 531 4.79 24.58 37.47
CA LEU A 531 3.50 24.89 38.04
C LEU A 531 3.15 23.83 39.07
N THR A 532 3.02 24.26 40.32
CA THR A 532 2.59 23.41 41.42
C THR A 532 1.46 24.11 42.16
N GLY A 533 0.94 23.46 43.21
CA GLY A 533 -0.05 24.04 44.07
C GLY A 533 0.45 24.11 45.52
N TRP A 534 -0.38 24.73 46.35
CA TRP A 534 -0.02 24.95 47.75
C TRP A 534 -0.44 23.82 48.67
N ARG A 535 -1.34 22.93 48.22
CA ARG A 535 -1.78 21.81 49.04
C ARG A 535 -2.16 20.67 48.10
N PRO A 536 -2.07 19.41 48.57
CA PRO A 536 -2.45 18.28 47.73
C PRO A 536 -3.93 18.31 47.39
N GLY A 537 -4.31 17.52 46.39
CA GLY A 537 -5.65 17.52 45.89
C GLY A 537 -5.82 18.45 44.69
N SER A 538 -6.84 18.16 43.89
CA SER A 538 -7.10 18.94 42.68
C SER A 538 -7.61 20.34 43.03
N GLY A 539 -7.32 21.28 42.13
CA GLY A 539 -7.91 22.61 42.21
C GLY A 539 -7.14 23.62 43.02
N PHE A 540 -5.86 23.38 43.33
CA PHE A 540 -5.09 24.28 44.18
C PHE A 540 -3.81 24.76 43.52
N THR A 541 -3.68 24.58 42.20
CA THR A 541 -2.47 25.01 41.52
C THR A 541 -2.41 26.53 41.48
N ASN A 542 -1.41 27.10 42.14
CA ASN A 542 -1.32 28.55 42.24
C ASN A 542 0.12 29.05 42.30
N THR A 543 1.11 28.20 42.09
CA THR A 543 2.52 28.54 42.26
C THR A 543 3.23 28.36 40.94
N MET A 544 3.83 29.44 40.43
CA MET A 544 4.61 29.42 39.22
C MET A 544 6.04 29.79 39.57
N ARG A 545 6.98 28.91 39.24
CA ARG A 545 8.39 29.12 39.53
C ARG A 545 9.18 29.06 38.23
N VAL A 546 10.06 30.04 38.03
CA VAL A 546 11.00 30.03 36.92
C VAL A 546 12.30 29.44 37.46
N VAL A 547 12.57 28.19 37.12
CA VAL A 547 13.68 27.45 37.71
C VAL A 547 14.70 27.06 36.63
N PRO A 548 15.98 26.95 36.98
CA PRO A 548 16.95 26.44 36.01
C PRO A 548 16.93 24.93 35.95
N VAL A 549 17.25 24.41 34.77
CA VAL A 549 17.31 22.96 34.58
C VAL A 549 18.60 22.46 35.21
N PRO A 550 18.52 21.63 36.27
CA PRO A 550 19.71 21.12 36.96
C PRO A 550 20.43 20.04 36.16
N GLN B 35 -13.35 -22.04 -45.19
CA GLN B 35 -13.67 -22.03 -43.77
C GLN B 35 -15.05 -22.63 -43.51
N GLN B 36 -15.34 -23.74 -44.20
CA GLN B 36 -16.66 -24.37 -44.13
C GLN B 36 -17.77 -23.39 -44.48
N LEU B 37 -17.49 -22.51 -45.46
CA LEU B 37 -18.45 -21.48 -45.82
C LEU B 37 -19.68 -22.06 -46.51
N HIS B 38 -19.52 -23.18 -47.22
CA HIS B 38 -20.68 -23.81 -47.85
C HIS B 38 -21.66 -24.35 -46.81
N ALA B 39 -21.13 -25.02 -45.78
CA ALA B 39 -21.98 -25.50 -44.70
C ALA B 39 -22.58 -24.36 -43.88
N ALA B 40 -21.97 -23.19 -43.92
CA ALA B 40 -22.49 -22.04 -43.17
C ALA B 40 -23.72 -21.42 -43.82
N MET B 41 -23.90 -21.61 -45.14
CA MET B 41 -25.05 -21.05 -45.84
C MET B 41 -26.23 -22.03 -45.91
N ALA B 42 -26.14 -23.16 -45.23
CA ALA B 42 -27.24 -24.12 -45.21
C ALA B 42 -28.41 -23.57 -44.41
N ASP B 43 -29.62 -23.95 -44.81
CA ASP B 43 -30.83 -23.48 -44.14
C ASP B 43 -31.22 -24.34 -42.94
N THR B 44 -30.69 -25.56 -42.84
CA THR B 44 -30.97 -26.45 -41.72
C THR B 44 -29.67 -26.93 -41.09
N PHE B 45 -29.75 -27.29 -39.81
CA PHE B 45 -28.59 -27.84 -39.13
C PHE B 45 -28.17 -29.19 -39.72
N LEU B 46 -29.12 -29.96 -40.24
CA LEU B 46 -28.82 -31.28 -40.76
C LEU B 46 -27.96 -31.20 -42.02
N GLU B 47 -28.41 -30.44 -43.03
CA GLU B 47 -27.63 -30.34 -44.25
C GLU B 47 -26.35 -29.54 -44.03
N HIS B 48 -26.32 -28.67 -43.03
CA HIS B 48 -25.06 -28.06 -42.63
C HIS B 48 -24.05 -29.11 -42.21
N MET B 49 -24.51 -30.16 -41.52
CA MET B 49 -23.64 -31.29 -41.20
C MET B 49 -23.26 -32.07 -42.46
N CYS B 50 -24.21 -32.24 -43.39
CA CYS B 50 -23.93 -32.96 -44.61
C CYS B 50 -22.92 -32.22 -45.49
N ARG B 51 -22.86 -30.89 -45.37
CA ARG B 51 -21.93 -30.08 -46.15
C ARG B 51 -20.57 -29.91 -45.49
N LEU B 52 -20.33 -30.57 -44.36
CA LEU B 52 -19.03 -30.50 -43.71
C LEU B 52 -17.97 -31.16 -44.60
N ASP B 53 -16.99 -30.37 -45.02
CA ASP B 53 -16.02 -30.78 -46.03
C ASP B 53 -14.64 -30.90 -45.40
N ILE B 54 -14.03 -32.08 -45.54
CA ILE B 54 -12.70 -32.33 -44.99
C ILE B 54 -11.64 -31.74 -45.92
N ASP B 55 -12.09 -31.16 -47.03
CA ASP B 55 -11.19 -30.50 -47.98
C ASP B 55 -11.31 -28.98 -47.96
N SER B 56 -12.13 -28.42 -47.06
CA SER B 56 -12.27 -26.99 -46.94
C SER B 56 -11.39 -26.52 -45.78
N PRO B 57 -10.32 -25.77 -46.04
CA PRO B 57 -9.37 -25.44 -44.97
C PRO B 57 -9.89 -24.32 -44.10
N PRO B 58 -9.55 -24.33 -42.82
CA PRO B 58 -9.99 -23.25 -41.91
C PRO B 58 -9.14 -22.00 -42.14
N ILE B 59 -9.48 -20.96 -41.38
CA ILE B 59 -8.71 -19.71 -41.40
C ILE B 59 -7.45 -19.90 -40.58
N THR B 60 -6.69 -18.82 -40.38
CA THR B 60 -5.46 -18.90 -39.59
C THR B 60 -5.74 -18.71 -38.10
N ALA B 61 -6.66 -17.82 -37.75
CA ALA B 61 -6.92 -17.47 -36.36
C ALA B 61 -7.68 -18.60 -35.67
N ARG B 62 -7.04 -19.23 -34.69
CA ARG B 62 -7.70 -20.19 -33.82
C ARG B 62 -8.35 -19.42 -32.67
N ASN B 63 -9.67 -19.50 -32.59
CA ASN B 63 -10.44 -18.66 -31.66
C ASN B 63 -10.56 -19.24 -30.26
N THR B 64 -10.33 -20.54 -30.09
CA THR B 64 -10.50 -21.18 -28.79
C THR B 64 -9.19 -21.11 -28.01
N GLY B 65 -9.28 -20.65 -26.77
CA GLY B 65 -8.09 -20.58 -25.93
C GLY B 65 -7.63 -21.95 -25.48
N ILE B 66 -6.32 -22.09 -25.30
CA ILE B 66 -5.71 -23.32 -24.83
C ILE B 66 -5.07 -23.04 -23.49
N ILE B 67 -5.52 -23.74 -22.46
CA ILE B 67 -4.96 -23.65 -21.11
C ILE B 67 -4.13 -24.90 -20.87
N CYS B 68 -2.85 -24.70 -20.55
CA CYS B 68 -1.91 -25.80 -20.36
C CYS B 68 -1.46 -25.84 -18.90
N THR B 69 -1.69 -26.96 -18.25
CA THR B 69 -1.20 -27.16 -16.89
C THR B 69 0.30 -27.41 -16.94
N ILE B 70 1.06 -26.61 -16.19
CA ILE B 70 2.51 -26.67 -16.22
C ILE B 70 2.99 -27.62 -15.12
N GLY B 71 3.92 -28.50 -15.47
CA GLY B 71 4.47 -29.44 -14.55
C GLY B 71 5.90 -29.84 -14.91
N PRO B 72 6.37 -30.95 -14.35
CA PRO B 72 7.77 -31.38 -14.59
C PRO B 72 8.14 -31.49 -16.07
N ALA B 73 7.19 -31.89 -16.92
CA ALA B 73 7.49 -32.02 -18.34
C ALA B 73 7.39 -30.71 -19.11
N SER B 74 6.89 -29.64 -18.47
CA SER B 74 6.67 -28.38 -19.17
C SER B 74 7.15 -27.18 -18.36
N ARG B 75 8.06 -27.38 -17.40
CA ARG B 75 8.43 -26.33 -16.47
C ARG B 75 9.59 -25.47 -16.95
N SER B 76 10.47 -26.01 -17.78
CA SER B 76 11.66 -25.27 -18.18
C SER B 76 11.30 -24.10 -19.09
N VAL B 77 12.14 -23.06 -19.06
CA VAL B 77 11.95 -21.91 -19.93
C VAL B 77 12.01 -22.34 -21.40
N GLU B 78 12.87 -23.31 -21.71
CA GLU B 78 13.02 -23.76 -23.09
C GLU B 78 11.75 -24.45 -23.59
N THR B 79 11.21 -25.38 -22.79
CA THR B 79 9.98 -26.05 -23.18
C THR B 79 8.82 -25.07 -23.23
N LEU B 80 8.75 -24.15 -22.27
CA LEU B 80 7.65 -23.20 -22.23
C LEU B 80 7.63 -22.30 -23.46
N LYS B 81 8.80 -22.01 -24.04
CA LYS B 81 8.84 -21.24 -25.27
C LYS B 81 8.14 -21.99 -26.40
N GLU B 82 8.42 -23.28 -26.53
CA GLU B 82 7.76 -24.08 -27.58
C GLU B 82 6.29 -24.27 -27.31
N MET B 83 5.88 -24.26 -26.03
CA MET B 83 4.46 -24.34 -25.71
C MET B 83 3.72 -23.10 -26.22
N ILE B 84 4.32 -21.92 -26.04
CA ILE B 84 3.72 -20.69 -26.57
C ILE B 84 3.70 -20.72 -28.08
N LYS B 85 4.78 -21.21 -28.69
CA LYS B 85 4.83 -21.31 -30.15
C LYS B 85 3.82 -22.35 -30.68
N SER B 86 3.55 -23.39 -29.89
CA SER B 86 2.60 -24.40 -30.31
C SER B 86 1.16 -23.99 -30.09
N GLY B 87 0.92 -22.95 -29.28
CA GLY B 87 -0.41 -22.40 -29.16
C GLY B 87 -0.91 -22.16 -27.75
N MET B 88 -0.03 -22.32 -26.75
CA MET B 88 -0.45 -22.11 -25.37
C MET B 88 -0.78 -20.63 -25.15
N ASN B 89 -1.95 -20.39 -24.57
CA ASN B 89 -2.38 -19.03 -24.26
C ASN B 89 -2.47 -18.76 -22.76
N VAL B 90 -2.73 -19.78 -21.95
CA VAL B 90 -2.78 -19.65 -20.50
C VAL B 90 -2.02 -20.80 -19.88
N ALA B 91 -1.21 -20.50 -18.86
CA ALA B 91 -0.46 -21.51 -18.12
C ALA B 91 -1.16 -21.73 -16.78
N ARG B 92 -1.52 -22.98 -16.49
CA ARG B 92 -2.22 -23.34 -15.27
C ARG B 92 -1.26 -23.95 -14.27
N LEU B 93 -1.37 -23.51 -13.01
CA LEU B 93 -0.55 -24.00 -11.92
C LEU B 93 -1.48 -24.64 -10.90
N ASN B 94 -1.38 -25.96 -10.75
CA ASN B 94 -2.25 -26.70 -9.85
C ASN B 94 -1.64 -26.65 -8.45
N PHE B 95 -2.30 -25.94 -7.54
CA PHE B 95 -1.82 -25.76 -6.18
C PHE B 95 -2.23 -26.90 -5.25
N SER B 96 -2.77 -27.99 -5.80
CA SER B 96 -2.96 -29.19 -4.99
C SER B 96 -1.64 -29.84 -4.61
N HIS B 97 -0.58 -29.56 -5.35
CA HIS B 97 0.77 -30.03 -5.04
C HIS B 97 1.75 -28.89 -5.27
N GLY B 98 2.93 -29.03 -4.68
CA GLY B 98 3.99 -28.06 -4.83
C GLY B 98 3.95 -26.99 -3.76
N THR B 99 5.08 -26.30 -3.61
CA THR B 99 5.23 -25.23 -2.64
C THR B 99 5.16 -23.86 -3.33
N HIS B 100 5.15 -22.81 -2.51
CA HIS B 100 5.07 -21.47 -3.06
C HIS B 100 6.32 -21.09 -3.84
N GLU B 101 7.49 -21.49 -3.34
CA GLU B 101 8.74 -21.18 -4.04
C GLU B 101 8.84 -21.93 -5.35
N TYR B 102 8.46 -23.21 -5.36
CA TYR B 102 8.46 -23.98 -6.60
C TYR B 102 7.48 -23.39 -7.61
N HIS B 103 6.33 -22.91 -7.13
CA HIS B 103 5.36 -22.30 -8.02
C HIS B 103 5.81 -20.91 -8.47
N ALA B 104 6.50 -20.17 -7.60
CA ALA B 104 7.01 -18.87 -7.99
C ALA B 104 8.08 -19.00 -9.07
N GLU B 105 8.91 -20.03 -8.99
CA GLU B 105 9.90 -20.27 -10.04
C GLU B 105 9.23 -20.72 -11.33
N THR B 106 8.12 -21.46 -11.24
CA THR B 106 7.36 -21.81 -12.43
C THR B 106 6.77 -20.55 -13.07
N ILE B 107 6.15 -19.69 -12.26
CA ILE B 107 5.62 -18.43 -12.76
C ILE B 107 6.72 -17.59 -13.40
N LYS B 108 7.89 -17.55 -12.76
CA LYS B 108 9.02 -16.83 -13.33
C LYS B 108 9.45 -17.43 -14.66
N ASN B 109 9.47 -18.76 -14.75
CA ASN B 109 9.83 -19.41 -16.01
C ASN B 109 8.78 -19.15 -17.07
N VAL B 110 7.51 -19.09 -16.68
CA VAL B 110 6.46 -18.74 -17.64
C VAL B 110 6.66 -17.32 -18.14
N ARG B 111 6.72 -16.35 -17.23
CA ARG B 111 6.89 -14.96 -17.62
C ARG B 111 8.18 -14.73 -18.40
N THR B 112 9.22 -15.52 -18.12
CA THR B 112 10.45 -15.42 -18.90
C THR B 112 10.25 -15.94 -20.32
N ALA B 113 9.51 -17.04 -20.47
CA ALA B 113 9.29 -17.62 -21.79
C ALA B 113 8.46 -16.72 -22.69
N THR B 114 7.49 -16.00 -22.12
CA THR B 114 6.64 -15.13 -22.93
C THR B 114 7.35 -13.82 -23.28
N GLU B 115 7.97 -13.19 -22.28
CA GLU B 115 8.77 -11.99 -22.55
C GLU B 115 9.94 -12.27 -23.48
N SER B 116 10.29 -13.55 -23.69
CA SER B 116 11.27 -13.89 -24.72
C SER B 116 10.83 -13.39 -26.09
N PHE B 117 9.52 -13.31 -26.31
CA PHE B 117 8.97 -12.85 -27.59
C PHE B 117 8.63 -11.38 -27.59
N ALA B 118 8.86 -10.67 -26.48
CA ALA B 118 8.53 -9.24 -26.40
C ALA B 118 9.42 -8.37 -27.27
N SER B 119 10.34 -8.95 -28.05
CA SER B 119 11.18 -8.15 -28.93
C SER B 119 10.37 -7.58 -30.09
N ASP B 120 9.38 -8.32 -30.57
CA ASP B 120 8.54 -7.88 -31.69
C ASP B 120 7.11 -7.75 -31.21
N PRO B 121 6.62 -6.53 -30.94
CA PRO B 121 5.25 -6.37 -30.46
C PRO B 121 4.19 -6.74 -31.47
N ILE B 122 4.56 -6.94 -32.74
CA ILE B 122 3.60 -7.39 -33.74
C ILE B 122 3.19 -8.84 -33.47
N LEU B 123 4.19 -9.72 -33.30
CA LEU B 123 3.95 -11.14 -33.12
C LEU B 123 3.97 -11.58 -31.67
N TYR B 124 4.18 -10.67 -30.73
CA TYR B 124 4.19 -11.02 -29.32
C TYR B 124 2.82 -11.51 -28.89
N ARG B 125 2.75 -12.76 -28.42
CA ARG B 125 1.51 -13.33 -27.95
C ARG B 125 1.50 -13.33 -26.44
N PRO B 126 0.59 -12.62 -25.79
CA PRO B 126 0.53 -12.66 -24.33
C PRO B 126 0.14 -14.05 -23.84
N VAL B 127 0.58 -14.35 -22.62
CA VAL B 127 0.26 -15.62 -21.97
C VAL B 127 -0.18 -15.30 -20.55
N ALA B 128 -1.38 -15.76 -20.19
CA ALA B 128 -1.89 -15.57 -18.84
C ALA B 128 -1.40 -16.66 -17.91
N VAL B 129 -1.52 -16.41 -16.62
CA VAL B 129 -1.12 -17.34 -15.58
C VAL B 129 -2.31 -17.60 -14.67
N ALA B 130 -2.66 -18.87 -14.48
CA ALA B 130 -3.83 -19.26 -13.72
C ALA B 130 -3.42 -20.09 -12.51
N LEU B 131 -4.08 -19.85 -11.39
CA LEU B 131 -3.80 -20.53 -10.12
C LEU B 131 -4.98 -21.44 -9.80
N ASP B 132 -4.78 -22.75 -9.91
CA ASP B 132 -5.80 -23.72 -9.57
C ASP B 132 -5.63 -24.10 -8.11
N THR B 133 -6.62 -23.73 -7.28
CA THR B 133 -6.52 -23.98 -5.85
C THR B 133 -6.59 -25.47 -5.55
N LYS B 134 -6.01 -25.84 -4.40
CA LYS B 134 -6.10 -27.22 -3.93
C LYS B 134 -7.55 -27.58 -3.60
N GLY B 135 -8.21 -26.77 -2.79
CA GLY B 135 -9.60 -26.97 -2.46
C GLY B 135 -9.81 -28.08 -1.46
N PRO B 136 -11.08 -28.34 -1.13
CA PRO B 136 -11.39 -29.39 -0.15
C PRO B 136 -11.05 -30.79 -0.63
N GLU B 137 -9.75 -31.10 -0.70
CA GLU B 137 -9.29 -32.40 -1.18
C GLU B 137 -9.24 -33.41 -0.04
N ILE B 138 -9.46 -34.67 -0.38
CA ILE B 138 -9.32 -35.79 0.54
C ILE B 138 -8.27 -36.73 -0.05
N ARG B 139 -7.15 -36.87 0.66
CA ARG B 139 -6.02 -37.66 0.18
C ARG B 139 -5.66 -38.73 1.20
N THR B 140 -5.14 -39.85 0.70
CA THR B 140 -4.75 -40.96 1.54
C THR B 140 -3.33 -40.75 2.07
N GLY B 141 -2.89 -41.67 2.93
CA GLY B 141 -1.56 -41.63 3.48
C GLY B 141 -0.55 -42.29 2.57
N LEU B 142 0.61 -42.60 3.12
CA LEU B 142 1.70 -43.20 2.36
C LEU B 142 1.67 -44.71 2.51
N ILE B 143 2.03 -45.41 1.42
CA ILE B 143 2.07 -46.86 1.42
C ILE B 143 3.40 -47.30 2.02
N LYS B 144 3.36 -47.85 3.24
CA LYS B 144 4.52 -48.46 3.89
C LYS B 144 5.70 -47.49 3.98
N GLY B 145 5.43 -46.28 4.47
CA GLY B 145 6.46 -45.28 4.68
C GLY B 145 7.16 -44.81 3.43
N SER B 146 6.59 -45.13 2.27
CA SER B 146 7.17 -44.77 0.99
C SER B 146 6.21 -43.90 0.20
N GLY B 147 6.77 -43.06 -0.66
CA GLY B 147 5.96 -42.23 -1.54
C GLY B 147 5.69 -42.91 -2.86
N THR B 148 6.49 -43.92 -3.18
CA THR B 148 6.40 -44.61 -4.47
C THR B 148 5.85 -46.02 -4.37
N ALA B 149 5.81 -46.61 -3.18
CA ALA B 149 5.36 -47.99 -3.03
C ALA B 149 3.88 -48.12 -3.36
N GLU B 150 3.49 -49.33 -3.73
CA GLU B 150 2.11 -49.63 -4.09
C GLU B 150 1.74 -51.00 -3.55
N VAL B 151 0.44 -51.22 -3.35
CA VAL B 151 -0.09 -52.52 -3.00
C VAL B 151 -1.20 -52.86 -3.97
N GLU B 152 -1.38 -54.15 -4.22
CA GLU B 152 -2.40 -54.64 -5.15
C GLU B 152 -3.63 -55.03 -4.32
N LEU B 153 -4.70 -54.26 -4.46
CA LEU B 153 -5.98 -54.59 -3.84
C LEU B 153 -6.73 -55.56 -4.75
N LYS B 154 -7.02 -56.76 -4.26
CA LYS B 154 -7.75 -57.75 -5.01
C LYS B 154 -9.24 -57.60 -4.74
N LYS B 155 -10.03 -57.52 -5.81
CA LYS B 155 -11.46 -57.25 -5.67
C LYS B 155 -12.15 -58.30 -4.80
N GLY B 156 -13.06 -57.83 -3.96
CA GLY B 156 -13.77 -58.68 -3.04
C GLY B 156 -13.16 -58.79 -1.66
N ALA B 157 -11.89 -58.45 -1.50
CA ALA B 157 -11.24 -58.50 -0.21
C ALA B 157 -11.69 -57.33 0.66
N THR B 158 -11.11 -57.26 1.86
CA THR B 158 -11.46 -56.23 2.83
C THR B 158 -10.36 -55.19 2.93
N LEU B 159 -10.74 -54.01 3.43
CA LEU B 159 -9.80 -52.92 3.62
C LEU B 159 -10.34 -52.02 4.72
N LYS B 160 -9.50 -51.71 5.70
CA LYS B 160 -9.89 -50.87 6.82
C LYS B 160 -9.50 -49.43 6.54
N ILE B 161 -10.44 -48.51 6.75
CA ILE B 161 -10.19 -47.08 6.60
C ILE B 161 -10.25 -46.46 7.98
N THR B 162 -9.14 -45.85 8.41
CA THR B 162 -9.04 -45.24 9.71
C THR B 162 -8.50 -43.83 9.60
N LEU B 163 -8.88 -42.98 10.54
CA LEU B 163 -8.42 -41.61 10.61
C LEU B 163 -7.33 -41.39 11.66
N ASP B 164 -6.97 -42.43 12.41
CA ASP B 164 -5.94 -42.31 13.43
C ASP B 164 -4.60 -42.07 12.75
N ASN B 165 -3.96 -40.94 13.07
CA ASN B 165 -2.74 -40.51 12.40
C ASN B 165 -1.56 -41.45 12.61
N ALA B 166 -1.69 -42.51 13.43
CA ALA B 166 -0.60 -43.45 13.60
C ALA B 166 -0.32 -44.28 12.34
N TYR B 167 -1.32 -44.42 11.46
CA TYR B 167 -1.15 -45.14 10.21
C TYR B 167 -1.03 -44.20 9.02
N MET B 168 -0.79 -42.91 9.27
CA MET B 168 -0.70 -41.93 8.18
C MET B 168 0.46 -42.24 7.24
N GLU B 169 1.51 -42.89 7.75
CA GLU B 169 2.65 -43.28 6.93
C GLU B 169 2.83 -44.79 6.85
N LYS B 170 1.79 -45.55 7.20
CA LYS B 170 1.90 -47.02 7.25
C LYS B 170 0.67 -47.68 6.65
N CYS B 171 0.17 -47.14 5.54
CA CYS B 171 -0.94 -47.76 4.84
C CYS B 171 -0.46 -48.95 4.03
N ASP B 172 -1.32 -49.95 3.91
CA ASP B 172 -1.02 -51.14 3.11
C ASP B 172 -2.33 -51.69 2.57
N GLU B 173 -2.30 -52.96 2.14
CA GLU B 173 -3.50 -53.61 1.61
C GLU B 173 -4.52 -53.93 2.70
N ASN B 174 -4.21 -53.66 3.97
CA ASN B 174 -5.11 -53.97 5.07
C ASN B 174 -5.75 -52.73 5.69
N ILE B 175 -4.96 -51.70 5.99
CA ILE B 175 -5.44 -50.49 6.63
C ILE B 175 -5.05 -49.29 5.77
N LEU B 176 -6.01 -48.39 5.55
CA LEU B 176 -5.81 -47.21 4.73
C LEU B 176 -6.15 -45.97 5.55
N TRP B 177 -5.26 -44.98 5.52
CA TRP B 177 -5.45 -43.72 6.23
C TRP B 177 -5.80 -42.63 5.24
N LEU B 178 -6.68 -41.71 5.65
CA LEU B 178 -6.99 -40.52 4.87
C LEU B 178 -7.08 -39.33 5.79
N ASP B 179 -7.06 -38.13 5.20
CA ASP B 179 -6.94 -36.89 5.96
C ASP B 179 -8.27 -36.23 6.28
N TYR B 180 -9.39 -36.79 5.84
CA TYR B 180 -10.70 -36.25 6.18
C TYR B 180 -11.11 -36.80 7.55
N LYS B 181 -11.07 -35.96 8.57
CA LYS B 181 -11.32 -36.41 9.93
C LYS B 181 -12.76 -36.84 10.12
N ASN B 182 -13.71 -36.08 9.58
CA ASN B 182 -15.13 -36.40 9.70
C ASN B 182 -15.62 -37.35 8.61
N ILE B 183 -14.76 -38.26 8.13
CA ILE B 183 -15.14 -39.16 7.05
C ILE B 183 -16.20 -40.16 7.48
N CYS B 184 -16.33 -40.44 8.78
CA CYS B 184 -17.33 -41.37 9.27
C CYS B 184 -18.68 -40.71 9.49
N LYS B 185 -18.70 -39.45 9.91
CA LYS B 185 -19.95 -38.71 10.08
C LYS B 185 -20.45 -38.08 8.78
N VAL B 186 -20.35 -38.81 7.67
CA VAL B 186 -20.75 -38.30 6.37
C VAL B 186 -21.01 -39.47 5.42
N VAL B 187 -20.49 -40.65 5.77
CA VAL B 187 -20.65 -41.85 4.96
C VAL B 187 -21.33 -42.90 5.81
N GLU B 188 -22.47 -43.39 5.35
CA GLU B 188 -23.21 -44.43 6.06
C GLU B 188 -22.81 -45.80 5.53
N VAL B 189 -23.43 -46.85 6.07
CA VAL B 189 -23.17 -48.20 5.62
C VAL B 189 -23.69 -48.37 4.19
N GLY B 190 -22.98 -49.15 3.39
CA GLY B 190 -23.32 -49.31 1.99
C GLY B 190 -22.81 -48.22 1.08
N SER B 191 -22.16 -47.19 1.63
CA SER B 191 -21.61 -46.11 0.81
C SER B 191 -20.51 -46.66 -0.09
N LYS B 192 -20.18 -45.88 -1.11
CA LYS B 192 -19.13 -46.23 -2.06
C LYS B 192 -18.06 -45.15 -2.05
N ILE B 193 -16.82 -45.54 -1.73
CA ILE B 193 -15.68 -44.63 -1.68
C ILE B 193 -14.81 -44.90 -2.90
N TYR B 194 -14.33 -43.83 -3.53
CA TYR B 194 -13.49 -43.92 -4.72
C TYR B 194 -12.12 -43.35 -4.42
N VAL B 195 -11.07 -44.09 -4.81
CA VAL B 195 -9.69 -43.72 -4.53
C VAL B 195 -8.92 -43.66 -5.84
N ASP B 196 -8.03 -42.67 -5.95
CA ASP B 196 -7.14 -42.51 -7.10
C ASP B 196 -7.91 -42.32 -8.40
N ASP B 197 -8.41 -41.10 -8.61
CA ASP B 197 -9.16 -40.74 -9.82
C ASP B 197 -10.32 -41.70 -10.07
N GLY B 198 -10.94 -42.16 -8.98
CA GLY B 198 -12.09 -43.04 -9.09
C GLY B 198 -11.80 -44.41 -9.66
N LEU B 199 -10.54 -44.81 -9.73
CA LEU B 199 -10.20 -46.11 -10.31
C LEU B 199 -10.41 -47.25 -9.32
N ILE B 200 -10.33 -46.98 -8.03
CA ILE B 200 -10.54 -47.97 -6.98
C ILE B 200 -11.82 -47.61 -6.25
N SER B 201 -12.70 -48.59 -6.08
CA SER B 201 -13.99 -48.39 -5.44
C SER B 201 -14.12 -49.30 -4.23
N LEU B 202 -14.61 -48.73 -3.12
CA LEU B 202 -14.80 -49.46 -1.88
C LEU B 202 -16.26 -49.37 -1.47
N GLN B 203 -16.75 -50.42 -0.82
CA GLN B 203 -18.12 -50.47 -0.31
C GLN B 203 -18.05 -50.49 1.21
N VAL B 204 -18.50 -49.41 1.84
CA VAL B 204 -18.46 -49.28 3.30
C VAL B 204 -19.36 -50.33 3.94
N LYS B 205 -18.79 -51.49 4.28
CA LYS B 205 -19.55 -52.56 4.92
C LYS B 205 -19.96 -52.15 6.32
N GLN B 206 -19.00 -52.11 7.24
CA GLN B 206 -19.24 -51.71 8.63
C GLN B 206 -18.58 -50.37 8.89
N LYS B 207 -19.26 -49.52 9.67
CA LYS B 207 -18.78 -48.20 10.02
C LYS B 207 -18.42 -48.14 11.50
N GLY B 208 -17.40 -47.34 11.82
CA GLY B 208 -16.96 -47.16 13.19
C GLY B 208 -16.84 -45.70 13.55
N ALA B 209 -16.51 -45.47 14.82
CA ALA B 209 -16.34 -44.09 15.31
C ALA B 209 -15.17 -43.42 14.60
N ASP B 210 -14.04 -44.11 14.51
CA ASP B 210 -12.88 -43.61 13.76
C ASP B 210 -12.41 -44.63 12.72
N PHE B 211 -13.17 -45.70 12.48
CA PHE B 211 -12.80 -46.75 11.54
C PHE B 211 -13.88 -46.86 10.46
N LEU B 212 -13.53 -47.56 9.39
CA LEU B 212 -14.46 -47.78 8.28
C LEU B 212 -14.08 -49.12 7.64
N VAL B 213 -14.91 -50.13 7.85
CA VAL B 213 -14.69 -51.43 7.22
C VAL B 213 -15.26 -51.38 5.81
N THR B 214 -14.42 -51.72 4.82
CA THR B 214 -14.81 -51.65 3.43
C THR B 214 -14.57 -52.98 2.74
N GLU B 215 -15.24 -53.16 1.61
CA GLU B 215 -15.00 -54.26 0.70
C GLU B 215 -14.66 -53.67 -0.66
N VAL B 216 -13.51 -54.07 -1.21
CA VAL B 216 -13.06 -53.51 -2.47
C VAL B 216 -13.94 -54.04 -3.61
N GLU B 217 -14.52 -53.11 -4.37
CA GLU B 217 -15.30 -53.48 -5.55
C GLU B 217 -14.41 -53.61 -6.78
N ASN B 218 -13.72 -52.53 -7.15
CA ASN B 218 -12.74 -52.54 -8.23
C ASN B 218 -11.37 -52.26 -7.61
N GLY B 219 -10.45 -53.22 -7.75
CA GLY B 219 -9.13 -53.11 -7.18
C GLY B 219 -8.09 -52.68 -8.19
N GLY B 220 -6.83 -52.86 -7.79
CA GLY B 220 -5.70 -52.49 -8.60
C GLY B 220 -4.58 -51.97 -7.72
N SER B 221 -3.61 -51.31 -8.35
CA SER B 221 -2.47 -50.77 -7.63
C SER B 221 -2.91 -49.58 -6.79
N LEU B 222 -2.69 -49.66 -5.48
CA LEU B 222 -3.00 -48.58 -4.55
C LEU B 222 -1.69 -47.91 -4.16
N GLY B 223 -1.53 -46.65 -4.54
CA GLY B 223 -0.34 -45.88 -4.26
C GLY B 223 -0.51 -44.99 -3.04
N SER B 224 0.42 -44.04 -2.91
CA SER B 224 0.46 -43.13 -1.77
C SER B 224 -0.18 -41.80 -2.14
N LYS B 225 -0.93 -41.23 -1.18
CA LYS B 225 -1.49 -39.89 -1.30
C LYS B 225 -2.40 -39.75 -2.52
N LYS B 226 -3.27 -40.73 -2.72
CA LYS B 226 -4.20 -40.72 -3.82
C LYS B 226 -5.47 -39.96 -3.44
N GLY B 227 -6.09 -39.34 -4.44
CA GLY B 227 -7.32 -38.60 -4.20
C GLY B 227 -8.48 -39.51 -3.87
N VAL B 228 -9.38 -39.00 -3.03
CA VAL B 228 -10.54 -39.76 -2.55
C VAL B 228 -11.79 -38.96 -2.84
N ASN B 229 -12.77 -39.60 -3.48
CA ASN B 229 -14.05 -38.99 -3.80
C ASN B 229 -15.15 -39.71 -3.03
N LEU B 230 -16.05 -38.94 -2.43
CA LEU B 230 -17.19 -39.46 -1.66
C LEU B 230 -18.47 -38.95 -2.31
N PRO B 231 -18.96 -39.61 -3.35
CA PRO B 231 -20.17 -39.13 -4.03
C PRO B 231 -21.40 -39.28 -3.13
N GLY B 232 -22.29 -38.30 -3.23
CA GLY B 232 -23.52 -38.32 -2.47
C GLY B 232 -23.39 -38.01 -0.99
N ALA B 233 -22.17 -37.71 -0.52
CA ALA B 233 -21.93 -37.36 0.87
C ALA B 233 -21.68 -35.86 0.99
N ALA B 234 -22.13 -35.29 2.10
CA ALA B 234 -21.95 -33.86 2.36
C ALA B 234 -20.58 -33.64 2.98
N VAL B 235 -19.58 -33.44 2.13
CA VAL B 235 -18.23 -33.17 2.60
C VAL B 235 -18.20 -31.77 3.21
N ASP B 236 -17.99 -31.68 4.51
CA ASP B 236 -18.03 -30.42 5.23
C ASP B 236 -16.68 -29.69 5.26
N LEU B 237 -15.78 -30.05 4.36
CA LEU B 237 -14.51 -29.33 4.28
C LEU B 237 -14.75 -27.90 3.82
N PRO B 238 -13.95 -26.95 4.27
CA PRO B 238 -14.13 -25.56 3.85
C PRO B 238 -13.83 -25.40 2.37
N ALA B 239 -14.66 -24.61 1.69
CA ALA B 239 -14.42 -24.30 0.29
C ALA B 239 -13.10 -23.54 0.13
N VAL B 240 -12.81 -22.64 1.05
CA VAL B 240 -11.55 -21.89 1.09
C VAL B 240 -10.88 -22.26 2.39
N SER B 241 -10.01 -23.27 2.37
CA SER B 241 -9.29 -23.67 3.55
C SER B 241 -8.20 -22.65 3.87
N GLU B 242 -7.58 -22.82 5.05
CA GLU B 242 -6.47 -21.95 5.42
C GLU B 242 -5.31 -22.08 4.44
N LYS B 243 -5.10 -23.29 3.91
CA LYS B 243 -4.09 -23.48 2.88
C LYS B 243 -4.44 -22.69 1.62
N ASP B 244 -5.70 -22.73 1.20
CA ASP B 244 -6.12 -21.96 0.03
C ASP B 244 -6.06 -20.47 0.28
N ILE B 245 -6.33 -20.03 1.51
CA ILE B 245 -6.24 -18.61 1.83
C ILE B 245 -4.83 -18.08 1.58
N GLN B 246 -3.82 -18.85 1.99
CA GLN B 246 -2.44 -18.43 1.73
C GLN B 246 -2.08 -18.56 0.26
N ASP B 247 -2.62 -19.58 -0.42
CA ASP B 247 -2.37 -19.73 -1.85
C ASP B 247 -2.97 -18.57 -2.63
N LEU B 248 -4.18 -18.15 -2.27
CA LEU B 248 -4.78 -16.98 -2.93
C LEU B 248 -3.98 -15.72 -2.63
N LYS B 249 -3.49 -15.57 -1.40
CA LYS B 249 -2.62 -14.45 -1.08
C LYS B 249 -1.32 -14.53 -1.87
N PHE B 250 -0.83 -15.75 -2.10
CA PHE B 250 0.34 -15.91 -2.97
C PHE B 250 0.01 -15.50 -4.40
N GLY B 251 -1.18 -15.88 -4.88
CA GLY B 251 -1.57 -15.50 -6.22
C GLY B 251 -1.70 -14.00 -6.39
N VAL B 252 -2.28 -13.32 -5.40
CA VAL B 252 -2.33 -11.85 -5.44
C VAL B 252 -0.93 -11.27 -5.48
N GLU B 253 -0.04 -11.77 -4.60
CA GLU B 253 1.32 -11.25 -4.54
C GLU B 253 2.09 -11.55 -5.82
N GLN B 254 1.84 -12.71 -6.43
CA GLN B 254 2.52 -13.07 -7.66
C GLN B 254 1.88 -12.49 -8.91
N ASP B 255 0.83 -11.68 -8.75
CA ASP B 255 0.15 -11.00 -9.86
C ASP B 255 -0.43 -11.99 -10.88
N VAL B 256 -1.17 -12.98 -10.37
CA VAL B 256 -1.83 -13.92 -11.27
C VAL B 256 -2.98 -13.23 -12.00
N ASP B 257 -3.33 -13.78 -13.15
CA ASP B 257 -4.42 -13.22 -13.95
C ASP B 257 -5.78 -13.75 -13.55
N MET B 258 -5.86 -15.04 -13.19
CA MET B 258 -7.14 -15.64 -12.87
C MET B 258 -6.93 -16.75 -11.84
N VAL B 259 -8.02 -17.13 -11.18
CA VAL B 259 -8.01 -18.17 -10.17
C VAL B 259 -9.01 -19.24 -10.60
N PHE B 260 -8.55 -20.49 -10.61
CA PHE B 260 -9.40 -21.65 -10.86
C PHE B 260 -9.76 -22.24 -9.50
N ALA B 261 -10.97 -21.93 -9.01
CA ALA B 261 -11.37 -22.30 -7.66
C ALA B 261 -12.01 -23.68 -7.68
N SER B 262 -11.37 -24.63 -6.99
CA SER B 262 -11.82 -26.02 -7.01
C SER B 262 -13.04 -26.21 -6.11
N PHE B 263 -13.94 -27.10 -6.55
CA PHE B 263 -15.04 -27.60 -5.73
C PHE B 263 -15.94 -26.48 -5.19
N ILE B 264 -16.39 -25.61 -6.09
CA ILE B 264 -17.34 -24.57 -5.71
C ILE B 264 -18.72 -25.19 -5.59
N ARG B 265 -19.30 -25.15 -4.39
CA ARG B 265 -20.60 -25.74 -4.13
C ARG B 265 -21.75 -24.72 -4.18
N LYS B 266 -21.51 -23.49 -3.75
CA LYS B 266 -22.56 -22.48 -3.75
C LYS B 266 -21.95 -21.12 -4.07
N ALA B 267 -22.83 -20.12 -4.22
CA ALA B 267 -22.36 -18.77 -4.55
C ALA B 267 -21.56 -18.16 -3.41
N SER B 268 -21.84 -18.54 -2.17
CA SER B 268 -21.08 -18.01 -1.04
C SER B 268 -19.62 -18.45 -1.08
N ASP B 269 -19.35 -19.60 -1.71
CA ASP B 269 -17.97 -20.05 -1.87
C ASP B 269 -17.20 -19.09 -2.77
N VAL B 270 -17.86 -18.58 -3.82
CA VAL B 270 -17.21 -17.60 -4.69
C VAL B 270 -16.98 -16.29 -3.95
N HIS B 271 -17.89 -15.94 -3.03
CA HIS B 271 -17.72 -14.70 -2.27
C HIS B 271 -16.55 -14.80 -1.30
N GLU B 272 -16.36 -15.98 -0.70
CA GLU B 272 -15.19 -16.18 0.15
C GLU B 272 -13.90 -16.01 -0.64
N VAL B 273 -13.85 -16.58 -1.84
CA VAL B 273 -12.68 -16.40 -2.70
C VAL B 273 -12.53 -14.94 -3.09
N ARG B 274 -13.67 -14.25 -3.29
CA ARG B 274 -13.62 -12.84 -3.66
C ARG B 274 -13.06 -11.99 -2.52
N LYS B 275 -13.44 -12.30 -1.27
CA LYS B 275 -12.98 -11.52 -0.14
C LYS B 275 -11.50 -11.77 0.15
N VAL B 276 -11.05 -13.02 0.00
CA VAL B 276 -9.64 -13.33 0.24
C VAL B 276 -8.75 -12.57 -0.74
N LEU B 277 -9.19 -12.47 -2.00
CA LEU B 277 -8.45 -11.68 -2.99
C LEU B 277 -8.50 -10.20 -2.66
N GLY B 278 -9.53 -9.74 -1.96
CA GLY B 278 -9.66 -8.40 -1.42
C GLY B 278 -9.53 -7.32 -2.47
N GLU B 279 -9.15 -6.13 -2.00
CA GLU B 279 -9.05 -4.97 -2.89
C GLU B 279 -7.81 -5.06 -3.80
N LYS B 280 -6.71 -5.59 -3.27
CA LYS B 280 -5.49 -5.70 -4.06
C LYS B 280 -5.66 -6.68 -5.22
N GLY B 281 -6.43 -7.74 -5.03
CA GLY B 281 -6.69 -8.70 -6.09
C GLY B 281 -8.08 -8.57 -6.67
N LYS B 282 -8.50 -7.32 -6.94
CA LYS B 282 -9.86 -7.10 -7.40
C LYS B 282 -10.03 -7.49 -8.87
N ASN B 283 -9.03 -7.22 -9.69
CA ASN B 283 -9.11 -7.50 -11.12
C ASN B 283 -8.73 -8.93 -11.46
N ILE B 284 -8.49 -9.78 -10.47
CA ILE B 284 -8.18 -11.18 -10.71
C ILE B 284 -9.50 -11.91 -10.99
N LYS B 285 -9.65 -12.41 -12.21
CA LYS B 285 -10.88 -13.11 -12.58
C LYS B 285 -10.99 -14.43 -11.83
N ILE B 286 -12.19 -14.73 -11.35
CA ILE B 286 -12.46 -15.94 -10.58
C ILE B 286 -13.21 -16.92 -11.49
N ILE B 287 -12.63 -18.10 -11.69
CA ILE B 287 -13.24 -19.16 -12.47
C ILE B 287 -13.70 -20.24 -11.49
N SER B 288 -15.00 -20.46 -11.40
CA SER B 288 -15.56 -21.45 -10.50
C SER B 288 -15.52 -22.82 -11.18
N LYS B 289 -14.83 -23.78 -10.57
CA LYS B 289 -14.74 -25.13 -11.11
C LYS B 289 -15.91 -25.96 -10.59
N ILE B 290 -16.76 -26.42 -11.50
CA ILE B 290 -17.90 -27.25 -11.16
C ILE B 290 -17.46 -28.70 -11.25
N GLU B 291 -17.33 -29.36 -10.09
CA GLU B 291 -16.87 -30.74 -10.04
C GLU B 291 -17.70 -31.62 -9.13
N ASN B 292 -18.87 -31.16 -8.68
CA ASN B 292 -19.69 -31.95 -7.77
C ASN B 292 -21.16 -31.80 -8.12
N HIS B 293 -21.99 -32.59 -7.44
CA HIS B 293 -23.43 -32.56 -7.66
C HIS B 293 -24.03 -31.23 -7.23
N GLU B 294 -23.58 -30.70 -6.08
CA GLU B 294 -24.12 -29.44 -5.59
C GLU B 294 -23.75 -28.27 -6.50
N GLY B 295 -22.54 -28.29 -7.05
CA GLY B 295 -22.14 -27.24 -7.97
C GLY B 295 -23.00 -27.21 -9.22
N VAL B 296 -23.41 -28.38 -9.70
CA VAL B 296 -24.29 -28.43 -10.86
C VAL B 296 -25.69 -27.94 -10.49
N ARG B 297 -26.22 -28.40 -9.36
CA ARG B 297 -27.57 -28.00 -8.96
C ARG B 297 -27.66 -26.50 -8.71
N ARG B 298 -26.66 -25.93 -8.03
CA ARG B 298 -26.62 -24.51 -7.75
C ARG B 298 -25.81 -23.72 -8.78
N PHE B 299 -25.81 -24.17 -10.04
CA PHE B 299 -24.94 -23.57 -11.05
C PHE B 299 -25.33 -22.11 -11.32
N ASP B 300 -26.63 -21.81 -11.31
CA ASP B 300 -27.08 -20.47 -11.66
C ASP B 300 -26.52 -19.42 -10.71
N GLU B 301 -26.72 -19.63 -9.40
CA GLU B 301 -26.21 -18.66 -8.43
C GLU B 301 -24.69 -18.60 -8.43
N ILE B 302 -24.03 -19.69 -8.82
CA ILE B 302 -22.57 -19.71 -8.85
C ILE B 302 -22.05 -18.92 -10.04
N LEU B 303 -22.62 -19.16 -11.22
CA LEU B 303 -22.17 -18.46 -12.42
C LEU B 303 -22.45 -16.95 -12.33
N GLU B 304 -23.52 -16.56 -11.64
CA GLU B 304 -23.82 -15.14 -11.48
C GLU B 304 -22.83 -14.46 -10.53
N ALA B 305 -22.28 -15.20 -9.57
CA ALA B 305 -21.28 -14.67 -8.67
C ALA B 305 -19.86 -14.83 -9.20
N SER B 306 -19.67 -15.55 -10.31
CA SER B 306 -18.35 -15.85 -10.82
C SER B 306 -18.05 -14.99 -12.04
N ASP B 307 -16.76 -14.89 -12.35
CA ASP B 307 -16.30 -14.29 -13.60
C ASP B 307 -16.20 -15.31 -14.72
N GLY B 308 -16.21 -16.60 -14.39
CA GLY B 308 -16.10 -17.64 -15.40
C GLY B 308 -16.38 -18.99 -14.78
N ILE B 309 -16.40 -20.00 -15.64
CA ILE B 309 -16.73 -21.37 -15.25
C ILE B 309 -15.76 -22.33 -15.92
N MET B 310 -15.36 -23.37 -15.19
CA MET B 310 -14.59 -24.47 -15.76
C MET B 310 -15.35 -25.76 -15.53
N VAL B 311 -15.62 -26.48 -16.62
CA VAL B 311 -16.20 -27.81 -16.53
C VAL B 311 -15.08 -28.79 -16.21
N ALA B 312 -14.80 -28.98 -14.93
CA ALA B 312 -13.73 -29.86 -14.48
C ALA B 312 -14.28 -31.28 -14.44
N ARG B 313 -14.17 -31.97 -15.57
CA ARG B 313 -14.85 -33.25 -15.75
C ARG B 313 -14.20 -34.40 -14.99
N GLY B 314 -12.96 -34.24 -14.54
CA GLY B 314 -12.28 -35.27 -13.78
C GLY B 314 -13.04 -35.66 -12.53
N ASP B 315 -13.16 -34.73 -11.58
CA ASP B 315 -13.92 -35.01 -10.36
C ASP B 315 -15.42 -35.10 -10.65
N LEU B 316 -15.90 -34.32 -11.61
CA LEU B 316 -17.33 -34.37 -11.95
C LEU B 316 -17.73 -35.76 -12.42
N GLY B 317 -16.86 -36.43 -13.18
CA GLY B 317 -17.14 -37.78 -13.62
C GLY B 317 -17.17 -38.80 -12.50
N ILE B 318 -16.63 -38.46 -11.34
CA ILE B 318 -16.66 -39.35 -10.17
C ILE B 318 -17.79 -39.00 -9.23
N GLU B 319 -18.01 -37.70 -8.98
CA GLU B 319 -19.06 -37.28 -8.07
C GLU B 319 -20.44 -37.58 -8.62
N ILE B 320 -20.62 -37.51 -9.94
CA ILE B 320 -21.87 -37.85 -10.59
C ILE B 320 -21.56 -38.96 -11.60
N PRO B 321 -22.58 -39.71 -12.01
CA PRO B 321 -22.35 -40.79 -12.99
C PRO B 321 -21.64 -40.29 -14.24
N ALA B 322 -20.70 -41.09 -14.74
CA ALA B 322 -19.90 -40.68 -15.89
C ALA B 322 -20.75 -40.49 -17.14
N GLU B 323 -21.86 -41.23 -17.25
CA GLU B 323 -22.75 -41.11 -18.39
C GLU B 323 -23.55 -39.81 -18.40
N LYS B 324 -23.44 -38.98 -17.36
CA LYS B 324 -24.16 -37.73 -17.28
C LYS B 324 -23.25 -36.51 -17.43
N VAL B 325 -21.94 -36.71 -17.60
CA VAL B 325 -21.01 -35.59 -17.64
C VAL B 325 -21.27 -34.71 -18.86
N PHE B 326 -21.51 -35.32 -20.01
CA PHE B 326 -21.79 -34.54 -21.22
C PHE B 326 -23.02 -33.66 -21.05
N LEU B 327 -24.02 -34.14 -20.32
CA LEU B 327 -25.20 -33.32 -20.03
C LEU B 327 -24.81 -32.08 -19.25
N ALA B 328 -24.02 -32.25 -18.18
CA ALA B 328 -23.58 -31.12 -17.38
C ALA B 328 -22.67 -30.20 -18.18
N GLN B 329 -21.85 -30.77 -19.06
CA GLN B 329 -20.95 -29.95 -19.87
C GLN B 329 -21.74 -29.08 -20.84
N LYS B 330 -22.72 -29.67 -21.54
CA LYS B 330 -23.49 -28.90 -22.49
C LYS B 330 -24.41 -27.90 -21.80
N MET B 331 -24.93 -28.25 -20.62
CA MET B 331 -25.75 -27.31 -19.86
C MET B 331 -24.94 -26.10 -19.41
N MET B 332 -23.72 -26.33 -18.92
CA MET B 332 -22.91 -25.24 -18.40
C MET B 332 -22.35 -24.38 -19.53
N ILE B 333 -21.92 -25.01 -20.62
CA ILE B 333 -21.39 -24.25 -21.75
C ILE B 333 -22.47 -23.34 -22.34
N GLY B 334 -23.68 -23.87 -22.52
CA GLY B 334 -24.75 -23.07 -23.09
C GLY B 334 -25.17 -21.94 -22.17
N ARG B 335 -25.19 -22.19 -20.86
CA ARG B 335 -25.63 -21.16 -19.91
C ARG B 335 -24.61 -20.03 -19.82
N CYS B 336 -23.32 -20.34 -19.91
CA CYS B 336 -22.30 -19.29 -19.92
C CYS B 336 -22.24 -18.59 -21.27
N ASN B 337 -22.54 -19.30 -22.35
CA ASN B 337 -22.71 -18.65 -23.65
C ASN B 337 -23.90 -17.69 -23.61
N ARG B 338 -24.99 -18.11 -22.95
CA ARG B 338 -26.15 -17.25 -22.78
C ARG B 338 -25.83 -16.06 -21.89
N ALA B 339 -24.97 -16.24 -20.88
CA ALA B 339 -24.62 -15.17 -19.96
C ALA B 339 -23.42 -14.35 -20.41
N GLY B 340 -22.71 -14.78 -21.45
CA GLY B 340 -21.55 -14.06 -21.90
C GLY B 340 -20.33 -14.16 -21.02
N LYS B 341 -20.25 -15.21 -20.18
CA LYS B 341 -19.12 -15.38 -19.30
C LYS B 341 -18.26 -16.56 -19.76
N PRO B 342 -16.94 -16.49 -19.56
CA PRO B 342 -16.06 -17.54 -20.08
C PRO B 342 -16.39 -18.91 -19.53
N VAL B 343 -16.25 -19.92 -20.39
CA VAL B 343 -16.45 -21.32 -20.02
C VAL B 343 -15.26 -22.12 -20.53
N ILE B 344 -14.78 -23.06 -19.70
CA ILE B 344 -13.58 -23.83 -19.99
C ILE B 344 -13.92 -25.31 -19.96
N CYS B 345 -13.49 -26.04 -20.99
CA CYS B 345 -13.59 -27.50 -21.03
C CYS B 345 -12.25 -28.07 -20.58
N ALA B 346 -12.28 -28.91 -19.54
CA ALA B 346 -11.07 -29.37 -18.89
C ALA B 346 -11.10 -30.88 -18.66
N THR B 347 -9.89 -31.45 -18.55
CA THR B 347 -9.61 -32.79 -18.03
C THR B 347 -9.83 -33.92 -19.03
N GLN B 348 -8.76 -34.67 -19.29
CA GLN B 348 -8.81 -35.91 -20.08
C GLN B 348 -9.24 -35.68 -21.52
N MET B 349 -8.98 -34.49 -22.06
CA MET B 349 -9.35 -34.21 -23.44
C MET B 349 -8.47 -34.98 -24.42
N LEU B 350 -7.19 -35.10 -24.13
CA LEU B 350 -6.24 -35.87 -24.94
C LEU B 350 -5.44 -36.80 -24.03
N GLU B 351 -6.15 -37.47 -23.11
CA GLU B 351 -5.50 -38.20 -22.03
C GLU B 351 -4.51 -39.24 -22.54
N SER B 352 -4.85 -39.91 -23.64
CA SER B 352 -3.95 -40.94 -24.17
C SER B 352 -2.64 -40.36 -24.67
N MET B 353 -2.57 -39.04 -24.90
CA MET B 353 -1.34 -38.40 -25.34
C MET B 353 -0.33 -38.23 -24.22
N ILE B 354 -0.67 -38.60 -22.98
CA ILE B 354 0.32 -38.63 -21.90
C ILE B 354 1.44 -39.61 -22.23
N LYS B 355 1.10 -40.74 -22.84
CA LYS B 355 2.07 -41.78 -23.16
C LYS B 355 2.25 -42.03 -24.66
N LYS B 356 1.43 -41.44 -25.51
CA LYS B 356 1.48 -41.71 -26.94
C LYS B 356 1.52 -40.40 -27.72
N PRO B 357 2.15 -40.38 -28.89
CA PRO B 357 2.26 -39.14 -29.66
C PRO B 357 1.01 -38.77 -30.46
N ARG B 358 -0.01 -39.63 -30.48
CA ARG B 358 -1.23 -39.37 -31.24
C ARG B 358 -2.44 -39.71 -30.38
N PRO B 359 -3.49 -38.91 -30.46
CA PRO B 359 -4.69 -39.16 -29.65
C PRO B 359 -5.55 -40.26 -30.28
N THR B 360 -6.54 -40.69 -29.51
CA THR B 360 -7.53 -41.64 -30.00
C THR B 360 -8.64 -40.89 -30.74
N ARG B 361 -9.51 -41.67 -31.39
CA ARG B 361 -10.62 -41.05 -32.12
C ARG B 361 -11.62 -40.41 -31.17
N ALA B 362 -11.83 -41.01 -29.99
CA ALA B 362 -12.73 -40.42 -29.00
C ALA B 362 -12.21 -39.06 -28.54
N GLU B 363 -10.90 -38.96 -28.32
CA GLU B 363 -10.32 -37.72 -27.80
C GLU B 363 -10.29 -36.63 -28.87
N GLY B 364 -10.03 -37.00 -30.13
CA GLY B 364 -10.17 -36.03 -31.21
C GLY B 364 -11.61 -35.57 -31.36
N SER B 365 -12.56 -36.48 -31.13
CA SER B 365 -13.97 -36.09 -31.16
C SER B 365 -14.34 -35.19 -29.98
N ASP B 366 -13.72 -35.43 -28.81
CA ASP B 366 -14.04 -34.64 -27.64
C ASP B 366 -13.54 -33.20 -27.78
N VAL B 367 -12.40 -33.00 -28.44
CA VAL B 367 -11.89 -31.64 -28.62
C VAL B 367 -12.82 -30.83 -29.51
N ALA B 368 -13.15 -31.37 -30.68
CA ALA B 368 -14.01 -30.63 -31.61
C ALA B 368 -15.39 -30.39 -31.02
N ASN B 369 -15.96 -31.40 -30.36
CA ASN B 369 -17.29 -31.24 -29.78
C ASN B 369 -17.31 -30.22 -28.66
N ALA B 370 -16.21 -30.07 -27.93
CA ALA B 370 -16.13 -29.02 -26.92
C ALA B 370 -16.18 -27.64 -27.58
N VAL B 371 -15.44 -27.47 -28.67
CA VAL B 371 -15.48 -26.21 -29.41
C VAL B 371 -16.86 -26.00 -30.03
N LEU B 372 -17.42 -27.06 -30.64
CA LEU B 372 -18.75 -26.96 -31.20
C LEU B 372 -19.80 -26.68 -30.15
N ASP B 373 -19.60 -27.18 -28.92
CA ASP B 373 -20.51 -26.88 -27.82
C ASP B 373 -20.55 -25.37 -27.55
N GLY B 374 -19.41 -24.69 -27.69
CA GLY B 374 -19.33 -23.28 -27.42
C GLY B 374 -18.35 -22.94 -26.32
N ALA B 375 -17.39 -23.84 -26.08
CA ALA B 375 -16.44 -23.64 -24.99
C ALA B 375 -15.45 -22.53 -25.36
N ASP B 376 -15.29 -21.56 -24.46
CA ASP B 376 -14.35 -20.48 -24.68
C ASP B 376 -12.91 -21.00 -24.75
N CYS B 377 -12.56 -21.96 -23.89
CA CYS B 377 -11.21 -22.49 -23.83
C CYS B 377 -11.25 -24.00 -23.58
N ILE B 378 -10.28 -24.69 -24.15
CA ILE B 378 -10.04 -26.11 -23.88
C ILE B 378 -8.75 -26.22 -23.08
N MET B 379 -8.70 -27.21 -22.20
CA MET B 379 -7.60 -27.36 -21.27
C MET B 379 -6.86 -28.67 -21.48
N LEU B 380 -5.62 -28.71 -20.97
CA LEU B 380 -4.81 -29.92 -20.91
C LEU B 380 -4.24 -30.00 -19.51
N SER B 381 -4.29 -31.20 -18.92
CA SER B 381 -3.81 -31.41 -17.56
C SER B 381 -2.56 -32.27 -17.63
N GLY B 382 -2.65 -33.58 -17.38
CA GLY B 382 -1.48 -34.43 -17.43
C GLY B 382 -0.82 -34.50 -18.79
N GLU B 383 -1.56 -34.16 -19.85
CA GLU B 383 -0.99 -34.16 -21.19
C GLU B 383 0.19 -33.19 -21.29
N THR B 384 0.14 -32.07 -20.55
CA THR B 384 1.25 -31.13 -20.51
C THR B 384 1.97 -31.10 -19.18
N ALA B 385 1.34 -31.55 -18.10
CA ALA B 385 1.97 -31.48 -16.78
C ALA B 385 3.06 -32.53 -16.64
N LYS B 386 2.78 -33.78 -17.00
CA LYS B 386 3.73 -34.86 -16.82
C LYS B 386 3.86 -35.80 -18.01
N GLY B 387 3.11 -35.59 -19.09
CA GLY B 387 3.14 -36.51 -20.21
C GLY B 387 4.43 -36.42 -21.00
N ASP B 388 4.65 -37.45 -21.82
CA ASP B 388 5.85 -37.53 -22.65
C ASP B 388 5.74 -36.71 -23.92
N TYR B 389 4.56 -36.19 -24.25
CA TYR B 389 4.35 -35.40 -25.45
C TYR B 389 3.52 -34.17 -25.11
N PRO B 390 4.10 -33.22 -24.36
CA PRO B 390 3.32 -32.01 -24.02
C PRO B 390 3.08 -31.10 -25.20
N LEU B 391 4.06 -30.99 -26.11
CA LEU B 391 3.92 -30.09 -27.24
C LEU B 391 2.95 -30.62 -28.28
N GLU B 392 2.99 -31.93 -28.54
CA GLU B 392 2.10 -32.53 -29.52
C GLU B 392 0.64 -32.42 -29.08
N ALA B 393 0.38 -32.50 -27.77
CA ALA B 393 -0.97 -32.31 -27.27
C ALA B 393 -1.45 -30.89 -27.51
N VAL B 394 -0.58 -29.90 -27.27
CA VAL B 394 -0.93 -28.51 -27.53
C VAL B 394 -1.21 -28.30 -29.01
N ARG B 395 -0.38 -28.88 -29.88
CA ARG B 395 -0.59 -28.73 -31.32
C ARG B 395 -1.86 -29.44 -31.77
N MET B 396 -2.11 -30.63 -31.22
CA MET B 396 -3.33 -31.36 -31.57
C MET B 396 -4.57 -30.58 -31.18
N GLN B 397 -4.55 -29.98 -29.98
CA GLN B 397 -5.68 -29.17 -29.55
C GLN B 397 -5.86 -27.95 -30.44
N HIS B 398 -4.75 -27.35 -30.88
CA HIS B 398 -4.83 -26.20 -31.78
C HIS B 398 -5.33 -26.61 -33.16
N LEU B 399 -4.98 -27.81 -33.62
CA LEU B 399 -5.43 -28.27 -34.93
C LEU B 399 -6.93 -28.53 -34.93
N ILE B 400 -7.43 -29.24 -33.91
CA ILE B 400 -8.84 -29.60 -33.88
C ILE B 400 -9.72 -28.38 -33.62
N ALA B 401 -9.23 -27.44 -32.79
CA ALA B 401 -10.03 -26.25 -32.51
C ALA B 401 -10.26 -25.42 -33.76
N ARG B 402 -9.23 -25.27 -34.60
CA ARG B 402 -9.39 -24.50 -35.84
C ARG B 402 -10.41 -25.15 -36.76
N GLU B 403 -10.46 -26.48 -36.78
CA GLU B 403 -11.43 -27.18 -37.63
C GLU B 403 -12.85 -27.02 -37.10
N ALA B 404 -13.04 -27.24 -35.79
CA ALA B 404 -14.37 -27.15 -35.21
C ALA B 404 -14.90 -25.73 -35.22
N GLU B 405 -14.01 -24.73 -35.19
CA GLU B 405 -14.47 -23.34 -35.25
C GLU B 405 -15.13 -23.03 -36.58
N ALA B 406 -14.58 -23.55 -37.68
CA ALA B 406 -15.18 -23.32 -38.98
C ALA B 406 -16.47 -24.10 -39.17
N ALA B 407 -16.61 -25.24 -38.48
CA ALA B 407 -17.81 -26.07 -38.60
C ALA B 407 -18.98 -25.56 -37.77
N ILE B 408 -18.79 -24.51 -36.97
CA ILE B 408 -19.87 -23.99 -36.15
C ILE B 408 -20.97 -23.42 -37.04
N TYR B 409 -22.22 -23.73 -36.71
CA TYR B 409 -23.38 -23.20 -37.41
C TYR B 409 -23.60 -21.77 -36.93
N HIS B 410 -22.83 -20.85 -37.51
CA HIS B 410 -22.89 -19.46 -37.09
C HIS B 410 -24.27 -18.85 -37.35
N LEU B 411 -24.94 -19.29 -38.41
CA LEU B 411 -26.26 -18.73 -38.74
C LEU B 411 -27.26 -18.95 -37.62
N GLN B 412 -27.27 -20.15 -37.04
CA GLN B 412 -28.18 -20.43 -35.94
C GLN B 412 -27.65 -19.91 -34.61
N LEU B 413 -26.34 -20.01 -34.40
CA LEU B 413 -25.75 -19.56 -33.13
C LEU B 413 -25.96 -18.06 -32.92
N PHE B 414 -25.57 -17.25 -33.92
CA PHE B 414 -25.75 -15.80 -33.79
C PHE B 414 -27.21 -15.43 -33.64
N GLU B 415 -28.10 -16.12 -34.36
CA GLU B 415 -29.53 -15.83 -34.22
C GLU B 415 -30.02 -16.18 -32.82
N GLU B 416 -29.61 -17.33 -32.28
CA GLU B 416 -30.06 -17.73 -30.96
C GLU B 416 -29.44 -16.88 -29.86
N LEU B 417 -28.20 -16.41 -30.06
CA LEU B 417 -27.57 -15.56 -29.06
C LEU B 417 -28.25 -14.20 -28.98
N ARG B 418 -28.59 -13.62 -30.13
CA ARG B 418 -29.32 -12.36 -30.14
C ARG B 418 -30.74 -12.54 -29.60
N ARG B 419 -31.36 -13.67 -29.92
CA ARG B 419 -32.74 -13.91 -29.46
C ARG B 419 -32.83 -14.02 -27.95
N LEU B 420 -31.80 -14.56 -27.30
CA LEU B 420 -31.82 -14.77 -25.86
C LEU B 420 -31.12 -13.66 -25.08
N ALA B 421 -30.33 -12.81 -25.74
CA ALA B 421 -29.75 -11.67 -25.04
C ALA B 421 -30.79 -10.56 -24.93
N PRO B 422 -30.86 -9.88 -23.79
CA PRO B 422 -31.90 -8.86 -23.59
C PRO B 422 -31.56 -7.56 -24.32
N ILE B 423 -32.56 -6.69 -24.39
CA ILE B 423 -32.34 -5.34 -24.88
C ILE B 423 -31.47 -4.58 -23.88
N THR B 424 -30.71 -3.61 -24.38
CA THR B 424 -29.72 -2.92 -23.56
C THR B 424 -29.84 -1.42 -23.72
N SER B 425 -29.47 -0.70 -22.67
CA SER B 425 -29.29 0.74 -22.70
C SER B 425 -27.81 1.12 -22.78
N ASP B 426 -26.92 0.14 -22.89
CA ASP B 426 -25.49 0.40 -22.94
C ASP B 426 -25.08 0.60 -24.41
N PRO B 427 -24.56 1.77 -24.77
CA PRO B 427 -24.14 1.96 -26.18
C PRO B 427 -23.07 1.00 -26.64
N THR B 428 -22.26 0.46 -25.72
CA THR B 428 -21.21 -0.46 -26.13
C THR B 428 -21.77 -1.80 -26.58
N GLU B 429 -22.81 -2.31 -25.90
CA GLU B 429 -23.36 -3.60 -26.29
C GLU B 429 -24.11 -3.49 -27.62
N ALA B 430 -24.82 -2.38 -27.84
CA ALA B 430 -25.48 -2.18 -29.12
C ALA B 430 -24.46 -2.01 -30.24
N THR B 431 -23.33 -1.37 -29.96
CA THR B 431 -22.27 -1.26 -30.96
C THR B 431 -21.61 -2.61 -31.22
N ALA B 432 -21.52 -3.47 -30.19
CA ALA B 432 -20.85 -4.75 -30.36
C ALA B 432 -21.65 -5.67 -31.26
N VAL B 433 -22.96 -5.80 -31.01
CA VAL B 433 -23.78 -6.66 -31.86
C VAL B 433 -23.93 -6.07 -33.25
N GLY B 434 -23.93 -4.75 -33.37
CA GLY B 434 -23.92 -4.14 -34.68
C GLY B 434 -22.64 -4.41 -35.45
N ALA B 435 -21.51 -4.41 -34.76
CA ALA B 435 -20.23 -4.72 -35.41
C ALA B 435 -20.17 -6.18 -35.81
N VAL B 436 -20.67 -7.08 -34.95
CA VAL B 436 -20.70 -8.49 -35.31
C VAL B 436 -21.64 -8.73 -36.48
N GLU B 437 -22.82 -8.11 -36.45
CA GLU B 437 -23.74 -8.22 -37.57
C GLU B 437 -23.14 -7.65 -38.85
N ALA B 438 -22.46 -6.51 -38.75
CA ALA B 438 -21.75 -5.97 -39.90
C ALA B 438 -20.59 -6.88 -40.32
N SER B 439 -19.97 -7.57 -39.36
CA SER B 439 -18.85 -8.45 -39.70
C SER B 439 -19.32 -9.62 -40.55
N PHE B 440 -20.49 -10.17 -40.25
CA PHE B 440 -21.04 -11.23 -41.09
C PHE B 440 -21.43 -10.70 -42.47
N LYS B 441 -21.88 -9.45 -42.55
CA LYS B 441 -22.35 -8.91 -43.82
C LYS B 441 -21.22 -8.71 -44.81
N CYS B 442 -20.04 -8.29 -44.32
CA CYS B 442 -18.87 -8.08 -45.17
C CYS B 442 -17.88 -9.23 -45.10
N CYS B 443 -18.14 -10.24 -44.26
CA CYS B 443 -17.18 -11.33 -44.01
C CYS B 443 -15.79 -10.78 -43.74
N SER B 444 -15.74 -9.82 -42.81
CA SER B 444 -14.53 -9.05 -42.55
C SER B 444 -13.39 -9.95 -42.09
N GLY B 445 -12.16 -9.48 -42.31
CA GLY B 445 -11.00 -10.21 -41.86
C GLY B 445 -10.88 -10.26 -40.35
N ALA B 446 -11.38 -9.25 -39.66
CA ALA B 446 -11.32 -9.20 -38.20
C ALA B 446 -12.22 -8.08 -37.71
N ILE B 447 -12.40 -8.03 -36.39
CA ILE B 447 -13.07 -6.94 -35.71
C ILE B 447 -12.04 -6.33 -34.76
N ILE B 448 -11.46 -5.20 -35.16
CA ILE B 448 -10.47 -4.52 -34.33
C ILE B 448 -11.20 -3.75 -33.24
N VAL B 449 -10.82 -4.01 -31.99
CA VAL B 449 -11.48 -3.41 -30.83
C VAL B 449 -10.41 -2.81 -29.92
N LEU B 450 -10.47 -1.49 -29.75
CA LEU B 450 -9.63 -0.83 -28.77
C LEU B 450 -10.33 -0.92 -27.41
N THR B 451 -9.60 -1.39 -26.40
CA THR B 451 -10.19 -1.59 -25.09
C THR B 451 -9.10 -1.50 -24.02
N LYS B 452 -9.48 -0.97 -22.87
CA LYS B 452 -8.56 -0.81 -21.74
C LYS B 452 -8.75 -1.88 -20.67
N SER B 453 -10.00 -2.22 -20.34
CA SER B 453 -10.29 -3.26 -19.36
C SER B 453 -10.73 -4.56 -19.98
N GLY B 454 -10.92 -4.62 -21.30
CA GLY B 454 -11.34 -5.81 -21.99
C GLY B 454 -12.82 -5.95 -22.23
N ARG B 455 -13.64 -5.14 -21.54
CA ARG B 455 -15.10 -5.27 -21.67
C ARG B 455 -15.55 -5.11 -23.11
N SER B 456 -14.95 -4.17 -23.84
CA SER B 456 -15.34 -3.94 -25.23
C SER B 456 -15.14 -5.21 -26.06
N ALA B 457 -14.01 -5.88 -25.86
CA ALA B 457 -13.74 -7.09 -26.63
C ALA B 457 -14.62 -8.24 -26.17
N HIS B 458 -14.88 -8.34 -24.87
CA HIS B 458 -15.74 -9.41 -24.36
C HIS B 458 -17.15 -9.27 -24.90
N GLN B 459 -17.66 -8.05 -25.01
CA GLN B 459 -19.01 -7.85 -25.50
C GLN B 459 -19.12 -8.19 -26.98
N VAL B 460 -18.03 -8.07 -27.74
CA VAL B 460 -18.03 -8.54 -29.12
C VAL B 460 -17.98 -10.07 -29.17
N ALA B 461 -17.09 -10.66 -28.37
CA ALA B 461 -16.96 -12.12 -28.37
C ALA B 461 -18.23 -12.81 -27.89
N ARG B 462 -19.04 -12.10 -27.10
CA ARG B 462 -20.27 -12.70 -26.56
C ARG B 462 -21.22 -13.13 -27.67
N TYR B 463 -21.18 -12.46 -28.82
CA TYR B 463 -22.06 -12.77 -29.94
C TYR B 463 -21.39 -13.66 -30.98
N ARG B 464 -20.19 -14.16 -30.69
CA ARG B 464 -19.51 -15.21 -31.45
C ARG B 464 -19.39 -14.88 -32.94
N PRO B 465 -18.64 -13.87 -33.32
CA PRO B 465 -18.39 -13.64 -34.74
C PRO B 465 -17.40 -14.66 -35.29
N ARG B 466 -17.50 -14.92 -36.59
CA ARG B 466 -16.55 -15.81 -37.23
C ARG B 466 -15.17 -15.18 -37.30
N ALA B 467 -15.11 -13.89 -37.63
CA ALA B 467 -13.84 -13.21 -37.77
C ALA B 467 -13.16 -13.05 -36.39
N PRO B 468 -11.84 -13.13 -36.34
CA PRO B 468 -11.15 -12.93 -35.07
C PRO B 468 -11.32 -11.52 -34.56
N ILE B 469 -11.24 -11.38 -33.24
CA ILE B 469 -11.37 -10.08 -32.57
C ILE B 469 -9.98 -9.67 -32.12
N ILE B 470 -9.35 -8.77 -32.87
CA ILE B 470 -8.06 -8.23 -32.51
C ILE B 470 -8.29 -7.13 -31.47
N ALA B 471 -7.97 -7.42 -30.21
CA ALA B 471 -8.20 -6.49 -29.11
C ALA B 471 -6.90 -5.76 -28.79
N VAL B 472 -6.85 -4.46 -29.12
CA VAL B 472 -5.68 -3.64 -28.86
C VAL B 472 -5.80 -3.03 -27.47
N THR B 473 -4.73 -3.13 -26.69
CA THR B 473 -4.74 -2.61 -25.33
C THR B 473 -3.32 -2.24 -24.92
N ARG B 474 -3.23 -1.34 -23.94
CA ARG B 474 -1.98 -1.03 -23.26
C ARG B 474 -1.91 -1.65 -21.87
N ASN B 475 -3.00 -2.23 -21.39
CA ASN B 475 -3.01 -2.90 -20.09
C ASN B 475 -2.47 -4.31 -20.25
N PRO B 476 -1.34 -4.64 -19.63
CA PRO B 476 -0.80 -6.01 -19.78
C PRO B 476 -1.73 -7.08 -19.22
N GLN B 477 -2.39 -6.81 -18.10
CA GLN B 477 -3.26 -7.82 -17.48
C GLN B 477 -4.45 -8.15 -18.38
N THR B 478 -5.08 -7.12 -18.96
CA THR B 478 -6.23 -7.38 -19.84
C THR B 478 -5.81 -8.11 -21.11
N ALA B 479 -4.60 -7.86 -21.61
CA ALA B 479 -4.09 -8.64 -22.73
C ALA B 479 -3.90 -10.10 -22.37
N ARG B 480 -3.69 -10.40 -21.09
CA ARG B 480 -3.59 -11.78 -20.65
C ARG B 480 -4.95 -12.39 -20.34
N GLN B 481 -5.85 -11.62 -19.73
CA GLN B 481 -7.18 -12.10 -19.39
C GLN B 481 -8.07 -12.25 -20.61
N ALA B 482 -7.65 -11.74 -21.78
CA ALA B 482 -8.49 -11.82 -22.98
C ALA B 482 -8.54 -13.22 -23.56
N HIS B 483 -7.61 -14.09 -23.20
CA HIS B 483 -7.63 -15.46 -23.70
C HIS B 483 -8.84 -16.24 -23.19
N LEU B 484 -9.48 -15.79 -22.12
CA LEU B 484 -10.63 -16.48 -21.55
C LEU B 484 -11.88 -16.36 -22.42
N TYR B 485 -11.88 -15.48 -23.41
CA TYR B 485 -13.07 -15.25 -24.24
C TYR B 485 -12.77 -15.70 -25.67
N ARG B 486 -13.67 -16.51 -26.21
CA ARG B 486 -13.47 -17.10 -27.53
C ARG B 486 -13.37 -16.01 -28.60
N GLY B 487 -12.35 -16.13 -29.46
CA GLY B 487 -12.22 -15.27 -30.61
C GLY B 487 -11.38 -14.02 -30.40
N ILE B 488 -11.05 -13.68 -29.16
CA ILE B 488 -10.29 -12.46 -28.87
C ILE B 488 -8.81 -12.77 -29.01
N PHE B 489 -8.16 -12.13 -29.98
CA PHE B 489 -6.72 -12.22 -30.14
C PHE B 489 -6.11 -10.99 -29.48
N PRO B 490 -5.64 -11.09 -28.24
CA PRO B 490 -5.16 -9.89 -27.54
C PRO B 490 -3.82 -9.43 -28.08
N VAL B 491 -3.66 -8.11 -28.16
CA VAL B 491 -2.46 -7.49 -28.72
C VAL B 491 -2.08 -6.32 -27.84
N LEU B 492 -0.88 -6.36 -27.27
CA LEU B 492 -0.41 -5.35 -26.32
C LEU B 492 0.47 -4.35 -27.07
N CYS B 493 -0.04 -3.13 -27.22
CA CYS B 493 0.70 -2.08 -27.91
C CYS B 493 1.77 -1.51 -26.99
N LYS B 494 2.98 -1.34 -27.54
CA LYS B 494 4.12 -0.85 -26.78
C LYS B 494 4.46 0.61 -27.05
N ASP B 495 3.88 1.20 -28.11
CA ASP B 495 4.18 2.58 -28.43
C ASP B 495 3.67 3.51 -27.33
N PRO B 496 4.32 4.65 -27.12
CA PRO B 496 3.89 5.57 -26.07
C PRO B 496 2.60 6.30 -26.46
N VAL B 497 1.90 6.78 -25.44
CA VAL B 497 0.64 7.48 -25.64
C VAL B 497 0.90 8.81 -26.34
N GLN B 498 0.39 8.95 -27.55
CA GLN B 498 0.56 10.19 -28.29
C GLN B 498 -0.22 11.33 -27.62
N GLU B 499 0.26 12.55 -27.84
CA GLU B 499 -0.36 13.72 -27.22
C GLU B 499 -1.77 13.94 -27.75
N ALA B 500 -1.94 13.95 -29.07
CA ALA B 500 -3.26 14.08 -29.68
C ALA B 500 -3.98 12.75 -29.56
N TRP B 501 -5.12 12.76 -28.87
CA TRP B 501 -5.82 11.50 -28.59
C TRP B 501 -6.32 10.84 -29.86
N ALA B 502 -6.87 11.62 -30.80
CA ALA B 502 -7.31 11.06 -32.06
C ALA B 502 -6.17 10.41 -32.83
N GLU B 503 -4.96 10.96 -32.69
CA GLU B 503 -3.80 10.32 -33.31
C GLU B 503 -3.34 9.10 -32.53
N ASP B 504 -3.55 9.09 -31.21
CA ASP B 504 -3.21 7.91 -30.42
C ASP B 504 -4.15 6.75 -30.73
N VAL B 505 -5.38 7.06 -31.14
CA VAL B 505 -6.32 6.01 -31.50
C VAL B 505 -5.94 5.35 -32.82
N ASP B 506 -5.59 6.17 -33.82
CA ASP B 506 -5.20 5.63 -35.11
C ASP B 506 -3.90 4.85 -35.03
N LEU B 507 -3.02 5.20 -34.09
CA LEU B 507 -1.82 4.40 -33.87
C LEU B 507 -2.17 2.99 -33.42
N ARG B 508 -3.07 2.89 -32.44
CA ARG B 508 -3.50 1.58 -31.97
C ARG B 508 -4.32 0.85 -33.03
N VAL B 509 -5.14 1.59 -33.78
CA VAL B 509 -5.93 0.98 -34.84
C VAL B 509 -5.02 0.41 -35.92
N ASN B 510 -4.05 1.22 -36.38
CA ASN B 510 -3.12 0.75 -37.39
C ASN B 510 -2.11 -0.24 -36.85
N PHE B 511 -1.99 -0.35 -35.53
CA PHE B 511 -1.19 -1.43 -34.95
C PHE B 511 -1.86 -2.77 -35.19
N ALA B 512 -3.18 -2.85 -35.01
CA ALA B 512 -3.90 -4.09 -35.26
C ALA B 512 -3.82 -4.49 -36.74
N MET B 513 -3.83 -3.50 -37.63
CA MET B 513 -3.69 -3.80 -39.05
C MET B 513 -2.35 -4.46 -39.34
N ASN B 514 -1.28 -3.97 -38.71
CA ASN B 514 0.03 -4.60 -38.86
C ASN B 514 0.02 -6.01 -38.28
N VAL B 515 -0.61 -6.19 -37.13
CA VAL B 515 -0.69 -7.52 -36.50
C VAL B 515 -1.47 -8.47 -37.40
N GLY B 516 -2.59 -8.02 -37.94
CA GLY B 516 -3.39 -8.88 -38.80
C GLY B 516 -2.70 -9.24 -40.10
N LYS B 517 -2.02 -8.26 -40.71
CA LYS B 517 -1.29 -8.53 -41.94
C LYS B 517 -0.12 -9.48 -41.70
N ALA B 518 0.57 -9.31 -40.56
CA ALA B 518 1.73 -10.16 -40.28
C ALA B 518 1.29 -11.60 -40.04
N ARG B 519 0.37 -11.82 -39.11
CA ARG B 519 -0.12 -13.16 -38.79
C ARG B 519 -1.07 -13.72 -39.86
N GLY B 520 -1.22 -13.05 -40.99
CA GLY B 520 -2.02 -13.60 -42.08
C GLY B 520 -3.51 -13.59 -41.85
N PHE B 521 -4.00 -12.82 -40.88
CA PHE B 521 -5.45 -12.75 -40.66
C PHE B 521 -6.15 -12.05 -41.82
N PHE B 522 -5.47 -11.10 -42.46
CA PHE B 522 -5.99 -10.44 -43.65
C PHE B 522 -4.82 -9.78 -44.38
N LYS B 523 -5.12 -9.17 -45.52
CA LYS B 523 -4.11 -8.49 -46.34
C LYS B 523 -4.66 -7.12 -46.74
N LYS B 524 -3.84 -6.37 -47.47
CA LYS B 524 -4.25 -5.06 -47.93
C LYS B 524 -5.46 -5.17 -48.85
N GLY B 525 -6.39 -4.23 -48.71
CA GLY B 525 -7.62 -4.25 -49.46
C GLY B 525 -8.76 -5.00 -48.79
N ASP B 526 -8.46 -5.90 -47.86
CA ASP B 526 -9.51 -6.60 -47.13
C ASP B 526 -10.30 -5.62 -46.27
N VAL B 527 -11.57 -5.91 -46.09
CA VAL B 527 -12.46 -5.08 -45.30
C VAL B 527 -12.47 -5.59 -43.87
N VAL B 528 -12.31 -4.68 -42.91
CA VAL B 528 -12.32 -5.04 -41.50
C VAL B 528 -13.24 -4.10 -40.74
N ILE B 529 -13.67 -4.54 -39.57
CA ILE B 529 -14.46 -3.75 -38.64
C ILE B 529 -13.53 -3.23 -37.56
N VAL B 530 -13.63 -1.94 -37.25
CA VAL B 530 -12.80 -1.32 -36.21
C VAL B 530 -13.72 -0.64 -35.21
N LEU B 531 -13.57 -0.99 -33.93
CA LEU B 531 -14.40 -0.46 -32.86
C LEU B 531 -13.56 0.49 -32.01
N THR B 532 -13.98 1.75 -31.92
CA THR B 532 -13.38 2.74 -31.05
C THR B 532 -14.48 3.43 -30.25
N GLY B 533 -14.07 4.33 -29.37
CA GLY B 533 -15.00 5.15 -28.60
C GLY B 533 -14.90 6.61 -28.98
N TRP B 534 -15.62 7.43 -28.22
CA TRP B 534 -15.68 8.86 -28.47
C TRP B 534 -14.85 9.69 -27.50
N ARG B 535 -14.25 9.07 -26.48
CA ARG B 535 -13.39 9.78 -25.54
C ARG B 535 -12.53 8.74 -24.83
N PRO B 536 -11.36 9.13 -24.34
CA PRO B 536 -10.51 8.17 -23.62
C PRO B 536 -11.15 7.70 -22.33
N GLY B 537 -10.63 6.59 -21.82
CA GLY B 537 -11.21 5.94 -20.66
C GLY B 537 -12.15 4.81 -21.03
N SER B 538 -12.37 3.92 -20.08
CA SER B 538 -13.19 2.74 -20.31
C SER B 538 -14.67 3.09 -20.28
N GLY B 539 -15.45 2.38 -21.10
CA GLY B 539 -16.89 2.50 -21.09
C GLY B 539 -17.49 3.39 -22.14
N PHE B 540 -16.72 3.81 -23.15
CA PHE B 540 -17.19 4.76 -24.13
C PHE B 540 -17.11 4.24 -25.56
N THR B 541 -16.83 2.95 -25.74
CA THR B 541 -16.85 2.35 -27.08
C THR B 541 -18.25 2.46 -27.67
N ASN B 542 -18.35 3.12 -28.81
CA ASN B 542 -19.66 3.37 -29.41
C ASN B 542 -19.51 3.68 -30.89
N THR B 543 -18.30 3.55 -31.42
CA THR B 543 -18.01 3.94 -32.80
C THR B 543 -17.57 2.69 -33.56
N MET B 544 -18.30 2.38 -34.62
CA MET B 544 -17.99 1.25 -35.51
C MET B 544 -17.68 1.82 -36.89
N ARG B 545 -16.54 1.42 -37.44
CA ARG B 545 -16.11 1.88 -38.75
C ARG B 545 -15.78 0.68 -39.62
N VAL B 546 -16.31 0.68 -40.84
CA VAL B 546 -15.98 -0.33 -41.84
C VAL B 546 -14.91 0.26 -42.73
N VAL B 547 -13.68 -0.24 -42.61
CA VAL B 547 -12.55 0.36 -43.31
C VAL B 547 -11.77 -0.73 -44.06
N PRO B 548 -11.14 -0.39 -45.18
CA PRO B 548 -10.26 -1.35 -45.85
C PRO B 548 -8.90 -1.38 -45.16
N VAL B 549 -8.21 -2.51 -45.30
CA VAL B 549 -6.90 -2.68 -44.70
C VAL B 549 -5.89 -1.82 -45.47
N PRO B 550 -5.19 -0.89 -44.81
CA PRO B 550 -4.21 -0.01 -45.46
C PRO B 550 -2.95 -0.77 -45.87
N ILE C 32 -27.13 35.31 9.11
CA ILE C 32 -26.40 35.34 7.88
C ILE C 32 -26.53 36.63 7.13
N GLN C 33 -25.58 37.51 7.31
CA GLN C 33 -25.49 38.71 6.55
C GLN C 33 -25.05 38.15 5.18
N THR C 34 -24.05 38.72 4.57
CA THR C 34 -23.63 38.33 3.24
C THR C 34 -22.16 38.51 3.18
N GLN C 35 -21.52 37.72 2.37
CA GLN C 35 -20.09 37.90 2.07
C GLN C 35 -19.22 37.89 3.32
N GLN C 36 -19.66 37.15 4.35
CA GLN C 36 -18.92 37.06 5.63
C GLN C 36 -18.65 38.43 6.22
N LEU C 37 -19.58 39.36 6.02
CA LEU C 37 -19.39 40.72 6.52
C LEU C 37 -19.50 40.80 8.04
N HIS C 38 -20.22 39.87 8.67
CA HIS C 38 -20.24 39.81 10.12
C HIS C 38 -18.85 39.51 10.68
N ALA C 39 -18.12 38.62 10.01
CA ALA C 39 -16.75 38.31 10.43
C ALA C 39 -15.77 39.41 10.05
N ALA C 40 -16.08 40.21 9.02
CA ALA C 40 -15.17 41.27 8.59
C ALA C 40 -15.10 42.42 9.59
N MET C 41 -16.04 42.50 10.52
CA MET C 41 -16.06 43.58 11.51
C MET C 41 -15.55 43.14 12.87
N ALA C 42 -14.83 42.01 12.92
CA ALA C 42 -14.27 41.54 14.19
C ALA C 42 -12.96 42.27 14.48
N ASP C 43 -12.75 42.60 15.76
CA ASP C 43 -11.55 43.31 16.16
C ASP C 43 -10.32 42.41 16.22
N THR C 44 -10.50 41.10 16.35
CA THR C 44 -9.39 40.16 16.36
C THR C 44 -9.57 39.14 15.25
N PHE C 45 -8.45 38.54 14.82
CA PHE C 45 -8.52 37.48 13.83
C PHE C 45 -9.16 36.22 14.41
N LEU C 46 -8.94 35.95 15.69
CA LEU C 46 -9.57 34.81 16.33
C LEU C 46 -11.09 34.93 16.29
N GLU C 47 -11.62 36.09 16.70
CA GLU C 47 -13.06 36.30 16.62
C GLU C 47 -13.55 36.30 15.18
N HIS C 48 -12.73 36.79 14.24
CA HIS C 48 -13.10 36.71 12.83
C HIS C 48 -13.30 35.27 12.39
N MET C 49 -12.46 34.36 12.90
CA MET C 49 -12.64 32.94 12.59
C MET C 49 -13.93 32.39 13.19
N CYS C 50 -14.22 32.77 14.44
CA CYS C 50 -15.38 32.25 15.13
C CYS C 50 -16.69 32.69 14.47
N ARG C 51 -16.69 33.83 13.78
CA ARG C 51 -17.90 34.36 13.18
C ARG C 51 -18.09 33.93 11.74
N LEU C 52 -17.22 33.06 11.21
CA LEU C 52 -17.40 32.53 9.87
C LEU C 52 -18.69 31.72 9.80
N ASP C 53 -19.51 32.02 8.80
CA ASP C 53 -20.85 31.45 8.69
C ASP C 53 -20.97 30.72 7.37
N ILE C 54 -21.34 29.44 7.42
CA ILE C 54 -21.60 28.68 6.20
C ILE C 54 -22.90 29.11 5.55
N ASP C 55 -23.77 29.79 6.28
CA ASP C 55 -25.04 30.28 5.76
C ASP C 55 -24.97 31.72 5.27
N SER C 56 -23.80 32.35 5.31
CA SER C 56 -23.63 33.68 4.75
C SER C 56 -23.12 33.55 3.32
N PRO C 57 -24.00 33.62 2.32
CA PRO C 57 -23.59 33.31 0.95
C PRO C 57 -22.73 34.44 0.40
N PRO C 58 -21.81 34.12 -0.51
CA PRO C 58 -20.93 35.17 -1.07
C PRO C 58 -21.68 36.03 -2.06
N ILE C 59 -21.76 37.33 -1.77
CA ILE C 59 -22.09 38.30 -2.81
C ILE C 59 -20.98 38.16 -3.83
N THR C 60 -21.31 37.61 -4.99
CA THR C 60 -20.36 36.89 -5.85
C THR C 60 -19.21 37.72 -6.41
N ALA C 61 -19.03 37.65 -7.74
CA ALA C 61 -17.82 38.13 -8.40
C ALA C 61 -16.60 37.42 -7.83
N ARG C 62 -16.18 36.32 -8.47
CA ARG C 62 -15.04 35.56 -8.00
C ARG C 62 -13.76 36.33 -8.30
N ASN C 63 -12.97 36.62 -7.26
CA ASN C 63 -11.82 37.51 -7.36
C ASN C 63 -10.49 36.80 -7.49
N THR C 64 -10.48 35.48 -7.66
CA THR C 64 -9.24 34.74 -7.80
C THR C 64 -9.22 34.06 -9.17
N GLY C 65 -8.14 34.25 -9.91
CA GLY C 65 -8.07 33.71 -11.25
C GLY C 65 -7.85 32.21 -11.24
N ILE C 66 -8.45 31.54 -12.23
CA ILE C 66 -8.34 30.10 -12.39
C ILE C 66 -7.57 29.81 -13.67
N ILE C 67 -6.46 29.07 -13.53
CA ILE C 67 -5.65 28.63 -14.67
C ILE C 67 -5.81 27.12 -14.80
N CYS C 68 -6.11 26.67 -16.01
CA CYS C 68 -6.31 25.25 -16.29
C CYS C 68 -5.37 24.82 -17.40
N THR C 69 -4.60 23.75 -17.14
CA THR C 69 -3.75 23.16 -18.17
C THR C 69 -4.63 22.41 -19.16
N ILE C 70 -4.38 22.61 -20.45
CA ILE C 70 -5.16 21.95 -21.49
C ILE C 70 -4.45 20.67 -21.90
N GLY C 71 -5.23 19.63 -22.13
CA GLY C 71 -4.71 18.36 -22.60
C GLY C 71 -5.75 17.58 -23.37
N PRO C 72 -5.58 16.26 -23.45
CA PRO C 72 -6.57 15.43 -24.17
C PRO C 72 -7.98 15.57 -23.64
N ALA C 73 -8.16 15.84 -22.34
CA ALA C 73 -9.48 15.92 -21.73
C ALA C 73 -10.15 17.26 -21.95
N SER C 74 -9.43 18.27 -22.45
CA SER C 74 -9.99 19.61 -22.57
C SER C 74 -9.56 20.32 -23.85
N ARG C 75 -9.02 19.60 -24.83
CA ARG C 75 -8.51 20.26 -26.03
C ARG C 75 -9.62 20.67 -27.00
N SER C 76 -10.75 19.96 -26.98
CA SER C 76 -11.79 20.20 -27.96
C SER C 76 -12.42 21.57 -27.75
N VAL C 77 -12.98 22.10 -28.85
CA VAL C 77 -13.58 23.42 -28.81
C VAL C 77 -14.81 23.43 -27.91
N GLU C 78 -15.64 22.38 -28.00
CA GLU C 78 -16.84 22.31 -27.18
C GLU C 78 -16.51 22.20 -25.70
N THR C 79 -15.45 21.45 -25.37
CA THR C 79 -15.03 21.37 -23.98
C THR C 79 -14.52 22.71 -23.47
N LEU C 80 -13.68 23.39 -24.26
CA LEU C 80 -13.14 24.68 -23.84
C LEU C 80 -14.23 25.71 -23.65
N LYS C 81 -15.30 25.63 -24.43
CA LYS C 81 -16.43 26.54 -24.23
C LYS C 81 -17.02 26.36 -22.84
N GLU C 82 -17.16 25.10 -22.39
CA GLU C 82 -17.69 24.83 -21.06
C GLU C 82 -16.71 25.25 -19.98
N MET C 83 -15.40 25.07 -20.23
CA MET C 83 -14.40 25.51 -19.26
C MET C 83 -14.48 27.01 -19.03
N ILE C 84 -14.66 27.79 -20.09
CA ILE C 84 -14.80 29.23 -19.96
C ILE C 84 -16.05 29.57 -19.17
N LYS C 85 -17.18 28.94 -19.52
CA LYS C 85 -18.42 29.19 -18.80
C LYS C 85 -18.33 28.76 -17.35
N SER C 86 -17.55 27.71 -17.07
CA SER C 86 -17.37 27.28 -15.69
C SER C 86 -16.39 28.16 -14.92
N GLY C 87 -15.55 28.92 -15.61
CA GLY C 87 -14.73 29.91 -14.94
C GLY C 87 -13.26 29.93 -15.27
N MET C 88 -12.85 29.23 -16.33
CA MET C 88 -11.44 29.25 -16.72
C MET C 88 -11.08 30.63 -17.26
N ASN C 89 -10.31 31.40 -16.66
CA ASN C 89 -9.79 32.62 -17.05
C ASN C 89 -8.53 32.56 -17.76
N VAL C 90 -7.43 31.49 -17.67
CA VAL C 90 -6.14 31.36 -18.34
C VAL C 90 -5.96 29.92 -18.77
N ALA C 91 -5.67 29.71 -20.05
CA ALA C 91 -5.36 28.38 -20.57
C ALA C 91 -3.85 28.19 -20.55
N ARG C 92 -3.39 27.14 -19.88
CA ARG C 92 -1.96 26.88 -19.73
C ARG C 92 -1.54 25.78 -20.69
N LEU C 93 -0.48 26.04 -21.45
CA LEU C 93 0.11 25.07 -22.37
C LEU C 93 1.42 24.59 -21.77
N ASN C 94 1.48 23.30 -21.43
CA ASN C 94 2.69 22.71 -20.86
C ASN C 94 3.57 22.21 -21.99
N PHE C 95 4.61 22.97 -22.31
CA PHE C 95 5.52 22.61 -23.40
C PHE C 95 6.52 21.53 -23.01
N SER C 96 6.33 20.87 -21.86
CA SER C 96 7.11 19.68 -21.55
C SER C 96 6.80 18.53 -22.49
N HIS C 97 5.61 18.55 -23.11
CA HIS C 97 5.20 17.54 -24.07
C HIS C 97 4.55 18.24 -25.26
N GLY C 98 4.27 17.46 -26.30
CA GLY C 98 3.62 17.97 -27.48
C GLY C 98 4.56 18.74 -28.39
N THR C 99 4.18 18.80 -29.67
CA THR C 99 4.93 19.51 -30.68
C THR C 99 4.32 20.90 -30.88
N HIS C 100 4.96 21.70 -31.75
CA HIS C 100 4.50 23.05 -31.99
C HIS C 100 3.14 23.06 -32.69
N GLU C 101 2.96 22.21 -33.71
CA GLU C 101 1.66 22.15 -34.39
C GLU C 101 0.57 21.63 -33.47
N TYR C 102 0.92 20.79 -32.49
CA TYR C 102 -0.06 20.36 -31.50
C TYR C 102 -0.51 21.53 -30.64
N HIS C 103 0.45 22.27 -30.08
CA HIS C 103 0.10 23.44 -29.27
C HIS C 103 -0.56 24.53 -30.10
N ALA C 104 -0.24 24.61 -31.39
CA ALA C 104 -0.84 25.63 -32.24
C ALA C 104 -2.34 25.39 -32.39
N GLU C 105 -2.76 24.14 -32.51
CA GLU C 105 -4.19 23.85 -32.60
C GLU C 105 -4.89 24.10 -31.26
N THR C 106 -4.21 23.78 -30.15
CA THR C 106 -4.76 24.11 -28.84
C THR C 106 -5.05 25.59 -28.73
N ILE C 107 -4.08 26.43 -29.11
CA ILE C 107 -4.28 27.87 -29.08
C ILE C 107 -5.45 28.26 -29.99
N LYS C 108 -5.48 27.71 -31.20
CA LYS C 108 -6.58 27.99 -32.11
C LYS C 108 -7.91 27.53 -31.52
N ASN C 109 -7.90 26.39 -30.83
CA ASN C 109 -9.14 25.92 -30.18
C ASN C 109 -9.55 26.83 -29.04
N VAL C 110 -8.58 27.33 -28.27
CA VAL C 110 -8.90 28.24 -27.18
C VAL C 110 -9.47 29.54 -27.71
N ARG C 111 -8.86 30.10 -28.75
CA ARG C 111 -9.35 31.35 -29.32
C ARG C 111 -10.69 31.16 -30.03
N THR C 112 -10.93 29.98 -30.61
CA THR C 112 -12.24 29.71 -31.19
C THR C 112 -13.31 29.67 -30.12
N ALA C 113 -13.05 28.96 -29.02
CA ALA C 113 -14.02 28.87 -27.94
C ALA C 113 -14.24 30.23 -27.27
N THR C 114 -13.16 30.99 -27.09
CA THR C 114 -13.29 32.30 -26.46
C THR C 114 -14.07 33.27 -27.33
N GLU C 115 -13.67 33.38 -28.61
CA GLU C 115 -14.35 34.32 -29.51
C GLU C 115 -15.77 33.89 -29.85
N SER C 116 -16.20 32.71 -29.41
CA SER C 116 -17.60 32.32 -29.57
C SER C 116 -18.55 33.12 -28.69
N PHE C 117 -18.02 33.89 -27.74
CA PHE C 117 -18.81 34.77 -26.89
C PHE C 117 -18.61 36.24 -27.21
N ALA C 118 -17.84 36.57 -28.25
CA ALA C 118 -17.48 37.95 -28.55
C ALA C 118 -18.61 38.75 -29.18
N SER C 119 -19.75 38.13 -29.50
CA SER C 119 -20.84 38.86 -30.12
C SER C 119 -21.47 39.86 -29.16
N ASP C 120 -21.36 39.61 -27.86
CA ASP C 120 -21.81 40.56 -26.83
C ASP C 120 -20.61 40.97 -26.00
N PRO C 121 -20.04 42.16 -26.24
CA PRO C 121 -18.87 42.58 -25.44
C PRO C 121 -19.19 42.83 -23.98
N ILE C 122 -20.47 42.96 -23.62
CA ILE C 122 -20.82 43.17 -22.22
C ILE C 122 -20.57 41.92 -21.40
N LEU C 123 -20.90 40.75 -21.95
CA LEU C 123 -20.72 39.48 -21.26
C LEU C 123 -19.47 38.73 -21.71
N TYR C 124 -18.72 39.29 -22.67
CA TYR C 124 -17.51 38.61 -23.16
C TYR C 124 -16.48 38.53 -22.05
N ARG C 125 -15.84 37.37 -21.93
CA ARG C 125 -14.79 37.20 -20.96
C ARG C 125 -13.51 36.91 -21.60
N PRO C 126 -12.50 37.72 -21.42
CA PRO C 126 -11.17 37.44 -21.99
C PRO C 126 -10.58 36.18 -21.38
N VAL C 127 -9.84 35.44 -22.22
CA VAL C 127 -9.18 34.21 -21.81
C VAL C 127 -7.73 34.30 -22.25
N ALA C 128 -6.81 34.21 -21.30
CA ALA C 128 -5.39 34.35 -21.59
C ALA C 128 -4.78 33.01 -21.95
N VAL C 129 -3.69 33.07 -22.72
CA VAL C 129 -2.95 31.90 -23.15
C VAL C 129 -1.57 31.95 -22.48
N ALA C 130 -1.19 30.85 -21.83
CA ALA C 130 0.04 30.80 -21.05
C ALA C 130 0.92 29.67 -21.57
N LEU C 131 2.19 29.99 -21.83
CA LEU C 131 3.18 29.01 -22.26
C LEU C 131 4.01 28.59 -21.05
N ASP C 132 3.97 27.31 -20.72
CA ASP C 132 4.78 26.73 -19.65
C ASP C 132 5.97 26.04 -20.29
N THR C 133 7.16 26.58 -20.07
CA THR C 133 8.36 26.05 -20.71
C THR C 133 8.75 24.72 -20.10
N LYS C 134 9.38 23.88 -20.93
CA LYS C 134 9.88 22.59 -20.43
C LYS C 134 10.97 22.81 -19.39
N GLY C 135 11.94 23.68 -19.69
CA GLY C 135 13.01 23.98 -18.79
C GLY C 135 14.05 22.87 -18.72
N PRO C 136 15.01 22.99 -17.80
CA PRO C 136 16.04 21.96 -17.66
C PRO C 136 15.53 20.69 -17.02
N GLU C 137 14.86 19.86 -17.79
CA GLU C 137 14.30 18.61 -17.29
C GLU C 137 15.33 17.49 -17.37
N ILE C 138 15.06 16.41 -16.64
CA ILE C 138 15.90 15.21 -16.65
C ILE C 138 14.97 14.01 -16.71
N ARG C 139 15.05 13.24 -17.79
CA ARG C 139 14.20 12.07 -18.01
C ARG C 139 15.04 10.80 -17.99
N THR C 140 14.36 9.66 -18.13
CA THR C 140 14.99 8.36 -18.16
C THR C 140 14.82 7.72 -19.54
N GLY C 141 15.18 6.43 -19.64
CA GLY C 141 15.08 5.69 -20.88
C GLY C 141 13.80 4.86 -20.96
N LEU C 142 13.77 4.01 -21.98
CA LEU C 142 12.60 3.19 -22.27
C LEU C 142 12.72 1.83 -21.59
N ILE C 143 11.87 0.89 -21.98
CA ILE C 143 11.87 -0.46 -21.41
C ILE C 143 12.69 -1.41 -22.28
N GLU C 150 7.64 -0.84 -17.38
CA GLU C 150 7.91 -0.59 -15.96
C GLU C 150 8.54 -1.80 -15.29
N VAL C 151 9.56 -1.55 -14.47
CA VAL C 151 10.23 -2.61 -13.72
C VAL C 151 9.83 -2.52 -12.26
N GLU C 152 10.46 -3.32 -11.41
CA GLU C 152 10.18 -3.34 -9.98
C GLU C 152 11.49 -3.14 -9.22
N LEU C 153 11.66 -1.96 -8.64
CA LEU C 153 12.85 -1.65 -7.85
C LEU C 153 12.60 -2.08 -6.40
N LYS C 154 13.48 -2.93 -5.88
CA LYS C 154 13.40 -3.37 -4.50
C LYS C 154 14.21 -2.44 -3.61
N LYS C 155 13.75 -2.27 -2.38
CA LYS C 155 14.42 -1.40 -1.43
C LYS C 155 15.80 -1.97 -1.08
N GLY C 156 16.81 -1.13 -1.10
CA GLY C 156 18.17 -1.56 -0.83
C GLY C 156 18.86 -2.27 -1.97
N ALA C 157 18.27 -2.29 -3.16
CA ALA C 157 18.88 -2.93 -4.31
C ALA C 157 19.99 -2.04 -4.87
N THR C 158 20.49 -2.39 -6.05
CA THR C 158 21.57 -1.65 -6.70
C THR C 158 21.21 -1.41 -8.16
N LEU C 159 21.29 -0.16 -8.59
CA LEU C 159 21.04 0.22 -9.97
C LEU C 159 22.14 1.18 -10.42
N LYS C 160 22.79 0.85 -11.53
CA LYS C 160 23.90 1.64 -12.04
C LYS C 160 23.34 2.74 -12.94
N ILE C 161 23.27 3.96 -12.41
CA ILE C 161 22.84 5.10 -13.20
C ILE C 161 23.87 5.36 -14.28
N THR C 162 23.47 5.19 -15.54
CA THR C 162 24.38 5.23 -16.68
C THR C 162 24.02 6.41 -17.57
N LEU C 163 24.87 7.44 -17.57
CA LEU C 163 24.74 8.54 -18.52
C LEU C 163 25.38 8.16 -19.86
N ASP C 164 24.91 7.04 -20.39
CA ASP C 164 25.48 6.42 -21.58
C ASP C 164 24.37 6.23 -22.61
N ASN C 165 24.49 6.92 -23.76
CA ASN C 165 23.45 6.89 -24.77
C ASN C 165 23.22 5.50 -25.37
N ALA C 166 24.07 4.53 -25.06
CA ALA C 166 23.87 3.17 -25.57
C ALA C 166 22.61 2.56 -24.98
N TYR C 167 22.51 2.53 -23.65
CA TYR C 167 21.38 1.89 -22.99
C TYR C 167 20.23 2.89 -22.81
N MET C 168 20.07 3.79 -23.77
CA MET C 168 18.98 4.77 -23.70
C MET C 168 17.62 4.13 -23.89
N GLU C 169 17.56 2.91 -24.41
CA GLU C 169 16.32 2.18 -24.57
C GLU C 169 16.34 0.81 -23.90
N LYS C 170 17.47 0.41 -23.32
CA LYS C 170 17.59 -0.89 -22.65
C LYS C 170 17.70 -0.71 -21.14
N CYS C 171 16.74 -0.01 -20.54
CA CYS C 171 16.72 0.22 -19.10
C CYS C 171 16.02 -0.96 -18.42
N ASP C 172 16.71 -1.57 -17.47
CA ASP C 172 16.15 -2.69 -16.70
C ASP C 172 16.03 -2.31 -15.24
N GLU C 173 16.39 -3.24 -14.34
CA GLU C 173 16.36 -3.01 -12.91
C GLU C 173 17.76 -2.85 -12.32
N ASN C 174 18.76 -2.59 -13.17
CA ASN C 174 20.13 -2.44 -12.71
C ASN C 174 20.90 -1.47 -13.59
N ILE C 175 20.29 -1.03 -14.68
CA ILE C 175 20.94 -0.11 -15.61
C ILE C 175 19.93 0.96 -16.05
N LEU C 176 19.96 2.12 -15.41
CA LEU C 176 19.07 3.21 -15.73
C LEU C 176 19.85 4.30 -16.45
N TRP C 177 19.23 4.92 -17.45
CA TRP C 177 19.87 5.94 -18.26
C TRP C 177 19.30 7.32 -17.93
N LEU C 178 20.17 8.32 -17.92
CA LEU C 178 19.78 9.72 -17.73
C LEU C 178 20.26 10.53 -18.92
N ASP C 179 19.54 11.61 -19.20
CA ASP C 179 19.88 12.51 -20.31
C ASP C 179 20.58 13.77 -19.84
N TYR C 180 21.23 13.74 -18.67
CA TYR C 180 21.90 14.89 -18.10
C TYR C 180 23.39 14.83 -18.45
N LYS C 181 23.88 15.86 -19.12
CA LYS C 181 25.30 16.00 -19.40
C LYS C 181 25.98 16.66 -18.20
N ASN C 182 27.03 16.01 -17.70
CA ASN C 182 27.73 16.41 -16.46
C ASN C 182 26.93 16.06 -15.21
N ILE C 183 26.28 14.89 -15.23
CA ILE C 183 25.59 14.42 -14.04
C ILE C 183 26.58 13.94 -12.99
N CYS C 184 27.67 13.32 -13.43
CA CYS C 184 28.68 12.83 -12.50
C CYS C 184 29.44 13.96 -11.80
N LYS C 185 29.43 15.16 -12.38
CA LYS C 185 30.13 16.29 -11.79
C LYS C 185 29.27 17.02 -10.77
N VAL C 186 27.97 17.17 -11.04
CA VAL C 186 27.08 17.91 -10.14
C VAL C 186 26.65 17.11 -8.92
N VAL C 187 26.95 15.81 -8.89
CA VAL C 187 26.50 14.94 -7.81
C VAL C 187 27.65 14.70 -6.84
N GLU C 188 27.29 14.43 -5.58
CA GLU C 188 28.25 14.08 -4.54
C GLU C 188 27.78 12.81 -3.86
N VAL C 189 28.75 12.03 -3.37
CA VAL C 189 28.44 10.74 -2.74
C VAL C 189 27.62 10.98 -1.48
N GLY C 190 26.68 10.07 -1.21
CA GLY C 190 25.81 10.16 -0.07
C GLY C 190 24.54 10.95 -0.31
N SER C 191 24.47 11.73 -1.38
CA SER C 191 23.28 12.50 -1.68
C SER C 191 22.16 11.56 -2.17
N LYS C 192 21.04 12.16 -2.56
CA LYS C 192 19.87 11.40 -2.97
C LYS C 192 19.45 11.77 -4.38
N ILE C 193 18.73 10.85 -5.02
CA ILE C 193 18.20 11.04 -6.36
C ILE C 193 16.77 10.50 -6.37
N TYR C 194 15.86 11.26 -6.99
CA TYR C 194 14.44 10.96 -6.94
C TYR C 194 13.91 10.86 -8.37
N VAL C 195 13.46 9.65 -8.74
CA VAL C 195 12.96 9.39 -10.08
C VAL C 195 11.45 9.25 -10.02
N ASP C 196 10.81 9.55 -11.16
CA ASP C 196 9.36 9.50 -11.32
C ASP C 196 8.66 10.36 -10.24
N ASP C 197 8.89 11.66 -10.37
CA ASP C 197 8.25 12.66 -9.51
C ASP C 197 8.48 12.36 -8.03
N GLY C 198 9.68 11.90 -7.70
CA GLY C 198 10.04 11.64 -6.32
C GLY C 198 9.53 10.34 -5.74
N LEU C 199 9.01 9.44 -6.57
CA LEU C 199 8.52 8.16 -6.06
C LEU C 199 9.66 7.29 -5.57
N ILE C 200 10.66 7.06 -6.41
CA ILE C 200 11.82 6.25 -6.04
C ILE C 200 12.89 7.18 -5.49
N SER C 201 13.61 6.72 -4.47
CA SER C 201 14.68 7.47 -3.85
C SER C 201 15.97 6.66 -3.88
N LEU C 202 17.06 7.29 -4.26
CA LEU C 202 18.35 6.63 -4.32
C LEU C 202 19.39 7.36 -3.46
N GLU C 217 17.30 3.24 -1.86
CA GLU C 217 16.41 3.63 -0.75
C GLU C 217 14.96 3.37 -1.12
N ASN C 218 14.08 4.28 -0.70
CA ASN C 218 12.65 4.13 -0.93
C ASN C 218 12.31 4.17 -2.40
N GLY C 219 12.12 2.99 -3.02
CA GLY C 219 11.81 2.92 -4.42
C GLY C 219 10.75 1.87 -4.68
N GLY C 220 10.04 2.04 -5.81
CA GLY C 220 8.96 1.14 -6.16
C GLY C 220 9.02 0.64 -7.59
N SER C 221 8.02 0.98 -8.39
CA SER C 221 7.93 0.54 -9.78
C SER C 221 8.49 1.64 -10.69
N LEU C 222 9.74 1.48 -11.12
CA LEU C 222 10.36 2.46 -12.01
C LEU C 222 9.83 2.28 -13.42
N GLY C 223 9.32 3.36 -13.99
CA GLY C 223 8.77 3.36 -15.34
C GLY C 223 9.78 3.76 -16.38
N SER C 224 9.27 4.28 -17.50
CA SER C 224 10.09 4.69 -18.63
C SER C 224 9.91 6.19 -18.88
N LYS C 225 11.01 6.87 -19.18
CA LYS C 225 11.00 8.30 -19.48
C LYS C 225 10.41 9.11 -18.33
N LYS C 226 10.77 8.74 -17.10
CA LYS C 226 10.28 9.42 -15.92
C LYS C 226 11.24 10.54 -15.49
N GLY C 227 10.69 11.52 -14.79
CA GLY C 227 11.49 12.66 -14.37
C GLY C 227 12.42 12.30 -13.22
N VAL C 228 13.61 12.90 -13.24
CA VAL C 228 14.61 12.71 -12.20
C VAL C 228 14.89 14.05 -11.54
N ASN C 229 14.78 14.08 -10.21
CA ASN C 229 15.05 15.28 -9.43
C ASN C 229 16.28 15.04 -8.58
N LEU C 230 17.22 16.00 -8.58
CA LEU C 230 18.47 15.91 -7.84
C LEU C 230 18.52 17.06 -6.84
N PRO C 231 17.91 16.88 -5.66
CA PRO C 231 17.91 17.97 -4.67
C PRO C 231 19.31 18.31 -4.21
N GLY C 232 19.43 19.47 -3.56
CA GLY C 232 20.70 20.01 -3.17
C GLY C 232 21.32 20.94 -4.19
N ALA C 233 20.93 20.81 -5.47
CA ALA C 233 21.32 21.72 -6.54
C ALA C 233 22.81 21.63 -6.90
N ALA C 234 23.11 21.92 -8.18
CA ALA C 234 24.43 21.98 -8.79
C ALA C 234 24.23 21.87 -10.30
N VAL C 235 22.97 21.97 -10.73
CA VAL C 235 22.60 21.69 -12.11
C VAL C 235 23.18 22.76 -13.01
N ASP C 236 24.16 22.39 -13.83
CA ASP C 236 24.76 23.29 -14.81
C ASP C 236 23.95 23.40 -16.08
N LEU C 237 22.75 22.82 -16.12
CA LEU C 237 21.92 22.91 -17.30
C LEU C 237 21.51 24.36 -17.54
N PRO C 238 21.43 24.81 -18.79
CA PRO C 238 21.16 26.21 -19.05
C PRO C 238 19.74 26.59 -18.65
N ALA C 239 19.56 27.87 -18.30
CA ALA C 239 18.24 28.36 -17.95
C ALA C 239 17.27 28.26 -19.13
N VAL C 240 17.73 28.64 -20.32
CA VAL C 240 16.93 28.57 -21.54
C VAL C 240 17.65 27.60 -22.47
N SER C 241 17.13 26.37 -22.57
CA SER C 241 17.74 25.36 -23.43
C SER C 241 17.49 25.69 -24.89
N GLU C 242 18.03 24.85 -25.77
CA GLU C 242 17.78 25.00 -27.20
C GLU C 242 16.30 24.78 -27.52
N LYS C 243 15.68 23.80 -26.87
CA LYS C 243 14.25 23.59 -27.03
C LYS C 243 13.46 24.74 -26.43
N ASP C 244 13.93 25.28 -25.29
CA ASP C 244 13.24 26.40 -24.66
C ASP C 244 13.25 27.63 -25.55
N ILE C 245 14.37 27.89 -26.23
CA ILE C 245 14.47 29.07 -27.09
C ILE C 245 13.45 29.00 -28.21
N GLN C 246 13.36 27.84 -28.87
CA GLN C 246 12.39 27.69 -29.96
C GLN C 246 10.96 27.72 -29.46
N ASP C 247 10.72 27.24 -28.24
CA ASP C 247 9.38 27.32 -27.67
C ASP C 247 8.97 28.76 -27.41
N LEU C 248 9.88 29.55 -26.81
CA LEU C 248 9.58 30.96 -26.56
C LEU C 248 9.40 31.73 -27.85
N LYS C 249 10.26 31.50 -28.84
CA LYS C 249 10.09 32.11 -30.15
C LYS C 249 8.78 31.67 -30.80
N PHE C 250 8.32 30.47 -30.48
CA PHE C 250 7.00 30.05 -30.93
C PHE C 250 5.91 30.80 -30.18
N GLY C 251 6.10 31.02 -28.88
CA GLY C 251 5.09 31.71 -28.09
C GLY C 251 4.86 33.14 -28.56
N VAL C 252 5.95 33.89 -28.80
CA VAL C 252 5.80 35.25 -29.30
C VAL C 252 5.18 35.24 -30.69
N GLU C 253 5.53 34.24 -31.51
CA GLU C 253 4.90 34.10 -32.81
C GLU C 253 3.40 33.81 -32.69
N GLN C 254 3.00 33.13 -31.63
CA GLN C 254 1.59 32.80 -31.40
C GLN C 254 0.85 33.85 -30.58
N ASP C 255 1.51 34.95 -30.21
CA ASP C 255 0.89 36.03 -29.45
C ASP C 255 0.40 35.55 -28.08
N VAL C 256 1.26 34.81 -27.37
CA VAL C 256 0.90 34.36 -26.04
C VAL C 256 0.90 35.55 -25.07
N ASP C 257 0.15 35.40 -23.99
CA ASP C 257 0.01 36.47 -23.01
C ASP C 257 1.03 36.41 -21.88
N MET C 258 1.41 35.20 -21.45
CA MET C 258 2.36 35.07 -20.36
C MET C 258 3.19 33.81 -20.55
N VAL C 259 4.31 33.75 -19.84
CA VAL C 259 5.23 32.62 -19.90
C VAL C 259 5.53 32.16 -18.49
N PHE C 260 5.36 30.86 -18.24
CA PHE C 260 5.72 30.24 -16.96
C PHE C 260 7.08 29.59 -17.14
N ALA C 261 8.13 30.31 -16.72
CA ALA C 261 9.50 29.83 -16.89
C ALA C 261 9.81 28.79 -15.84
N SER C 262 10.10 27.57 -16.27
CA SER C 262 10.34 26.46 -15.36
C SER C 262 11.72 26.59 -14.71
N PHE C 263 11.80 26.14 -13.45
CA PHE C 263 13.06 25.97 -12.72
C PHE C 263 13.92 27.23 -12.76
N ILE C 264 13.33 28.35 -12.37
CA ILE C 264 14.05 29.62 -12.29
C ILE C 264 14.85 29.61 -10.98
N ARG C 265 16.17 29.55 -11.09
CA ARG C 265 17.04 29.46 -9.92
C ARG C 265 17.62 30.81 -9.48
N LYS C 266 17.85 31.72 -10.42
CA LYS C 266 18.48 33.00 -10.10
C LYS C 266 17.87 34.09 -10.96
N ALA C 267 18.22 35.34 -10.65
CA ALA C 267 17.65 36.48 -11.36
C ALA C 267 18.09 36.52 -12.82
N SER C 268 19.31 36.08 -13.12
CA SER C 268 19.78 36.10 -14.51
C SER C 268 18.99 35.13 -15.39
N ASP C 269 18.36 34.11 -14.80
CA ASP C 269 17.55 33.19 -15.59
C ASP C 269 16.35 33.90 -16.20
N VAL C 270 15.77 34.85 -15.46
CA VAL C 270 14.63 35.59 -15.99
C VAL C 270 15.08 36.59 -17.05
N HIS C 271 16.25 37.20 -16.86
CA HIS C 271 16.78 38.09 -17.89
C HIS C 271 17.06 37.32 -19.17
N GLU C 272 17.60 36.10 -19.05
CA GLU C 272 17.80 35.26 -20.22
C GLU C 272 16.49 34.96 -20.92
N VAL C 273 15.43 34.71 -20.14
CA VAL C 273 14.12 34.45 -20.73
C VAL C 273 13.57 35.70 -21.40
N ARG C 274 13.69 36.85 -20.74
CA ARG C 274 13.20 38.10 -21.33
C ARG C 274 14.00 38.49 -22.55
N LYS C 275 15.29 38.12 -22.60
CA LYS C 275 16.10 38.42 -23.78
C LYS C 275 15.65 37.60 -24.98
N VAL C 276 15.24 36.35 -24.75
CA VAL C 276 14.78 35.51 -25.85
C VAL C 276 13.47 36.02 -26.42
N LEU C 277 12.57 36.50 -25.55
CA LEU C 277 11.31 37.06 -26.02
C LEU C 277 11.50 38.33 -26.85
N GLY C 278 12.61 39.03 -26.66
CA GLY C 278 12.98 40.17 -27.46
C GLY C 278 11.98 41.32 -27.41
N GLU C 279 12.08 42.18 -28.43
CA GLU C 279 11.22 43.35 -28.52
C GLU C 279 9.81 42.99 -28.98
N LYS C 280 9.67 41.98 -29.83
CA LYS C 280 8.35 41.59 -30.30
C LYS C 280 7.49 41.02 -29.17
N GLY C 281 8.11 40.47 -28.14
CA GLY C 281 7.37 39.91 -27.03
C GLY C 281 7.68 40.60 -25.71
N LYS C 282 8.00 41.90 -25.77
CA LYS C 282 8.37 42.63 -24.57
C LYS C 282 7.19 42.83 -23.61
N ASN C 283 5.96 42.75 -24.11
CA ASN C 283 4.77 42.91 -23.29
C ASN C 283 4.25 41.59 -22.73
N ILE C 284 4.93 40.48 -23.02
CA ILE C 284 4.52 39.18 -22.49
C ILE C 284 4.99 39.08 -21.05
N LYS C 285 4.03 38.96 -20.13
CA LYS C 285 4.36 38.86 -18.72
C LYS C 285 5.13 37.58 -18.44
N ILE C 286 6.22 37.69 -17.69
CA ILE C 286 7.06 36.55 -17.36
C ILE C 286 6.77 36.14 -15.92
N ILE C 287 6.26 34.93 -15.75
CA ILE C 287 5.99 34.37 -14.44
C ILE C 287 7.09 33.35 -14.14
N SER C 288 7.85 33.59 -13.08
CA SER C 288 8.94 32.71 -12.70
C SER C 288 8.41 31.60 -11.81
N LYS C 289 8.68 30.35 -12.20
CA LYS C 289 8.30 29.19 -11.41
C LYS C 289 9.42 28.85 -10.45
N ILE C 290 9.10 28.84 -9.16
CA ILE C 290 10.06 28.50 -8.11
C ILE C 290 9.84 27.03 -7.76
N GLU C 291 10.80 26.17 -8.12
CA GLU C 291 10.62 24.74 -7.97
C GLU C 291 11.75 24.03 -7.23
N ASN C 292 12.76 24.74 -6.75
CA ASN C 292 13.86 24.09 -6.02
C ASN C 292 14.31 24.99 -4.88
N HIS C 293 15.36 24.55 -4.18
CA HIS C 293 15.85 25.31 -3.03
C HIS C 293 16.50 26.61 -3.46
N GLU C 294 17.25 26.61 -4.57
CA GLU C 294 17.93 27.81 -5.01
C GLU C 294 16.94 28.93 -5.33
N GLY C 295 15.85 28.59 -6.02
CA GLY C 295 14.83 29.60 -6.31
C GLY C 295 14.19 30.17 -5.07
N VAL C 296 14.03 29.35 -4.03
CA VAL C 296 13.45 29.84 -2.78
C VAL C 296 14.40 30.80 -2.09
N ARG C 297 15.69 30.46 -2.02
CA ARG C 297 16.66 31.32 -1.34
C ARG C 297 16.90 32.60 -2.12
N ARG C 298 17.04 32.50 -3.44
CA ARG C 298 17.21 33.67 -4.30
C ARG C 298 15.89 34.29 -4.73
N PHE C 299 14.82 34.08 -3.97
CA PHE C 299 13.50 34.52 -4.39
C PHE C 299 13.41 36.04 -4.56
N ASP C 300 14.13 36.79 -3.72
CA ASP C 300 14.01 38.24 -3.74
C ASP C 300 14.51 38.81 -5.07
N GLU C 301 15.68 38.38 -5.54
CA GLU C 301 16.17 38.84 -6.82
C GLU C 301 15.34 38.28 -7.98
N ILE C 302 14.78 37.08 -7.81
CA ILE C 302 13.92 36.53 -8.85
C ILE C 302 12.63 37.32 -8.95
N LEU C 303 12.03 37.66 -7.80
CA LEU C 303 10.79 38.41 -7.81
C LEU C 303 10.96 39.78 -8.46
N GLU C 304 12.09 40.44 -8.21
CA GLU C 304 12.30 41.79 -8.76
C GLU C 304 12.48 41.73 -10.28
N ALA C 305 13.16 40.71 -10.78
CA ALA C 305 13.39 40.59 -12.22
C ALA C 305 12.17 40.07 -12.97
N SER C 306 11.23 39.45 -12.27
CA SER C 306 10.08 38.81 -12.91
C SER C 306 8.85 39.69 -12.84
N ASP C 307 7.88 39.37 -13.69
CA ASP C 307 6.56 40.00 -13.61
C ASP C 307 5.65 39.30 -12.61
N GLY C 308 5.92 38.04 -12.31
CA GLY C 308 5.12 37.30 -11.36
C GLY C 308 5.81 36.01 -10.97
N ILE C 309 5.16 35.28 -10.07
CA ILE C 309 5.72 34.07 -9.48
C ILE C 309 4.67 32.97 -9.50
N MET C 310 5.09 31.75 -9.81
CA MET C 310 4.26 30.57 -9.62
C MET C 310 4.93 29.68 -8.58
N VAL C 311 4.20 29.37 -7.51
CA VAL C 311 4.65 28.37 -6.56
C VAL C 311 4.38 26.99 -7.15
N ALA C 312 5.37 26.46 -7.87
CA ALA C 312 5.26 25.14 -8.50
C ALA C 312 5.51 24.09 -7.43
N ARG C 313 4.43 23.76 -6.70
CA ARG C 313 4.54 22.90 -5.52
C ARG C 313 4.92 21.47 -5.87
N GLY C 314 4.66 21.02 -7.10
CA GLY C 314 4.98 19.66 -7.48
C GLY C 314 6.47 19.36 -7.45
N ASP C 315 7.23 20.10 -8.24
CA ASP C 315 8.69 19.90 -8.23
C ASP C 315 9.30 20.42 -6.94
N LEU C 316 8.76 21.51 -6.38
CA LEU C 316 9.28 22.03 -5.11
C LEU C 316 9.08 21.02 -3.98
N GLY C 317 8.00 20.23 -4.03
CA GLY C 317 7.78 19.21 -3.03
C GLY C 317 8.75 18.05 -3.11
N ILE C 318 9.45 17.90 -4.24
CA ILE C 318 10.50 16.90 -4.34
C ILE C 318 11.88 17.48 -4.01
N GLU C 319 12.12 18.74 -4.38
CA GLU C 319 13.43 19.34 -4.17
C GLU C 319 13.67 19.70 -2.70
N ILE C 320 12.63 20.11 -1.98
CA ILE C 320 12.74 20.40 -0.55
C ILE C 320 11.81 19.43 0.18
N PRO C 321 12.02 19.23 1.48
CA PRO C 321 11.12 18.35 2.24
C PRO C 321 9.66 18.78 2.09
N ALA C 322 8.79 17.80 1.84
CA ALA C 322 7.39 18.10 1.54
C ALA C 322 6.70 18.79 2.71
N GLU C 323 7.17 18.58 3.93
CA GLU C 323 6.58 19.25 5.08
C GLU C 323 6.91 20.75 5.13
N LYS C 324 7.82 21.22 4.30
CA LYS C 324 8.21 22.63 4.27
C LYS C 324 7.58 23.40 3.12
N VAL C 325 6.83 22.72 2.24
CA VAL C 325 6.26 23.39 1.06
C VAL C 325 5.33 24.52 1.48
N PHE C 326 4.51 24.28 2.51
CA PHE C 326 3.58 25.32 2.96
C PHE C 326 4.32 26.54 3.46
N LEU C 327 5.52 26.35 4.03
CA LEU C 327 6.33 27.49 4.43
C LEU C 327 6.75 28.31 3.21
N ALA C 328 7.30 27.65 2.19
CA ALA C 328 7.72 28.36 0.99
C ALA C 328 6.54 29.00 0.27
N GLN C 329 5.38 28.35 0.30
CA GLN C 329 4.20 28.91 -0.36
C GLN C 329 3.73 30.18 0.34
N LYS C 330 3.50 30.10 1.65
CA LYS C 330 3.08 31.27 2.41
C LYS C 330 4.13 32.38 2.40
N MET C 331 5.39 32.04 2.20
CA MET C 331 6.44 33.05 2.12
C MET C 331 6.40 33.76 0.76
N MET C 332 6.36 33.00 -0.32
CA MET C 332 6.37 33.61 -1.65
C MET C 332 5.09 34.39 -1.92
N ILE C 333 3.96 33.92 -1.40
CA ILE C 333 2.70 34.66 -1.58
C ILE C 333 2.75 35.96 -0.78
N GLY C 334 3.33 35.93 0.41
CA GLY C 334 3.43 37.15 1.21
C GLY C 334 4.32 38.19 0.55
N ARG C 335 5.45 37.77 -0.02
CA ARG C 335 6.38 38.73 -0.60
C ARG C 335 5.83 39.32 -1.90
N CYS C 336 5.18 38.50 -2.72
CA CYS C 336 4.53 39.02 -3.93
C CYS C 336 3.39 39.96 -3.58
N ASN C 337 2.60 39.62 -2.57
CA ASN C 337 1.58 40.54 -2.07
C ASN C 337 2.22 41.82 -1.56
N ARG C 338 3.40 41.72 -0.95
CA ARG C 338 4.11 42.91 -0.49
C ARG C 338 4.58 43.77 -1.65
N ALA C 339 5.20 43.13 -2.66
CA ALA C 339 5.69 43.85 -3.83
C ALA C 339 4.60 44.15 -4.84
N GLY C 340 3.39 43.63 -4.65
CA GLY C 340 2.33 43.87 -5.60
C GLY C 340 2.49 43.15 -6.93
N LYS C 341 3.04 41.94 -6.91
CA LYS C 341 3.21 41.17 -8.13
C LYS C 341 2.39 39.89 -8.07
N PRO C 342 1.89 39.41 -9.22
CA PRO C 342 1.02 38.23 -9.20
C PRO C 342 1.76 37.00 -8.68
N VAL C 343 1.03 36.18 -7.93
CA VAL C 343 1.55 34.90 -7.44
C VAL C 343 0.52 33.81 -7.73
N ILE C 344 0.99 32.66 -8.20
CA ILE C 344 0.13 31.55 -8.58
C ILE C 344 0.46 30.36 -7.69
N CYS C 345 -0.56 29.82 -7.03
CA CYS C 345 -0.44 28.56 -6.33
C CYS C 345 -0.87 27.44 -7.28
N ALA C 346 0.01 26.48 -7.51
CA ALA C 346 -0.19 25.50 -8.55
C ALA C 346 0.05 24.09 -8.03
N THR C 347 -0.43 23.12 -8.83
CA THR C 347 -0.10 21.70 -8.71
C THR C 347 -0.85 20.98 -7.59
N GLN C 348 -1.61 19.95 -7.97
CA GLN C 348 -2.23 19.00 -7.03
C GLN C 348 -3.24 19.66 -6.10
N MET C 349 -3.84 20.78 -6.53
CA MET C 349 -4.83 21.46 -5.69
C MET C 349 -6.11 20.62 -5.57
N LEU C 350 -6.53 19.99 -6.67
CA LEU C 350 -7.68 19.09 -6.67
C LEU C 350 -7.30 17.76 -7.31
N GLU C 351 -6.17 17.20 -6.87
CA GLU C 351 -5.55 16.08 -7.56
C GLU C 351 -6.51 14.90 -7.70
N SER C 352 -7.22 14.55 -6.63
CA SER C 352 -8.11 13.40 -6.67
C SER C 352 -9.22 13.55 -7.70
N MET C 353 -9.53 14.78 -8.12
CA MET C 353 -10.55 14.99 -9.13
C MET C 353 -10.13 14.53 -10.51
N ILE C 354 -8.87 14.09 -10.67
CA ILE C 354 -8.46 13.42 -11.90
C ILE C 354 -9.29 12.17 -12.13
N LYS C 355 -9.67 11.47 -11.06
CA LYS C 355 -10.44 10.23 -11.17
C LYS C 355 -11.81 10.29 -10.51
N LYS C 356 -12.10 11.30 -9.69
CA LYS C 356 -13.34 11.33 -8.93
C LYS C 356 -14.08 12.63 -9.19
N PRO C 357 -15.41 12.60 -9.15
CA PRO C 357 -16.18 13.83 -9.41
C PRO C 357 -16.18 14.82 -8.25
N ARG C 358 -15.69 14.44 -7.07
CA ARG C 358 -15.63 15.32 -5.92
C ARG C 358 -14.22 15.29 -5.35
N PRO C 359 -13.75 16.42 -4.82
CA PRO C 359 -12.40 16.46 -4.25
C PRO C 359 -12.40 15.96 -2.81
N THR C 360 -11.20 15.72 -2.30
CA THR C 360 -11.04 15.37 -0.90
C THR C 360 -11.17 16.60 -0.02
N ARG C 361 -11.32 16.37 1.28
CA ARG C 361 -11.42 17.48 2.22
C ARG C 361 -10.11 18.26 2.27
N ALA C 362 -8.98 17.56 2.16
CA ALA C 362 -7.68 18.24 2.13
C ALA C 362 -7.56 19.14 0.90
N GLU C 363 -8.07 18.68 -0.24
CA GLU C 363 -7.98 19.46 -1.46
C GLU C 363 -8.89 20.69 -1.39
N GLY C 364 -10.07 20.55 -0.79
CA GLY C 364 -10.96 21.69 -0.63
C GLY C 364 -10.34 22.78 0.23
N SER C 365 -9.73 22.40 1.34
CA SER C 365 -9.09 23.38 2.21
C SER C 365 -7.84 23.98 1.58
N ASP C 366 -7.13 23.21 0.76
CA ASP C 366 -5.91 23.71 0.14
C ASP C 366 -6.21 24.85 -0.83
N VAL C 367 -7.28 24.72 -1.60
CA VAL C 367 -7.68 25.79 -2.51
C VAL C 367 -8.09 27.02 -1.73
N ALA C 368 -8.89 26.84 -0.68
CA ALA C 368 -9.32 27.97 0.14
C ALA C 368 -8.15 28.63 0.85
N ASN C 369 -7.23 27.82 1.40
CA ASN C 369 -6.11 28.37 2.12
C ASN C 369 -5.14 29.10 1.21
N ALA C 370 -5.04 28.68 -0.06
CA ALA C 370 -4.25 29.43 -1.02
C ALA C 370 -4.86 30.80 -1.28
N VAL C 371 -6.19 30.88 -1.30
CA VAL C 371 -6.85 32.17 -1.46
C VAL C 371 -6.67 33.03 -0.22
N LEU C 372 -6.85 32.44 0.96
CA LEU C 372 -6.63 33.18 2.20
C LEU C 372 -5.18 33.63 2.33
N ASP C 373 -4.24 32.83 1.83
CA ASP C 373 -2.84 33.25 1.82
C ASP C 373 -2.63 34.53 1.03
N GLY C 374 -3.45 34.78 0.04
CA GLY C 374 -3.33 35.94 -0.81
C GLY C 374 -2.93 35.64 -2.25
N ALA C 375 -3.08 34.40 -2.71
CA ALA C 375 -2.66 34.05 -4.07
C ALA C 375 -3.60 34.71 -5.09
N ASP C 376 -3.00 35.30 -6.13
CA ASP C 376 -3.80 35.95 -7.15
C ASP C 376 -4.53 34.93 -8.02
N CYS C 377 -3.87 33.81 -8.32
CA CYS C 377 -4.45 32.78 -9.17
C CYS C 377 -4.23 31.41 -8.55
N ILE C 378 -5.11 30.48 -8.91
CA ILE C 378 -4.96 29.07 -8.59
C ILE C 378 -4.92 28.31 -9.91
N MET C 379 -4.29 27.14 -9.88
CA MET C 379 -4.02 26.39 -11.11
C MET C 379 -4.55 24.97 -11.01
N LEU C 380 -4.90 24.42 -12.16
CA LEU C 380 -5.21 23.01 -12.33
C LEU C 380 -4.30 22.45 -13.42
N SER C 381 -3.73 21.27 -13.16
CA SER C 381 -2.85 20.63 -14.12
C SER C 381 -3.55 19.40 -14.67
N GLY C 382 -3.24 18.19 -14.18
CA GLY C 382 -3.88 16.99 -14.67
C GLY C 382 -5.38 16.95 -14.45
N GLU C 383 -5.89 17.74 -13.50
CA GLU C 383 -7.33 17.79 -13.27
C GLU C 383 -8.09 18.25 -14.50
N THR C 384 -7.50 19.16 -15.28
CA THR C 384 -8.13 19.63 -16.52
C THR C 384 -7.43 19.13 -17.77
N ALA C 385 -6.17 18.72 -17.67
CA ALA C 385 -5.45 18.27 -18.86
C ALA C 385 -5.79 16.82 -19.21
N LYS C 386 -5.91 15.95 -18.21
CA LYS C 386 -6.10 14.53 -18.49
C LYS C 386 -7.18 13.85 -17.66
N GLY C 387 -7.80 14.55 -16.71
CA GLY C 387 -8.72 13.90 -15.80
C GLY C 387 -10.08 13.62 -16.41
N ASP C 388 -10.89 12.86 -15.67
CA ASP C 388 -12.23 12.50 -16.10
C ASP C 388 -13.28 13.55 -15.74
N TYR C 389 -12.91 14.57 -14.96
CA TYR C 389 -13.85 15.60 -14.52
C TYR C 389 -13.20 16.98 -14.58
N PRO C 390 -12.83 17.44 -15.78
CA PRO C 390 -12.23 18.78 -15.87
C PRO C 390 -13.21 19.90 -15.55
N LEU C 391 -14.45 19.80 -16.04
CA LEU C 391 -15.44 20.83 -15.76
C LEU C 391 -15.79 20.89 -14.28
N GLU C 392 -15.80 19.74 -13.61
CA GLU C 392 -16.07 19.73 -12.18
C GLU C 392 -14.90 20.30 -11.38
N ALA C 393 -13.68 20.07 -11.86
CA ALA C 393 -12.51 20.65 -11.19
C ALA C 393 -12.51 22.18 -11.30
N VAL C 394 -12.87 22.70 -12.47
CA VAL C 394 -12.94 24.15 -12.65
C VAL C 394 -14.05 24.74 -11.78
N ARG C 395 -15.22 24.09 -11.79
CA ARG C 395 -16.35 24.59 -11.00
C ARG C 395 -16.04 24.53 -9.52
N MET C 396 -15.32 23.50 -9.06
CA MET C 396 -14.99 23.39 -7.65
C MET C 396 -14.07 24.51 -7.22
N GLN C 397 -13.03 24.80 -8.00
CA GLN C 397 -12.13 25.91 -7.68
C GLN C 397 -12.88 27.24 -7.69
N HIS C 398 -13.86 27.39 -8.57
CA HIS C 398 -14.64 28.62 -8.62
C HIS C 398 -15.49 28.78 -7.35
N LEU C 399 -16.13 27.68 -6.90
CA LEU C 399 -16.95 27.76 -5.71
C LEU C 399 -16.13 27.96 -4.45
N ILE C 400 -14.96 27.31 -4.38
CA ILE C 400 -14.10 27.47 -3.19
C ILE C 400 -13.52 28.87 -3.14
N ALA C 401 -13.00 29.36 -4.27
CA ALA C 401 -12.40 30.69 -4.30
C ALA C 401 -13.40 31.75 -3.85
N ARG C 402 -14.65 31.63 -4.29
CA ARG C 402 -15.65 32.63 -3.94
C ARG C 402 -15.92 32.64 -2.43
N GLU C 403 -15.96 31.47 -1.81
CA GLU C 403 -16.19 31.41 -0.37
C GLU C 403 -14.99 31.94 0.40
N ALA C 404 -13.77 31.57 -0.02
CA ALA C 404 -12.58 32.03 0.69
C ALA C 404 -12.36 33.52 0.54
N GLU C 405 -12.78 34.10 -0.60
CA GLU C 405 -12.62 35.53 -0.79
C GLU C 405 -13.47 36.31 0.19
N ALA C 406 -14.65 35.80 0.52
CA ALA C 406 -15.48 36.47 1.52
C ALA C 406 -14.90 36.31 2.92
N ALA C 407 -14.21 35.20 3.18
CA ALA C 407 -13.64 34.92 4.49
C ALA C 407 -12.31 35.61 4.74
N ILE C 408 -11.85 36.46 3.82
CA ILE C 408 -10.60 37.17 4.03
C ILE C 408 -10.78 38.24 5.09
N TYR C 409 -9.83 38.32 6.02
CA TYR C 409 -9.84 39.36 7.06
C TYR C 409 -9.30 40.64 6.43
N HIS C 410 -10.18 41.33 5.69
CA HIS C 410 -9.78 42.54 4.97
C HIS C 410 -9.30 43.62 5.93
N LEU C 411 -9.93 43.72 7.10
CA LEU C 411 -9.59 44.78 8.05
C LEU C 411 -8.12 44.74 8.42
N GLN C 412 -7.56 43.54 8.59
CA GLN C 412 -6.13 43.40 8.89
C GLN C 412 -5.30 43.45 7.61
N LEU C 413 -5.79 42.82 6.54
CA LEU C 413 -5.02 42.75 5.30
C LEU C 413 -4.75 44.14 4.74
N PHE C 414 -5.80 44.98 4.65
CA PHE C 414 -5.63 46.31 4.09
C PHE C 414 -4.69 47.16 4.94
N GLU C 415 -4.79 47.04 6.26
CA GLU C 415 -3.91 47.80 7.13
C GLU C 415 -2.45 47.36 6.96
N GLU C 416 -2.21 46.05 6.95
CA GLU C 416 -0.85 45.55 6.84
C GLU C 416 -0.27 45.78 5.44
N LEU C 417 -1.11 45.78 4.41
CA LEU C 417 -0.62 46.05 3.06
C LEU C 417 -0.14 47.50 2.92
N ARG C 418 -0.88 48.44 3.52
CA ARG C 418 -0.45 49.84 3.47
C ARG C 418 0.73 50.09 4.42
N ARG C 419 0.72 49.43 5.58
CA ARG C 419 1.81 49.63 6.54
C ARG C 419 3.14 49.18 5.98
N LEU C 420 3.14 48.19 5.08
CA LEU C 420 4.37 47.70 4.49
C LEU C 420 4.70 48.36 3.16
N ALA C 421 3.72 48.95 2.50
CA ALA C 421 3.99 49.64 1.23
C ALA C 421 4.65 50.99 1.52
N PRO C 422 5.61 51.41 0.71
CA PRO C 422 6.32 52.66 0.98
C PRO C 422 5.54 53.88 0.51
N ILE C 423 5.94 55.04 1.04
CA ILE C 423 5.43 56.30 0.52
C ILE C 423 6.01 56.51 -0.87
N THR C 424 5.20 57.08 -1.77
CA THR C 424 5.58 57.22 -3.16
C THR C 424 5.29 58.63 -3.64
N SER C 425 5.82 58.94 -4.82
CA SER C 425 5.48 60.17 -5.53
C SER C 425 4.63 59.91 -6.77
N ASP C 426 4.46 58.66 -7.16
CA ASP C 426 3.59 58.30 -8.26
C ASP C 426 2.16 58.69 -7.91
N PRO C 427 1.53 59.61 -8.64
CA PRO C 427 0.13 59.96 -8.34
C PRO C 427 -0.82 58.80 -8.54
N THR C 428 -0.51 57.87 -9.44
CA THR C 428 -1.38 56.71 -9.64
C THR C 428 -1.42 55.82 -8.41
N GLU C 429 -0.27 55.65 -7.75
CA GLU C 429 -0.23 54.84 -6.53
C GLU C 429 -1.08 55.47 -5.43
N ALA C 430 -0.94 56.79 -5.25
CA ALA C 430 -1.75 57.48 -4.25
C ALA C 430 -3.22 57.45 -4.62
N THR C 431 -3.53 57.52 -5.92
CA THR C 431 -4.91 57.40 -6.35
C THR C 431 -5.46 56.01 -6.06
N ALA C 432 -4.61 54.98 -6.16
CA ALA C 432 -5.05 53.61 -5.95
C ALA C 432 -5.41 53.36 -4.48
N VAL C 433 -4.61 53.86 -3.54
CA VAL C 433 -4.94 53.67 -2.13
C VAL C 433 -6.19 54.45 -1.76
N GLY C 434 -6.31 55.68 -2.26
CA GLY C 434 -7.50 56.47 -1.98
C GLY C 434 -8.76 55.84 -2.56
N ALA C 435 -8.64 55.17 -3.70
CA ALA C 435 -9.78 54.51 -4.30
C ALA C 435 -10.22 53.30 -3.48
N VAL C 436 -9.25 52.50 -3.02
CA VAL C 436 -9.57 51.32 -2.21
C VAL C 436 -10.08 51.75 -0.84
N GLU C 437 -9.48 52.79 -0.26
CA GLU C 437 -9.99 53.33 0.99
C GLU C 437 -11.42 53.85 0.83
N ALA C 438 -11.68 54.56 -0.27
CA ALA C 438 -13.03 55.04 -0.54
C ALA C 438 -13.99 53.88 -0.78
N SER C 439 -13.51 52.83 -1.48
CA SER C 439 -14.37 51.70 -1.79
C SER C 439 -14.82 50.97 -0.52
N PHE C 440 -13.91 50.81 0.44
CA PHE C 440 -14.29 50.23 1.72
C PHE C 440 -15.21 51.15 2.50
N LYS C 441 -15.02 52.47 2.36
CA LYS C 441 -15.78 53.42 3.18
C LYS C 441 -17.24 53.46 2.77
N CYS C 442 -17.54 53.31 1.48
CA CYS C 442 -18.90 53.39 0.99
C CYS C 442 -19.46 52.03 0.55
N CYS C 443 -18.70 50.95 0.76
CA CYS C 443 -19.11 49.61 0.32
C CYS C 443 -19.49 49.62 -1.16
N SER C 444 -18.60 50.19 -1.98
CA SER C 444 -18.90 50.39 -3.38
C SER C 444 -19.06 49.05 -4.10
N GLY C 445 -19.95 49.04 -5.10
CA GLY C 445 -20.18 47.82 -5.86
C GLY C 445 -19.02 47.40 -6.73
N ALA C 446 -18.15 48.34 -7.10
CA ALA C 446 -16.98 48.03 -7.91
C ALA C 446 -16.05 49.23 -7.91
N ILE C 447 -14.82 48.98 -8.36
CA ILE C 447 -13.86 50.03 -8.67
C ILE C 447 -13.63 49.96 -10.17
N ILE C 448 -14.09 50.97 -10.89
CA ILE C 448 -13.95 51.04 -12.34
C ILE C 448 -12.65 51.77 -12.66
N VAL C 449 -11.76 51.11 -13.37
CA VAL C 449 -10.46 51.68 -13.73
C VAL C 449 -10.30 51.64 -15.24
N LEU C 450 -10.18 52.81 -15.85
CA LEU C 450 -9.79 52.89 -17.24
C LEU C 450 -8.28 52.70 -17.33
N THR C 451 -7.85 51.70 -18.09
CA THR C 451 -6.43 51.40 -18.19
C THR C 451 -6.14 50.89 -19.60
N LYS C 452 -4.94 51.20 -20.09
CA LYS C 452 -4.48 50.72 -21.39
C LYS C 452 -3.46 49.61 -21.27
N SER C 453 -2.53 49.71 -20.32
CA SER C 453 -1.53 48.68 -20.10
C SER C 453 -1.87 47.75 -18.94
N GLY C 454 -2.92 48.06 -18.17
CA GLY C 454 -3.25 47.32 -16.98
C GLY C 454 -2.67 47.87 -15.70
N ARG C 455 -1.66 48.74 -15.80
CA ARG C 455 -0.92 49.20 -14.63
C ARG C 455 -1.84 49.77 -13.56
N SER C 456 -2.69 50.73 -13.92
CA SER C 456 -3.55 51.37 -12.93
C SER C 456 -4.46 50.38 -12.23
N ALA C 457 -4.91 49.35 -12.95
CA ALA C 457 -5.72 48.31 -12.32
C ALA C 457 -4.89 47.43 -11.40
N HIS C 458 -3.65 47.14 -11.80
CA HIS C 458 -2.77 46.33 -10.95
C HIS C 458 -2.44 47.05 -9.65
N GLN C 459 -2.23 48.36 -9.72
CA GLN C 459 -1.92 49.13 -8.51
C GLN C 459 -3.12 49.20 -7.57
N VAL C 460 -4.34 49.11 -8.12
CA VAL C 460 -5.52 49.05 -7.26
C VAL C 460 -5.64 47.67 -6.62
N ALA C 461 -5.42 46.62 -7.41
CA ALA C 461 -5.53 45.25 -6.90
C ALA C 461 -4.49 44.93 -5.85
N ARG C 462 -3.35 45.63 -5.86
CA ARG C 462 -2.30 45.36 -4.89
C ARG C 462 -2.78 45.57 -3.46
N TYR C 463 -3.71 46.51 -3.26
CA TYR C 463 -4.23 46.82 -1.93
C TYR C 463 -5.46 45.99 -1.58
N ARG C 464 -5.85 45.06 -2.45
CA ARG C 464 -6.87 44.05 -2.20
C ARG C 464 -8.19 44.64 -1.74
N PRO C 465 -8.88 45.41 -2.58
CA PRO C 465 -10.25 45.81 -2.23
C PRO C 465 -11.18 44.61 -2.23
N ARG C 466 -12.27 44.74 -1.49
CA ARG C 466 -13.29 43.70 -1.54
C ARG C 466 -14.15 43.81 -2.79
N ALA C 467 -14.40 45.04 -3.25
CA ALA C 467 -15.19 45.24 -4.45
C ALA C 467 -14.38 44.80 -5.68
N PRO C 468 -15.06 44.29 -6.71
CA PRO C 468 -14.34 43.89 -7.92
C PRO C 468 -13.81 45.10 -8.67
N ILE C 469 -12.70 44.89 -9.37
CA ILE C 469 -12.06 45.93 -10.16
C ILE C 469 -12.42 45.69 -11.62
N ILE C 470 -13.29 46.55 -12.16
CA ILE C 470 -13.68 46.47 -13.57
C ILE C 470 -12.67 47.30 -14.36
N ALA C 471 -11.75 46.62 -15.02
CA ALA C 471 -10.72 47.28 -15.83
C ALA C 471 -11.20 47.36 -17.27
N VAL C 472 -11.60 48.55 -17.71
CA VAL C 472 -12.02 48.78 -19.08
C VAL C 472 -10.78 49.12 -19.90
N THR C 473 -10.52 48.32 -20.93
CA THR C 473 -9.37 48.53 -21.79
C THR C 473 -9.78 48.25 -23.24
N ARG C 474 -9.14 48.98 -24.15
CA ARG C 474 -9.23 48.68 -25.57
C ARG C 474 -8.11 47.77 -26.04
N ASN C 475 -7.11 47.52 -25.18
CA ASN C 475 -6.01 46.64 -25.49
C ASN C 475 -6.43 45.20 -25.18
N PRO C 476 -6.58 44.36 -26.20
CA PRO C 476 -7.03 42.98 -25.96
C PRO C 476 -6.05 42.16 -25.13
N GLN C 477 -4.74 42.39 -25.28
CA GLN C 477 -3.77 41.66 -24.48
C GLN C 477 -3.82 42.08 -23.02
N THR C 478 -4.04 43.37 -22.76
CA THR C 478 -4.16 43.85 -21.39
C THR C 478 -5.33 43.18 -20.68
N ALA C 479 -6.45 43.01 -21.39
CA ALA C 479 -7.63 42.37 -20.80
C ALA C 479 -7.34 40.92 -20.44
N ARG C 480 -6.64 40.19 -21.32
CA ARG C 480 -6.30 38.81 -21.02
C ARG C 480 -5.30 38.73 -19.88
N GLN C 481 -4.31 39.62 -19.87
CA GLN C 481 -3.28 39.59 -18.83
C GLN C 481 -3.82 40.01 -17.47
N ALA C 482 -4.93 40.74 -17.42
CA ALA C 482 -5.47 41.20 -16.13
C ALA C 482 -5.89 40.06 -15.23
N HIS C 483 -6.13 38.87 -15.79
CA HIS C 483 -6.51 37.72 -14.98
C HIS C 483 -5.42 37.31 -14.00
N LEU C 484 -4.18 37.76 -14.22
CA LEU C 484 -3.08 37.41 -13.31
C LEU C 484 -3.17 38.12 -11.97
N TYR C 485 -4.01 39.15 -11.84
CA TYR C 485 -4.08 39.96 -10.64
C TYR C 485 -5.43 39.77 -9.96
N ARG C 486 -5.39 39.55 -8.64
CA ARG C 486 -6.60 39.23 -7.89
C ARG C 486 -7.59 40.39 -7.91
N GLY C 487 -8.84 40.07 -8.24
CA GLY C 487 -9.93 41.02 -8.14
C GLY C 487 -10.21 41.85 -9.37
N ILE C 488 -9.46 41.66 -10.46
CA ILE C 488 -9.62 42.45 -11.67
C ILE C 488 -10.52 41.70 -12.63
N PHE C 489 -11.68 42.31 -12.94
CA PHE C 489 -12.59 41.77 -13.95
C PHE C 489 -12.35 42.54 -15.24
N PRO C 490 -11.54 42.02 -16.17
CA PRO C 490 -11.23 42.78 -17.38
C PRO C 490 -12.38 42.76 -18.37
N VAL C 491 -12.63 43.92 -18.96
CA VAL C 491 -13.67 44.06 -19.98
C VAL C 491 -13.05 44.76 -21.18
N LEU C 492 -13.18 44.15 -22.35
CA LEU C 492 -12.61 44.67 -23.59
C LEU C 492 -13.68 45.46 -24.32
N CYS C 493 -13.51 46.78 -24.37
CA CYS C 493 -14.43 47.66 -25.07
C CYS C 493 -14.00 47.76 -26.54
N LYS C 494 -14.87 47.31 -27.43
CA LYS C 494 -14.60 47.36 -28.86
C LYS C 494 -15.17 48.60 -29.54
N ASP C 495 -15.76 49.51 -28.76
CA ASP C 495 -16.30 50.73 -29.35
C ASP C 495 -15.17 51.61 -29.88
N PRO C 496 -15.33 52.19 -31.05
CA PRO C 496 -14.25 53.05 -31.61
C PRO C 496 -14.04 54.29 -30.77
N VAL C 497 -12.86 54.88 -30.94
CA VAL C 497 -12.48 56.05 -30.15
C VAL C 497 -13.23 57.27 -30.64
N GLN C 498 -13.86 57.99 -29.69
CA GLN C 498 -14.63 59.17 -30.02
C GLN C 498 -13.71 60.36 -30.26
N GLU C 499 -14.28 61.44 -30.81
CA GLU C 499 -13.52 62.64 -31.08
C GLU C 499 -13.19 63.38 -29.79
N ALA C 500 -14.22 63.81 -29.05
CA ALA C 500 -14.02 64.45 -27.77
C ALA C 500 -13.50 63.42 -26.76
N TRP C 501 -12.32 63.66 -26.20
CA TRP C 501 -11.71 62.70 -25.30
C TRP C 501 -12.53 62.52 -24.02
N ALA C 502 -13.17 63.59 -23.53
CA ALA C 502 -14.02 63.46 -22.37
C ALA C 502 -15.18 62.51 -22.63
N GLU C 503 -15.76 62.57 -23.83
CA GLU C 503 -16.85 61.67 -24.17
C GLU C 503 -16.37 60.23 -24.34
N ASP C 504 -15.18 60.05 -24.93
CA ASP C 504 -14.65 58.70 -25.10
C ASP C 504 -14.33 58.05 -23.77
N VAL C 505 -13.96 58.84 -22.75
CA VAL C 505 -13.79 58.30 -21.42
C VAL C 505 -15.13 58.00 -20.78
N ASP C 506 -16.11 58.90 -20.96
CA ASP C 506 -17.46 58.65 -20.49
C ASP C 506 -18.06 57.38 -21.10
N LEU C 507 -17.71 57.09 -22.37
CA LEU C 507 -18.15 55.85 -22.99
C LEU C 507 -17.67 54.64 -22.20
N ARG C 508 -16.36 54.56 -21.96
CA ARG C 508 -15.80 53.39 -21.32
C ARG C 508 -16.29 53.24 -19.88
N VAL C 509 -16.58 54.36 -19.21
CA VAL C 509 -17.15 54.28 -17.87
C VAL C 509 -18.54 53.68 -17.92
N ASN C 510 -19.39 54.16 -18.83
CA ASN C 510 -20.73 53.62 -18.98
C ASN C 510 -20.69 52.17 -19.46
N PHE C 511 -19.69 51.80 -20.25
CA PHE C 511 -19.52 50.41 -20.63
C PHE C 511 -19.33 49.52 -19.40
N ALA C 512 -18.51 49.96 -18.46
CA ALA C 512 -18.33 49.21 -17.22
C ALA C 512 -19.60 49.21 -16.37
N MET C 513 -20.37 50.30 -16.42
CA MET C 513 -21.63 50.36 -15.68
C MET C 513 -22.60 49.29 -16.17
N ASN C 514 -22.81 49.22 -17.49
CA ASN C 514 -23.69 48.20 -18.04
C ASN C 514 -23.15 46.80 -17.76
N VAL C 515 -21.84 46.63 -17.82
CA VAL C 515 -21.24 45.33 -17.52
C VAL C 515 -21.50 44.96 -16.07
N GLY C 516 -21.36 45.92 -15.16
CA GLY C 516 -21.63 45.63 -13.76
C GLY C 516 -23.09 45.35 -13.48
N LYS C 517 -23.99 46.07 -14.16
CA LYS C 517 -25.41 45.82 -14.00
C LYS C 517 -25.81 44.49 -14.62
N ALA C 518 -25.21 44.13 -15.75
CA ALA C 518 -25.58 42.88 -16.43
C ALA C 518 -25.12 41.66 -15.63
N ARG C 519 -23.95 41.74 -15.01
CA ARG C 519 -23.38 40.62 -14.28
C ARG C 519 -23.75 40.63 -12.80
N GLY C 520 -24.60 41.57 -12.38
CA GLY C 520 -25.07 41.60 -11.01
C GLY C 520 -24.10 42.15 -9.99
N PHE C 521 -23.08 42.90 -10.42
CA PHE C 521 -22.14 43.49 -9.47
C PHE C 521 -22.79 44.63 -8.69
N PHE C 522 -23.66 45.38 -9.33
CA PHE C 522 -24.38 46.49 -8.68
C PHE C 522 -25.65 46.76 -9.48
N LYS C 523 -26.46 47.68 -8.97
CA LYS C 523 -27.71 48.06 -9.62
C LYS C 523 -27.82 49.58 -9.61
N LYS C 524 -28.76 50.09 -10.41
CA LYS C 524 -28.94 51.53 -10.58
C LYS C 524 -29.10 52.22 -9.24
N GLY C 525 -28.30 53.26 -9.02
CA GLY C 525 -28.30 53.99 -7.77
C GLY C 525 -27.20 53.61 -6.81
N ASP C 526 -26.49 52.51 -7.08
CA ASP C 526 -25.38 52.10 -6.22
C ASP C 526 -24.19 53.02 -6.42
N VAL C 527 -23.29 53.01 -5.44
CA VAL C 527 -22.08 53.81 -5.47
C VAL C 527 -20.95 52.97 -6.02
N VAL C 528 -20.16 53.55 -6.94
CA VAL C 528 -18.96 52.90 -7.46
C VAL C 528 -17.82 53.91 -7.48
N ILE C 529 -16.60 53.39 -7.55
CA ILE C 529 -15.39 54.20 -7.64
C ILE C 529 -14.88 54.12 -9.07
N VAL C 530 -14.64 55.29 -9.68
CA VAL C 530 -14.19 55.38 -11.06
C VAL C 530 -12.82 56.04 -11.08
N LEU C 531 -11.85 55.35 -11.67
CA LEU C 531 -10.48 55.85 -11.77
C LEU C 531 -10.21 56.20 -13.22
N THR C 532 -9.83 57.46 -13.46
CA THR C 532 -9.45 57.93 -14.78
C THR C 532 -8.20 58.80 -14.64
N GLY C 533 -7.66 59.23 -15.78
CA GLY C 533 -6.54 60.14 -15.82
C GLY C 533 -6.90 61.49 -16.42
N TRP C 534 -5.88 62.32 -16.56
CA TRP C 534 -6.05 63.70 -17.01
C TRP C 534 -5.72 63.91 -18.47
N ARG C 535 -5.26 62.89 -19.18
CA ARG C 535 -4.93 62.99 -20.60
C ARG C 535 -4.75 61.58 -21.15
N PRO C 536 -4.90 61.39 -22.46
CA PRO C 536 -4.73 60.06 -23.06
C PRO C 536 -3.30 59.55 -22.86
N GLY C 537 -3.14 58.26 -23.15
CA GLY C 537 -1.88 57.59 -22.96
C GLY C 537 -1.73 57.00 -21.56
N SER C 538 -0.82 56.05 -21.44
CA SER C 538 -0.61 55.36 -20.17
C SER C 538 0.17 56.22 -19.19
N GLY C 539 -0.05 55.98 -17.90
CA GLY C 539 0.77 56.57 -16.86
C GLY C 539 0.26 57.87 -16.28
N PHE C 540 -1.00 58.22 -16.51
CA PHE C 540 -1.54 59.49 -16.03
C PHE C 540 -2.77 59.32 -15.15
N THR C 541 -3.07 58.10 -14.69
CA THR C 541 -4.20 57.86 -13.81
C THR C 541 -4.02 58.65 -12.52
N ASN C 542 -4.89 59.63 -12.27
CA ASN C 542 -4.77 60.44 -11.06
C ASN C 542 -6.11 60.94 -10.55
N THR C 543 -7.22 60.53 -11.14
CA THR C 543 -8.54 61.05 -10.79
C THR C 543 -9.40 59.92 -10.24
N MET C 544 -9.98 60.14 -9.06
CA MET C 544 -10.84 59.17 -8.42
C MET C 544 -12.19 59.83 -8.16
N ARG C 545 -13.26 59.25 -8.68
CA ARG C 545 -14.59 59.78 -8.49
C ARG C 545 -15.47 58.75 -7.81
N VAL C 546 -16.41 59.25 -7.00
CA VAL C 546 -17.42 58.43 -6.35
C VAL C 546 -18.75 58.79 -7.01
N VAL C 547 -19.18 57.97 -7.96
CA VAL C 547 -20.35 58.30 -8.77
C VAL C 547 -21.43 57.24 -8.64
N PRO C 548 -22.71 57.61 -8.71
CA PRO C 548 -23.77 56.60 -8.76
C PRO C 548 -23.89 56.02 -10.16
N VAL C 549 -24.17 54.72 -10.23
CA VAL C 549 -24.36 54.07 -11.51
C VAL C 549 -25.70 54.50 -12.09
N PRO C 550 -25.80 54.68 -13.41
CA PRO C 550 -27.04 55.13 -14.04
C PRO C 550 -28.04 53.98 -14.23
N THR D 34 48.34 -36.21 11.41
CA THR D 34 47.29 -35.45 10.74
C THR D 34 45.91 -35.88 11.23
N GLN D 35 45.19 -34.92 11.83
CA GLN D 35 43.85 -35.09 12.40
C GLN D 35 43.61 -36.45 13.06
N GLN D 36 44.61 -36.94 13.79
CA GLN D 36 44.49 -38.21 14.53
C GLN D 36 44.10 -39.36 13.62
N LEU D 37 44.61 -39.35 12.38
CA LEU D 37 44.29 -40.42 11.44
C LEU D 37 44.85 -41.76 11.87
N HIS D 38 45.97 -41.77 12.60
CA HIS D 38 46.50 -43.02 13.11
C HIS D 38 45.61 -43.58 14.20
N ALA D 39 45.07 -42.72 15.06
CA ALA D 39 44.16 -43.18 16.10
C ALA D 39 42.84 -43.69 15.51
N ALA D 40 42.42 -43.13 14.38
CA ALA D 40 41.16 -43.56 13.76
C ALA D 40 41.23 -44.98 13.23
N MET D 41 42.43 -45.44 12.86
CA MET D 41 42.61 -46.77 12.29
C MET D 41 42.86 -47.84 13.35
N ALA D 42 42.66 -47.53 14.63
CA ALA D 42 42.87 -48.49 15.69
C ALA D 42 41.72 -49.49 15.75
N ASP D 43 42.06 -50.74 16.09
CA ASP D 43 41.05 -51.80 16.15
C ASP D 43 40.25 -51.78 17.44
N THR D 44 40.74 -51.12 18.48
CA THR D 44 40.04 -51.04 19.76
C THR D 44 39.93 -49.58 20.19
N PHE D 45 38.93 -49.31 21.03
CA PHE D 45 38.77 -47.97 21.58
C PHE D 45 39.91 -47.61 22.54
N LEU D 46 40.44 -48.61 23.26
CA LEU D 46 41.57 -48.35 24.14
C LEU D 46 42.82 -47.96 23.35
N GLU D 47 43.12 -48.72 22.29
CA GLU D 47 44.24 -48.37 21.44
C GLU D 47 44.01 -47.03 20.74
N HIS D 48 42.74 -46.67 20.52
CA HIS D 48 42.44 -45.37 19.93
C HIS D 48 42.87 -44.24 20.87
N MET D 49 42.59 -44.38 22.17
CA MET D 49 43.07 -43.40 23.14
C MET D 49 44.59 -43.37 23.18
N CYS D 50 45.23 -44.55 23.20
CA CYS D 50 46.69 -44.61 23.26
C CYS D 50 47.36 -43.93 22.08
N ARG D 51 46.67 -43.82 20.95
CA ARG D 51 47.24 -43.24 19.73
C ARG D 51 46.98 -41.76 19.60
N LEU D 52 46.17 -41.16 20.47
CA LEU D 52 45.91 -39.73 20.41
C LEU D 52 47.22 -38.96 20.56
N ASP D 53 47.54 -38.16 19.54
CA ASP D 53 48.83 -37.48 19.44
C ASP D 53 48.59 -35.97 19.48
N ILE D 54 49.18 -35.30 20.47
CA ILE D 54 49.09 -33.85 20.53
C ILE D 54 49.86 -33.19 19.39
N ASP D 55 50.72 -33.92 18.70
CA ASP D 55 51.49 -33.38 17.59
C ASP D 55 50.86 -33.66 16.24
N SER D 56 49.67 -34.25 16.20
CA SER D 56 48.94 -34.46 14.96
C SER D 56 47.96 -33.31 14.80
N PRO D 57 48.24 -32.32 13.96
CA PRO D 57 47.39 -31.12 13.90
C PRO D 57 46.04 -31.44 13.28
N PRO D 58 44.97 -30.78 13.75
CA PRO D 58 43.64 -31.01 13.18
C PRO D 58 43.45 -30.21 11.90
N ILE D 59 42.37 -30.56 11.19
CA ILE D 59 42.02 -29.82 9.98
C ILE D 59 41.48 -28.44 10.36
N THR D 60 41.41 -27.56 9.36
CA THR D 60 40.94 -26.20 9.59
C THR D 60 39.43 -26.12 9.76
N ALA D 61 38.69 -27.18 9.44
CA ALA D 61 37.23 -27.15 9.50
C ALA D 61 36.76 -27.60 10.87
N ARG D 62 36.05 -26.71 11.57
CA ARG D 62 35.49 -26.99 12.88
C ARG D 62 34.02 -27.36 12.72
N ASN D 63 33.67 -28.60 13.07
CA ASN D 63 32.34 -29.12 12.81
C ASN D 63 31.32 -28.74 13.87
N THR D 64 31.77 -28.34 15.07
CA THR D 64 30.86 -28.07 16.18
C THR D 64 30.48 -26.59 16.19
N GLY D 65 29.18 -26.33 16.24
CA GLY D 65 28.72 -24.96 16.28
C GLY D 65 28.97 -24.31 17.63
N ILE D 66 29.18 -23.00 17.60
CA ILE D 66 29.46 -22.22 18.80
C ILE D 66 28.34 -21.20 18.97
N ILE D 67 27.61 -21.30 20.08
CA ILE D 67 26.54 -20.38 20.43
C ILE D 67 27.04 -19.51 21.57
N CYS D 68 27.04 -18.19 21.36
CA CYS D 68 27.49 -17.23 22.35
C CYS D 68 26.32 -16.35 22.75
N THR D 69 26.03 -16.32 24.06
CA THR D 69 25.04 -15.38 24.57
C THR D 69 25.59 -13.97 24.45
N ILE D 70 24.85 -13.11 23.77
CA ILE D 70 25.27 -11.72 23.56
C ILE D 70 24.73 -10.88 24.70
N GLY D 71 25.59 -10.03 25.25
CA GLY D 71 25.21 -9.15 26.33
C GLY D 71 25.99 -7.86 26.31
N PRO D 72 26.12 -7.22 27.47
CA PRO D 72 26.88 -5.95 27.54
C PRO D 72 28.32 -6.06 27.06
N ALA D 73 28.96 -7.21 27.25
CA ALA D 73 30.36 -7.36 26.86
C ALA D 73 30.54 -7.57 25.36
N SER D 74 29.47 -7.87 24.62
CA SER D 74 29.61 -8.16 23.20
C SER D 74 28.46 -7.63 22.36
N ARG D 75 27.73 -6.63 22.84
CA ARG D 75 26.60 -6.08 22.09
C ARG D 75 27.04 -5.14 20.97
N SER D 76 28.25 -4.60 21.06
CA SER D 76 28.71 -3.61 20.09
C SER D 76 28.89 -4.25 18.72
N VAL D 77 28.70 -3.42 17.68
CA VAL D 77 28.87 -3.91 16.30
C VAL D 77 30.30 -4.38 16.08
N GLU D 78 31.29 -3.64 16.58
CA GLU D 78 32.68 -3.95 16.24
C GLU D 78 33.16 -5.24 16.89
N THR D 79 32.76 -5.52 18.14
CA THR D 79 33.15 -6.80 18.74
C THR D 79 32.41 -7.95 18.09
N LEU D 80 31.11 -7.76 17.77
CA LEU D 80 30.36 -8.81 17.10
C LEU D 80 31.03 -9.24 15.80
N LYS D 81 31.67 -8.31 15.09
CA LYS D 81 32.50 -8.69 13.95
C LYS D 81 33.65 -9.59 14.40
N GLU D 82 34.31 -9.21 15.50
CA GLU D 82 35.40 -10.05 16.02
C GLU D 82 34.87 -11.37 16.55
N MET D 83 33.68 -11.36 17.15
CA MET D 83 33.06 -12.60 17.59
C MET D 83 32.84 -13.55 16.41
N ILE D 84 32.35 -13.03 15.28
CA ILE D 84 32.16 -13.85 14.10
C ILE D 84 33.50 -14.32 13.56
N LYS D 85 34.46 -13.41 13.45
CA LYS D 85 35.79 -13.78 12.94
C LYS D 85 36.44 -14.85 13.81
N SER D 86 36.12 -14.88 15.11
CA SER D 86 36.67 -15.86 16.02
C SER D 86 35.86 -17.16 16.06
N GLY D 87 34.76 -17.23 15.32
CA GLY D 87 34.08 -18.50 15.14
C GLY D 87 32.67 -18.61 15.68
N MET D 88 32.06 -17.50 16.08
CA MET D 88 30.66 -17.53 16.54
C MET D 88 29.75 -17.93 15.38
N ASN D 89 28.85 -18.87 15.64
CA ASN D 89 27.89 -19.34 14.65
C ASN D 89 26.46 -18.94 14.98
N VAL D 90 26.07 -18.96 16.25
CA VAL D 90 24.73 -18.60 16.68
C VAL D 90 24.84 -17.57 17.79
N ALA D 91 23.98 -16.54 17.73
CA ALA D 91 23.92 -15.52 18.75
C ALA D 91 22.69 -15.78 19.62
N ARG D 92 22.93 -16.09 20.89
CA ARG D 92 21.85 -16.39 21.83
C ARG D 92 21.46 -15.12 22.59
N LEU D 93 20.17 -14.81 22.60
CA LEU D 93 19.64 -13.65 23.30
C LEU D 93 18.85 -14.16 24.51
N ASN D 94 19.37 -13.89 25.70
CA ASN D 94 18.73 -14.34 26.93
C ASN D 94 17.61 -13.37 27.28
N PHE D 95 16.37 -13.84 27.15
CA PHE D 95 15.19 -13.03 27.47
C PHE D 95 14.77 -13.14 28.93
N SER D 96 15.62 -13.72 29.78
CA SER D 96 15.33 -13.69 31.22
C SER D 96 15.33 -12.26 31.74
N HIS D 97 16.08 -11.36 31.09
CA HIS D 97 16.06 -9.94 31.38
C HIS D 97 16.15 -9.19 30.07
N GLY D 98 16.02 -7.87 30.15
CA GLY D 98 16.11 -7.03 28.97
C GLY D 98 14.75 -6.77 28.33
N THR D 99 14.68 -5.67 27.60
CA THR D 99 13.46 -5.25 26.91
C THR D 99 13.55 -5.58 25.42
N HIS D 100 12.42 -5.36 24.73
CA HIS D 100 12.37 -5.65 23.30
C HIS D 100 13.14 -4.62 22.49
N GLU D 101 13.05 -3.34 22.87
CA GLU D 101 13.83 -2.31 22.18
C GLU D 101 15.32 -2.53 22.37
N TYR D 102 15.72 -3.16 23.47
CA TYR D 102 17.13 -3.48 23.69
C TYR D 102 17.53 -4.71 22.89
N HIS D 103 16.74 -5.77 22.95
CA HIS D 103 17.06 -6.99 22.21
C HIS D 103 16.98 -6.78 20.71
N ALA D 104 16.11 -5.87 20.25
CA ALA D 104 16.06 -5.57 18.82
C ALA D 104 17.29 -4.81 18.37
N GLU D 105 17.87 -3.98 19.25
CA GLU D 105 19.12 -3.30 18.92
C GLU D 105 20.29 -4.28 18.91
N THR D 106 20.27 -5.27 19.81
CA THR D 106 21.27 -6.32 19.77
C THR D 106 21.16 -7.13 18.49
N ILE D 107 19.93 -7.45 18.08
CA ILE D 107 19.72 -8.17 16.82
C ILE D 107 20.24 -7.34 15.66
N LYS D 108 19.88 -6.06 15.62
CA LYS D 108 20.32 -5.20 14.52
C LYS D 108 21.84 -5.15 14.43
N ASN D 109 22.52 -5.01 15.58
CA ASN D 109 23.98 -5.01 15.57
C ASN D 109 24.53 -6.35 15.12
N VAL D 110 23.90 -7.45 15.54
CA VAL D 110 24.30 -8.77 15.07
C VAL D 110 24.18 -8.85 13.55
N ARG D 111 23.02 -8.46 13.02
CA ARG D 111 22.84 -8.45 11.57
C ARG D 111 23.75 -7.43 10.90
N THR D 112 24.06 -6.33 11.58
CA THR D 112 25.00 -5.35 11.04
C THR D 112 26.39 -5.97 10.89
N ALA D 113 26.89 -6.59 11.96
CA ALA D 113 28.20 -7.22 11.90
C ALA D 113 28.21 -8.40 10.93
N THR D 114 27.14 -9.20 10.93
CA THR D 114 27.08 -10.35 10.03
C THR D 114 27.10 -9.92 8.57
N GLU D 115 26.26 -8.95 8.22
CA GLU D 115 26.17 -8.51 6.83
C GLU D 115 27.37 -7.69 6.38
N SER D 116 28.25 -7.30 7.31
CA SER D 116 29.47 -6.60 6.92
C SER D 116 30.39 -7.48 6.07
N PHE D 117 30.23 -8.80 6.15
CA PHE D 117 30.99 -9.74 5.34
C PHE D 117 30.22 -10.20 4.11
N ALA D 118 28.98 -9.74 3.91
CA ALA D 118 28.17 -10.19 2.79
C ALA D 118 28.69 -9.71 1.45
N SER D 119 29.62 -8.75 1.43
CA SER D 119 30.21 -8.25 0.18
C SER D 119 31.10 -9.27 -0.52
N ASP D 120 31.08 -10.52 -0.07
CA ASP D 120 31.90 -11.59 -0.61
C ASP D 120 31.26 -12.91 -0.23
N PRO D 121 30.34 -13.44 -1.04
CA PRO D 121 29.60 -14.65 -0.64
C PRO D 121 30.47 -15.89 -0.50
N ILE D 122 31.71 -15.87 -0.99
CA ILE D 122 32.58 -17.03 -0.85
C ILE D 122 33.03 -17.18 0.61
N LEU D 123 33.37 -16.08 1.25
CA LEU D 123 33.84 -16.10 2.63
C LEU D 123 32.75 -15.76 3.64
N TYR D 124 31.55 -15.43 3.18
CA TYR D 124 30.48 -15.04 4.08
C TYR D 124 30.01 -16.24 4.91
N ARG D 125 29.94 -16.05 6.23
CA ARG D 125 29.46 -17.09 7.12
C ARG D 125 28.13 -16.66 7.71
N PRO D 126 27.06 -17.43 7.52
CA PRO D 126 25.79 -17.06 8.14
C PRO D 126 25.88 -17.14 9.66
N VAL D 127 25.19 -16.22 10.32
CA VAL D 127 25.16 -16.14 11.78
C VAL D 127 23.72 -16.20 12.23
N ALA D 128 23.37 -17.22 13.01
CA ALA D 128 22.00 -17.42 13.43
C ALA D 128 21.68 -16.56 14.64
N VAL D 129 20.38 -16.32 14.84
CA VAL D 129 19.86 -15.61 16.00
C VAL D 129 18.94 -16.56 16.76
N ALA D 130 19.18 -16.70 18.06
CA ALA D 130 18.39 -17.57 18.91
C ALA D 130 17.81 -16.78 20.06
N LEU D 131 16.53 -17.04 20.36
CA LEU D 131 15.86 -16.44 21.52
C LEU D 131 15.74 -17.49 22.61
N ASP D 132 16.36 -17.23 23.75
CA ASP D 132 16.20 -18.06 24.92
C ASP D 132 15.11 -17.44 25.79
N THR D 133 14.02 -18.19 26.01
CA THR D 133 12.89 -17.67 26.75
C THR D 133 13.19 -17.61 28.24
N LYS D 134 12.46 -16.74 28.94
CA LYS D 134 12.60 -16.65 30.39
C LYS D 134 11.99 -17.87 31.07
N GLY D 135 10.82 -18.30 30.63
CA GLY D 135 10.17 -19.47 31.16
C GLY D 135 9.70 -19.28 32.59
N PRO D 136 9.25 -20.37 33.23
CA PRO D 136 8.86 -20.28 34.64
C PRO D 136 10.04 -20.06 35.56
N GLU D 137 10.48 -18.81 35.71
CA GLU D 137 11.64 -18.45 36.50
C GLU D 137 11.17 -17.64 37.71
N ILE D 138 11.21 -18.26 38.88
CA ILE D 138 10.78 -17.62 40.11
C ILE D 138 11.94 -16.77 40.65
N ARG D 139 11.67 -15.48 40.84
CA ARG D 139 12.71 -14.56 41.30
C ARG D 139 12.25 -13.82 42.55
N LYS D 225 15.63 -10.32 44.85
CA LYS D 225 15.15 -10.86 43.58
C LYS D 225 16.22 -11.71 42.92
N LYS D 226 16.61 -12.79 43.59
CA LYS D 226 17.63 -13.69 43.07
C LYS D 226 17.00 -14.80 42.23
N GLY D 227 17.58 -15.99 42.26
CA GLY D 227 17.05 -17.12 41.54
C GLY D 227 16.69 -18.28 42.44
N VAL D 228 15.42 -18.68 42.44
CA VAL D 228 14.91 -19.74 43.30
C VAL D 228 14.70 -21.00 42.47
N ASN D 229 15.05 -22.14 43.06
CA ASN D 229 14.84 -23.45 42.44
C ASN D 229 14.25 -24.40 43.47
N LEU D 230 13.45 -25.34 42.99
CA LEU D 230 12.82 -26.31 43.87
C LEU D 230 12.42 -27.56 43.08
N PRO D 231 13.14 -28.68 43.27
CA PRO D 231 12.85 -29.95 42.57
C PRO D 231 11.46 -30.49 42.87
N LEU D 237 2.94 -24.48 37.64
CA LEU D 237 3.59 -23.51 36.76
C LEU D 237 3.20 -23.73 35.30
N PRO D 238 3.03 -22.65 34.55
CA PRO D 238 2.67 -22.77 33.14
C PRO D 238 3.89 -22.95 32.25
N ALA D 239 3.64 -23.48 31.06
CA ALA D 239 4.70 -23.69 30.08
C ALA D 239 5.13 -22.38 29.44
N VAL D 240 4.20 -21.69 28.77
CA VAL D 240 4.47 -20.42 28.11
C VAL D 240 3.44 -19.43 28.64
N SER D 241 3.84 -18.66 29.66
CA SER D 241 2.94 -17.69 30.27
C SER D 241 2.88 -16.43 29.42
N GLU D 242 2.27 -15.36 29.97
CA GLU D 242 2.02 -14.16 29.19
C GLU D 242 3.33 -13.50 28.76
N LYS D 243 4.34 -13.51 29.64
CA LYS D 243 5.63 -12.94 29.28
C LYS D 243 6.30 -13.74 28.17
N ASP D 244 6.19 -15.07 28.23
CA ASP D 244 6.80 -15.91 27.22
C ASP D 244 6.14 -15.71 25.85
N ILE D 245 4.81 -15.60 25.83
CA ILE D 245 4.11 -15.44 24.56
C ILE D 245 4.50 -14.12 23.89
N GLN D 246 4.55 -13.04 24.67
CA GLN D 246 4.92 -11.75 24.10
C GLN D 246 6.34 -11.76 23.55
N ASP D 247 7.25 -12.44 24.25
CA ASP D 247 8.61 -12.56 23.75
C ASP D 247 8.71 -13.53 22.57
N LEU D 248 7.89 -14.59 22.59
CA LEU D 248 7.86 -15.50 21.46
C LEU D 248 7.32 -14.82 20.21
N LYS D 249 6.27 -14.03 20.35
CA LYS D 249 5.75 -13.28 19.20
C LYS D 249 6.76 -12.25 18.70
N PHE D 250 7.52 -11.65 19.62
CA PHE D 250 8.60 -10.76 19.20
C PHE D 250 9.68 -11.51 18.44
N GLY D 251 9.92 -12.77 18.80
CA GLY D 251 10.89 -13.57 18.05
C GLY D 251 10.44 -13.80 16.62
N VAL D 252 9.17 -14.16 16.43
CA VAL D 252 8.64 -14.34 15.08
C VAL D 252 8.65 -13.02 14.32
N GLU D 253 8.44 -11.90 15.02
CA GLU D 253 8.51 -10.60 14.37
C GLU D 253 9.94 -10.23 14.00
N GLN D 254 10.90 -10.56 14.87
CA GLN D 254 12.30 -10.29 14.60
C GLN D 254 12.96 -11.29 13.66
N ASP D 255 12.22 -12.32 13.22
CA ASP D 255 12.72 -13.31 12.26
C ASP D 255 13.91 -14.10 12.84
N VAL D 256 13.72 -14.62 14.05
CA VAL D 256 14.76 -15.44 14.68
C VAL D 256 14.73 -16.84 14.07
N ASP D 257 15.89 -17.49 14.08
CA ASP D 257 16.02 -18.80 13.45
C ASP D 257 15.62 -19.95 14.36
N MET D 258 15.65 -19.75 15.67
CA MET D 258 15.37 -20.83 16.61
C MET D 258 14.98 -20.22 17.95
N VAL D 259 14.40 -21.05 18.80
CA VAL D 259 13.93 -20.63 20.11
C VAL D 259 14.41 -21.66 21.13
N PHE D 260 15.13 -21.19 22.16
CA PHE D 260 15.54 -22.04 23.27
C PHE D 260 14.43 -21.98 24.30
N ALA D 261 13.54 -22.98 24.28
CA ALA D 261 12.41 -23.01 25.21
C ALA D 261 12.91 -23.41 26.59
N SER D 262 12.91 -22.47 27.52
CA SER D 262 13.47 -22.72 28.84
C SER D 262 12.51 -23.54 29.70
N PHE D 263 13.08 -24.48 30.46
CA PHE D 263 12.33 -25.35 31.37
C PHE D 263 11.17 -26.05 30.67
N ILE D 264 11.46 -27.16 30.00
CA ILE D 264 10.46 -27.96 29.31
C ILE D 264 10.35 -29.28 30.06
N ARG D 265 9.20 -29.52 30.68
CA ARG D 265 9.01 -30.69 31.52
C ARG D 265 8.28 -31.83 30.81
N LYS D 266 7.47 -31.53 29.79
CA LYS D 266 6.72 -32.55 29.10
C LYS D 266 6.50 -32.13 27.65
N ALA D 267 6.12 -33.10 26.82
CA ALA D 267 5.85 -32.83 25.41
C ALA D 267 4.71 -31.83 25.22
N SER D 268 3.80 -31.73 26.20
CA SER D 268 2.73 -30.73 26.13
C SER D 268 3.29 -29.32 26.08
N ASP D 269 4.41 -29.07 26.77
CA ASP D 269 5.01 -27.74 26.77
C ASP D 269 5.54 -27.39 25.38
N VAL D 270 6.16 -28.36 24.69
CA VAL D 270 6.67 -28.11 23.35
C VAL D 270 5.53 -27.81 22.39
N HIS D 271 4.44 -28.58 22.48
CA HIS D 271 3.25 -28.28 21.68
C HIS D 271 2.68 -26.93 22.05
N GLU D 272 2.69 -26.59 23.34
CA GLU D 272 2.20 -25.29 23.77
C GLU D 272 3.03 -24.16 23.16
N VAL D 273 4.34 -24.31 23.12
CA VAL D 273 5.19 -23.29 22.52
C VAL D 273 5.02 -23.28 21.01
N ARG D 274 4.99 -24.46 20.38
CA ARG D 274 4.87 -24.52 18.92
C ARG D 274 3.58 -23.86 18.45
N LYS D 275 2.49 -23.99 19.22
CA LYS D 275 1.25 -23.34 18.85
C LYS D 275 1.34 -21.82 18.98
N VAL D 276 2.20 -21.33 19.89
CA VAL D 276 2.32 -19.88 20.08
C VAL D 276 3.06 -19.24 18.91
N LEU D 277 4.09 -19.91 18.39
CA LEU D 277 4.82 -19.36 17.26
C LEU D 277 3.98 -19.34 15.99
N GLY D 278 3.01 -20.24 15.87
CA GLY D 278 2.07 -20.23 14.78
C GLY D 278 2.68 -20.59 13.44
N GLU D 279 1.85 -20.43 12.40
CA GLU D 279 2.28 -20.71 11.05
C GLU D 279 3.20 -19.63 10.51
N LYS D 280 3.21 -18.44 11.11
CA LYS D 280 4.14 -17.40 10.69
C LYS D 280 5.58 -17.78 11.06
N GLY D 281 5.76 -18.37 12.24
CA GLY D 281 7.06 -18.87 12.64
C GLY D 281 7.10 -20.39 12.66
N LYS D 282 6.47 -21.02 11.67
CA LYS D 282 6.41 -22.48 11.64
C LYS D 282 7.78 -23.09 11.34
N ASN D 283 8.66 -22.34 10.67
CA ASN D 283 10.00 -22.82 10.36
C ASN D 283 10.99 -22.53 11.47
N ILE D 284 10.61 -21.77 12.50
CA ILE D 284 11.49 -21.53 13.63
C ILE D 284 11.68 -22.82 14.40
N LYS D 285 12.93 -23.20 14.61
CA LYS D 285 13.26 -24.48 15.23
C LYS D 285 13.09 -24.40 16.74
N ILE D 286 12.21 -25.24 17.28
CA ILE D 286 11.98 -25.32 18.72
C ILE D 286 12.93 -26.38 19.27
N ILE D 287 13.90 -25.94 20.08
CA ILE D 287 14.81 -26.86 20.75
C ILE D 287 14.66 -26.67 22.26
N SER D 288 14.19 -27.71 22.94
CA SER D 288 13.78 -27.60 24.33
C SER D 288 14.98 -27.72 25.26
N LYS D 289 14.96 -26.92 26.33
CA LYS D 289 16.00 -26.93 27.34
C LYS D 289 15.54 -27.83 28.49
N ILE D 290 16.26 -28.93 28.71
CA ILE D 290 15.96 -29.84 29.81
C ILE D 290 16.61 -29.27 31.06
N GLU D 291 15.80 -28.91 32.05
CA GLU D 291 16.26 -28.15 33.20
C GLU D 291 15.89 -28.77 34.55
N ASN D 292 15.28 -29.94 34.58
CA ASN D 292 14.85 -30.52 35.86
C ASN D 292 14.74 -32.03 35.73
N HIS D 293 14.37 -32.67 36.85
CA HIS D 293 14.25 -34.12 36.89
C HIS D 293 13.10 -34.61 36.02
N GLU D 294 12.03 -33.81 35.90
CA GLU D 294 10.89 -34.24 35.08
C GLU D 294 11.27 -34.30 33.61
N GLY D 295 11.94 -33.26 33.10
CA GLY D 295 12.35 -33.26 31.71
C GLY D 295 13.27 -34.41 31.35
N VAL D 296 14.12 -34.83 32.30
CA VAL D 296 15.01 -35.96 32.05
C VAL D 296 14.21 -37.26 31.98
N ARG D 297 13.31 -37.47 32.93
CA ARG D 297 12.50 -38.69 32.92
C ARG D 297 11.60 -38.74 31.69
N ARG D 298 10.97 -37.63 31.35
CA ARG D 298 10.13 -37.53 30.15
C ARG D 298 10.91 -37.06 28.92
N PHE D 299 12.18 -37.46 28.80
CA PHE D 299 13.00 -36.93 27.71
C PHE D 299 12.58 -37.49 26.36
N ASP D 300 12.18 -38.77 26.33
CA ASP D 300 11.85 -39.41 25.06
C ASP D 300 10.66 -38.72 24.39
N GLU D 301 9.60 -38.48 25.14
CA GLU D 301 8.44 -37.78 24.58
C GLU D 301 8.76 -36.32 24.29
N ILE D 302 9.71 -35.74 25.02
CA ILE D 302 10.10 -34.36 24.76
C ILE D 302 10.92 -34.28 23.48
N LEU D 303 11.87 -35.21 23.30
CA LEU D 303 12.72 -35.20 22.11
C LEU D 303 11.92 -35.42 20.85
N GLU D 304 10.93 -36.32 20.90
CA GLU D 304 10.14 -36.61 19.70
C GLU D 304 9.33 -35.39 19.24
N ALA D 305 8.90 -34.55 20.18
CA ALA D 305 8.14 -33.36 19.84
C ALA D 305 9.01 -32.15 19.53
N SER D 306 10.32 -32.25 19.71
CA SER D 306 11.21 -31.11 19.56
C SER D 306 11.98 -31.18 18.25
N ASP D 307 12.56 -30.05 17.87
CA ASP D 307 13.55 -30.00 16.80
C ASP D 307 14.96 -30.15 17.33
N GLY D 308 15.13 -30.28 18.65
CA GLY D 308 16.43 -30.44 19.25
C GLY D 308 16.34 -30.28 20.74
N ILE D 309 17.49 -30.42 21.40
CA ILE D 309 17.57 -30.42 22.85
C ILE D 309 18.77 -29.60 23.28
N MET D 310 18.61 -28.83 24.37
CA MET D 310 19.73 -28.20 25.04
C MET D 310 19.81 -28.79 26.45
N VAL D 311 20.95 -29.38 26.78
CA VAL D 311 21.22 -29.82 28.15
C VAL D 311 21.62 -28.60 28.97
N ALA D 312 20.63 -27.88 29.49
CA ALA D 312 20.85 -26.68 30.28
C ALA D 312 21.41 -27.10 31.63
N ARG D 313 22.74 -27.27 31.67
CA ARG D 313 23.40 -27.84 32.84
C ARG D 313 23.29 -26.95 34.07
N GLY D 314 23.13 -25.65 33.89
CA GLY D 314 23.03 -24.73 35.01
C GLY D 314 21.89 -25.06 35.95
N ASP D 315 20.66 -24.93 35.46
CA ASP D 315 19.50 -25.29 36.29
C ASP D 315 19.45 -26.78 36.56
N LEU D 316 19.90 -27.60 35.60
CA LEU D 316 19.88 -29.05 35.80
C LEU D 316 20.76 -29.46 36.96
N GLY D 317 21.91 -28.80 37.13
CA GLY D 317 22.81 -29.12 38.22
C GLY D 317 22.24 -28.79 39.59
N ILE D 318 21.21 -27.94 39.65
CA ILE D 318 20.56 -27.62 40.91
C ILE D 318 19.42 -28.59 41.21
N GLU D 319 18.58 -28.87 40.21
CA GLU D 319 17.41 -29.72 40.43
C GLU D 319 17.81 -31.15 40.74
N ILE D 320 18.88 -31.65 40.15
CA ILE D 320 19.38 -33.00 40.42
C ILE D 320 20.75 -32.86 41.04
N PRO D 321 21.24 -33.90 41.73
CA PRO D 321 22.59 -33.83 42.30
C PRO D 321 23.62 -33.52 41.22
N ALA D 322 24.61 -32.70 41.60
CA ALA D 322 25.62 -32.26 40.64
C ALA D 322 26.43 -33.44 40.11
N GLU D 323 26.63 -34.47 40.92
CA GLU D 323 27.38 -35.65 40.49
C GLU D 323 26.64 -36.47 39.44
N LYS D 324 25.39 -36.12 39.13
CA LYS D 324 24.61 -36.84 38.13
C LYS D 324 24.42 -36.07 36.84
N VAL D 325 24.99 -34.85 36.74
CA VAL D 325 24.81 -34.05 35.54
C VAL D 325 25.43 -34.73 34.33
N PHE D 326 26.61 -35.32 34.49
CA PHE D 326 27.26 -35.98 33.36
C PHE D 326 26.47 -37.20 32.88
N LEU D 327 25.74 -37.85 33.79
CA LEU D 327 24.89 -38.96 33.38
C LEU D 327 23.78 -38.47 32.44
N ALA D 328 23.03 -37.46 32.86
CA ALA D 328 21.97 -36.93 32.03
C ALA D 328 22.52 -36.29 30.76
N GLN D 329 23.70 -35.69 30.83
CA GLN D 329 24.30 -35.08 29.64
C GLN D 329 24.59 -36.12 28.57
N LYS D 330 25.33 -37.17 28.94
CA LYS D 330 25.64 -38.22 27.98
C LYS D 330 24.41 -39.00 27.57
N MET D 331 23.40 -39.07 28.45
CA MET D 331 22.14 -39.72 28.08
C MET D 331 21.42 -38.93 26.99
N MET D 332 21.31 -37.61 27.17
CA MET D 332 20.57 -36.81 26.20
C MET D 332 21.33 -36.66 24.88
N ILE D 333 22.65 -36.58 24.94
CA ILE D 333 23.44 -36.45 23.72
C ILE D 333 23.35 -37.73 22.89
N GLY D 334 23.47 -38.89 23.54
CA GLY D 334 23.41 -40.15 22.81
C GLY D 334 22.05 -40.39 22.18
N ARG D 335 20.97 -40.08 22.91
CA ARG D 335 19.63 -40.26 22.36
C ARG D 335 19.36 -39.30 21.21
N CYS D 336 19.79 -38.03 21.36
CA CYS D 336 19.68 -37.10 20.25
C CYS D 336 20.50 -37.56 19.05
N ASN D 337 21.73 -38.02 19.30
CA ASN D 337 22.54 -38.58 18.23
C ASN D 337 21.80 -39.74 17.56
N ARG D 338 21.18 -40.61 18.36
CA ARG D 338 20.44 -41.73 17.81
C ARG D 338 19.26 -41.25 16.96
N ALA D 339 18.52 -40.26 17.45
CA ALA D 339 17.35 -39.76 16.76
C ALA D 339 17.69 -38.80 15.62
N GLY D 340 18.96 -38.44 15.44
CA GLY D 340 19.33 -37.51 14.41
C GLY D 340 18.88 -36.09 14.65
N LYS D 341 18.71 -35.70 15.91
CA LYS D 341 18.29 -34.36 16.26
C LYS D 341 19.44 -33.61 16.93
N PRO D 342 19.54 -32.30 16.72
CA PRO D 342 20.65 -31.54 17.33
C PRO D 342 20.55 -31.50 18.84
N VAL D 343 21.71 -31.43 19.48
CA VAL D 343 21.79 -31.31 20.92
C VAL D 343 22.89 -30.31 21.28
N ILE D 344 22.58 -29.43 22.23
CA ILE D 344 23.50 -28.39 22.68
C ILE D 344 23.93 -28.70 24.10
N CYS D 345 25.24 -28.66 24.34
CA CYS D 345 25.78 -28.66 25.69
C CYS D 345 26.04 -27.21 26.09
N ALA D 346 25.46 -26.80 27.21
CA ALA D 346 25.44 -25.38 27.55
C ALA D 346 25.89 -25.16 29.00
N THR D 347 26.33 -23.91 29.25
CA THR D 347 26.50 -23.32 30.57
C THR D 347 27.72 -23.80 31.35
N GLN D 348 28.54 -22.84 31.79
CA GLN D 348 29.70 -23.04 32.66
C GLN D 348 30.79 -23.88 32.01
N MET D 349 30.82 -23.93 30.67
CA MET D 349 31.87 -24.69 29.99
C MET D 349 33.23 -24.01 30.12
N LEU D 350 33.26 -22.68 30.18
CA LEU D 350 34.49 -21.91 30.35
C LEU D 350 34.27 -20.81 31.38
N GLU D 351 33.60 -21.15 32.48
CA GLU D 351 33.11 -20.13 33.41
C GLU D 351 34.23 -19.24 33.93
N SER D 352 35.39 -19.82 34.24
CA SER D 352 36.50 -19.04 34.77
C SER D 352 36.98 -17.97 33.80
N MET D 353 36.70 -18.12 32.50
CA MET D 353 37.12 -17.12 31.52
C MET D 353 36.30 -15.84 31.58
N ILE D 354 35.25 -15.81 32.40
CA ILE D 354 34.52 -14.56 32.63
C ILE D 354 35.45 -13.48 33.16
N LYS D 355 36.38 -13.86 34.04
CA LYS D 355 37.30 -12.92 34.66
C LYS D 355 38.77 -13.26 34.41
N LYS D 356 39.07 -14.31 33.66
CA LYS D 356 40.44 -14.69 33.39
C LYS D 356 40.65 -14.93 31.91
N PRO D 357 41.87 -14.70 31.40
CA PRO D 357 42.10 -14.87 29.95
C PRO D 357 42.33 -16.31 29.53
N ARG D 358 42.53 -17.24 30.46
CA ARG D 358 42.74 -18.64 30.14
C ARG D 358 41.82 -19.50 30.99
N PRO D 359 41.25 -20.56 30.41
CA PRO D 359 40.34 -21.41 31.19
C PRO D 359 41.11 -22.36 32.09
N THR D 360 40.36 -23.01 32.98
CA THR D 360 40.92 -24.03 33.83
C THR D 360 41.03 -25.35 33.06
N ARG D 361 41.81 -26.28 33.62
CA ARG D 361 41.98 -27.57 32.99
C ARG D 361 40.66 -28.35 32.94
N ALA D 362 39.83 -28.20 33.96
CA ALA D 362 38.52 -28.84 33.94
C ALA D 362 37.63 -28.25 32.85
N GLU D 363 37.77 -26.95 32.60
CA GLU D 363 36.95 -26.32 31.56
C GLU D 363 37.41 -26.73 30.17
N GLY D 364 38.73 -26.91 29.99
CA GLY D 364 39.22 -27.40 28.72
C GLY D 364 38.75 -28.82 28.45
N SER D 365 38.86 -29.70 29.45
CA SER D 365 38.40 -31.08 29.30
C SER D 365 36.88 -31.16 29.12
N ASP D 366 36.14 -30.17 29.65
CA ASP D 366 34.69 -30.17 29.52
C ASP D 366 34.27 -29.88 28.08
N VAL D 367 34.90 -28.89 27.46
CA VAL D 367 34.61 -28.58 26.05
C VAL D 367 34.91 -29.80 25.19
N ALA D 368 36.08 -30.40 25.36
CA ALA D 368 36.48 -31.53 24.52
C ALA D 368 35.57 -32.73 24.75
N ASN D 369 35.20 -33.00 26.00
CA ASN D 369 34.38 -34.17 26.28
C ASN D 369 32.97 -34.02 25.75
N ALA D 370 32.42 -32.81 25.75
CA ALA D 370 31.11 -32.59 25.15
C ALA D 370 31.14 -32.88 23.66
N VAL D 371 32.18 -32.41 22.97
CA VAL D 371 32.34 -32.73 21.55
C VAL D 371 32.47 -34.23 21.35
N LEU D 372 33.29 -34.89 22.20
CA LEU D 372 33.44 -36.33 22.12
C LEU D 372 32.14 -37.05 22.44
N ASP D 373 31.32 -36.49 23.32
CA ASP D 373 30.02 -37.09 23.62
C ASP D 373 29.14 -37.13 22.38
N GLY D 374 29.24 -36.13 21.52
CA GLY D 374 28.45 -36.07 20.30
C GLY D 374 27.61 -34.83 20.22
N ALA D 375 27.94 -33.82 21.03
CA ALA D 375 27.16 -32.59 21.07
C ALA D 375 27.32 -31.82 19.77
N ASP D 376 26.20 -31.43 19.17
CA ASP D 376 26.24 -30.68 17.92
C ASP D 376 26.81 -29.28 18.12
N CYS D 377 26.45 -28.62 19.22
CA CYS D 377 26.87 -27.26 19.48
C CYS D 377 27.29 -27.12 20.94
N ILE D 378 28.23 -26.22 21.18
CA ILE D 378 28.61 -25.83 22.53
C ILE D 378 28.21 -24.38 22.74
N MET D 379 28.03 -24.01 24.00
CA MET D 379 27.46 -22.71 24.33
C MET D 379 28.36 -21.93 25.28
N LEU D 380 28.27 -20.61 25.20
CA LEU D 380 28.90 -19.69 26.12
C LEU D 380 27.85 -18.69 26.58
N SER D 381 27.69 -18.56 27.90
CA SER D 381 26.69 -17.65 28.46
C SER D 381 27.42 -16.44 29.02
N GLY D 382 27.71 -16.39 30.32
CA GLY D 382 28.39 -15.23 30.89
C GLY D 382 29.75 -14.96 30.30
N GLU D 383 30.39 -15.97 29.70
CA GLU D 383 31.72 -15.78 29.13
C GLU D 383 31.70 -14.79 27.98
N THR D 384 30.60 -14.74 27.22
CA THR D 384 30.46 -13.79 26.12
C THR D 384 29.49 -12.65 26.45
N ALA D 385 28.54 -12.88 27.35
CA ALA D 385 27.53 -11.86 27.64
C ALA D 385 28.11 -10.71 28.46
N LYS D 386 28.73 -11.03 29.60
CA LYS D 386 29.23 -10.02 30.51
C LYS D 386 30.68 -10.20 30.93
N GLY D 387 31.35 -11.24 30.45
CA GLY D 387 32.71 -11.52 30.89
C GLY D 387 33.71 -10.51 30.34
N ASP D 388 34.93 -10.60 30.89
CA ASP D 388 36.00 -9.69 30.52
C ASP D 388 36.79 -10.13 29.30
N TYR D 389 36.59 -11.36 28.83
CA TYR D 389 37.34 -11.91 27.70
C TYR D 389 36.38 -12.64 26.76
N PRO D 390 35.54 -11.90 26.03
CA PRO D 390 34.58 -12.55 25.14
C PRO D 390 35.23 -13.24 23.95
N LEU D 391 36.13 -12.53 23.25
CA LEU D 391 36.78 -13.11 22.08
C LEU D 391 37.66 -14.29 22.47
N GLU D 392 38.31 -14.21 23.63
CA GLU D 392 39.18 -15.30 24.06
C GLU D 392 38.37 -16.56 24.39
N ALA D 393 37.18 -16.39 24.97
CA ALA D 393 36.32 -17.54 25.24
C ALA D 393 35.82 -18.19 23.96
N VAL D 394 35.56 -17.39 22.92
CA VAL D 394 35.11 -17.95 21.65
C VAL D 394 36.26 -18.67 20.95
N ARG D 395 37.47 -18.09 21.02
CA ARG D 395 38.62 -18.71 20.37
C ARG D 395 38.98 -20.02 21.03
N MET D 396 38.89 -20.10 22.37
CA MET D 396 39.19 -21.34 23.05
C MET D 396 38.22 -22.45 22.67
N GLN D 397 36.91 -22.13 22.63
CA GLN D 397 35.93 -23.12 22.20
C GLN D 397 36.17 -23.57 20.76
N HIS D 398 36.67 -22.67 19.91
CA HIS D 398 36.99 -23.05 18.54
C HIS D 398 38.15 -24.03 18.51
N LEU D 399 39.23 -23.73 19.24
CA LEU D 399 40.43 -24.57 19.20
C LEU D 399 40.16 -25.94 19.78
N ILE D 400 39.49 -26.01 20.94
CA ILE D 400 39.24 -27.30 21.57
C ILE D 400 38.31 -28.15 20.71
N ALA D 401 37.30 -27.52 20.10
CA ALA D 401 36.32 -28.27 19.32
C ALA D 401 36.99 -29.04 18.19
N ARG D 402 37.83 -28.38 17.39
CA ARG D 402 38.44 -29.06 16.26
C ARG D 402 39.46 -30.11 16.72
N GLU D 403 40.12 -29.89 17.85
CA GLU D 403 40.99 -30.93 18.39
C GLU D 403 40.20 -32.16 18.79
N ALA D 404 39.05 -31.96 19.46
CA ALA D 404 38.23 -33.09 19.87
C ALA D 404 37.57 -33.77 18.68
N GLU D 405 37.30 -33.02 17.61
CA GLU D 405 36.67 -33.62 16.43
C GLU D 405 37.58 -34.66 15.79
N ALA D 406 38.87 -34.35 15.69
CA ALA D 406 39.82 -35.33 15.17
C ALA D 406 39.98 -36.53 16.10
N ALA D 407 39.64 -36.39 17.37
CA ALA D 407 39.84 -37.43 18.37
C ALA D 407 38.67 -38.40 18.47
N ILE D 408 37.57 -38.15 17.78
CA ILE D 408 36.44 -39.07 17.85
C ILE D 408 36.80 -40.39 17.16
N TYR D 409 36.28 -41.50 17.72
CA TYR D 409 36.49 -42.83 17.16
C TYR D 409 35.43 -43.08 16.09
N HIS D 410 35.69 -42.56 14.89
CA HIS D 410 34.71 -42.65 13.82
C HIS D 410 34.42 -44.08 13.42
N LEU D 411 35.41 -44.97 13.55
CA LEU D 411 35.19 -46.37 13.20
C LEU D 411 34.07 -46.99 14.04
N GLN D 412 34.00 -46.64 15.32
CA GLN D 412 32.94 -47.18 16.17
C GLN D 412 31.67 -46.33 16.08
N LEU D 413 31.82 -45.01 15.98
CA LEU D 413 30.65 -44.13 15.92
C LEU D 413 29.81 -44.39 14.68
N PHE D 414 30.46 -44.49 13.52
CA PHE D 414 29.72 -44.69 12.28
C PHE D 414 29.00 -46.04 12.28
N GLU D 415 29.64 -47.08 12.81
CA GLU D 415 29.01 -48.39 12.85
C GLU D 415 27.83 -48.41 13.82
N GLU D 416 28.03 -47.90 15.04
CA GLU D 416 26.96 -47.92 16.03
C GLU D 416 25.80 -47.02 15.64
N LEU D 417 26.07 -45.92 14.93
CA LEU D 417 24.99 -45.06 14.47
C LEU D 417 24.12 -45.78 13.43
N ARG D 418 24.73 -46.61 12.58
CA ARG D 418 23.97 -47.33 11.57
C ARG D 418 23.29 -48.56 12.14
N ARG D 419 23.97 -49.27 13.04
CA ARG D 419 23.38 -50.45 13.66
C ARG D 419 22.06 -50.10 14.35
N LEU D 420 22.00 -48.92 14.97
CA LEU D 420 20.79 -48.49 15.66
C LEU D 420 19.84 -47.69 14.77
N ALA D 421 20.30 -47.23 13.62
CA ALA D 421 19.41 -46.55 12.70
C ALA D 421 18.57 -47.58 11.94
N PRO D 422 17.25 -47.40 11.86
CA PRO D 422 16.41 -48.40 11.22
C PRO D 422 16.56 -48.39 9.70
N ILE D 423 16.12 -49.48 9.08
CA ILE D 423 16.04 -49.53 7.63
C ILE D 423 15.00 -48.51 7.17
N THR D 424 15.29 -47.86 6.04
CA THR D 424 14.45 -46.77 5.55
C THR D 424 13.93 -47.09 4.16
N SER D 425 12.92 -46.34 3.74
CA SER D 425 12.44 -46.33 2.37
C SER D 425 12.53 -44.94 1.75
N ASP D 426 13.18 -43.99 2.45
CA ASP D 426 13.38 -42.65 1.94
C ASP D 426 14.66 -42.63 1.12
N PRO D 427 14.61 -42.25 -0.16
CA PRO D 427 15.85 -42.20 -0.95
C PRO D 427 16.89 -41.25 -0.39
N THR D 428 16.45 -40.17 0.27
CA THR D 428 17.41 -39.20 0.81
C THR D 428 18.21 -39.81 1.96
N GLU D 429 17.55 -40.58 2.84
CA GLU D 429 18.25 -41.21 3.95
C GLU D 429 19.26 -42.24 3.45
N ALA D 430 18.88 -43.02 2.43
CA ALA D 430 19.80 -44.02 1.89
C ALA D 430 20.97 -43.37 1.17
N THR D 431 20.71 -42.29 0.43
CA THR D 431 21.79 -41.57 -0.23
C THR D 431 22.73 -40.92 0.79
N ALA D 432 22.21 -40.49 1.93
CA ALA D 432 23.02 -39.82 2.93
C ALA D 432 24.04 -40.78 3.56
N VAL D 433 23.56 -41.91 4.08
CA VAL D 433 24.47 -42.89 4.69
C VAL D 433 25.42 -43.47 3.64
N GLY D 434 24.95 -43.63 2.40
CA GLY D 434 25.86 -44.03 1.34
C GLY D 434 26.93 -42.99 1.04
N ALA D 435 26.59 -41.70 1.19
CA ALA D 435 27.56 -40.65 0.97
C ALA D 435 28.58 -40.58 2.10
N VAL D 436 28.13 -40.80 3.34
CA VAL D 436 29.05 -40.80 4.47
C VAL D 436 30.00 -42.00 4.37
N GLU D 437 29.46 -43.17 4.01
CA GLU D 437 30.31 -44.33 3.80
C GLU D 437 31.34 -44.08 2.70
N ALA D 438 30.92 -43.44 1.61
CA ALA D 438 31.84 -43.13 0.52
C ALA D 438 32.88 -42.10 0.95
N SER D 439 32.48 -41.13 1.78
CA SER D 439 33.42 -40.09 2.22
C SER D 439 34.51 -40.67 3.10
N PHE D 440 34.18 -41.66 3.93
CA PHE D 440 35.21 -42.36 4.69
C PHE D 440 36.10 -43.20 3.80
N LYS D 441 35.56 -43.72 2.70
CA LYS D 441 36.32 -44.60 1.82
C LYS D 441 37.39 -43.84 1.05
N CYS D 442 37.12 -42.60 0.65
CA CYS D 442 38.08 -41.82 -0.12
C CYS D 442 38.73 -40.69 0.66
N CYS D 443 38.45 -40.59 1.97
CA CYS D 443 38.96 -39.49 2.80
C CYS D 443 38.67 -38.14 2.15
N SER D 444 37.41 -37.93 1.81
CA SER D 444 37.05 -36.80 0.97
C SER D 444 37.22 -35.48 1.72
N GLY D 445 37.48 -34.43 0.96
CA GLY D 445 37.63 -33.10 1.54
C GLY D 445 36.35 -32.56 2.13
N ALA D 446 35.21 -32.91 1.54
CA ALA D 446 33.92 -32.43 2.04
C ALA D 446 32.80 -33.23 1.41
N ILE D 447 31.61 -33.08 1.99
CA ILE D 447 30.38 -33.61 1.42
C ILE D 447 29.54 -32.40 1.02
N ILE D 448 29.52 -32.10 -0.27
CA ILE D 448 28.73 -30.97 -0.79
C ILE D 448 27.31 -31.45 -0.97
N VAL D 449 26.37 -30.73 -0.34
CA VAL D 449 24.96 -31.11 -0.37
C VAL D 449 24.14 -29.89 -0.78
N LEU D 450 23.47 -29.99 -1.91
CA LEU D 450 22.49 -28.98 -2.30
C LEU D 450 21.21 -29.23 -1.51
N THR D 451 20.74 -28.22 -0.80
CA THR D 451 19.54 -28.37 -0.01
C THR D 451 18.79 -27.04 0.05
N LYS D 452 17.47 -27.12 0.06
CA LYS D 452 16.60 -25.95 0.17
C LYS D 452 16.13 -25.72 1.59
N SER D 453 15.67 -26.77 2.26
CA SER D 453 15.22 -26.70 3.65
C SER D 453 16.31 -27.07 4.64
N GLY D 454 17.46 -27.57 4.17
CA GLY D 454 18.49 -28.07 5.05
C GLY D 454 18.36 -29.54 5.40
N ARG D 455 17.20 -30.14 5.15
CA ARG D 455 16.93 -31.49 5.61
C ARG D 455 17.94 -32.49 5.08
N SER D 456 18.30 -32.39 3.80
CA SER D 456 19.24 -33.35 3.21
C SER D 456 20.61 -33.24 3.87
N ALA D 457 21.03 -32.03 4.20
CA ALA D 457 22.28 -31.87 4.95
C ALA D 457 22.15 -32.40 6.36
N HIS D 458 20.95 -32.28 6.96
CA HIS D 458 20.74 -32.81 8.30
C HIS D 458 20.90 -34.33 8.34
N GLN D 459 20.40 -35.02 7.31
CA GLN D 459 20.46 -36.48 7.30
C GLN D 459 21.90 -36.96 7.07
N VAL D 460 22.70 -36.19 6.35
CA VAL D 460 24.12 -36.51 6.23
C VAL D 460 24.82 -36.35 7.57
N ALA D 461 24.56 -35.22 8.25
CA ALA D 461 25.21 -34.93 9.51
C ALA D 461 24.83 -35.93 10.60
N ARG D 462 23.67 -36.59 10.47
CA ARG D 462 23.25 -37.55 11.48
C ARG D 462 24.23 -38.71 11.61
N TYR D 463 24.88 -39.09 10.51
CA TYR D 463 25.83 -40.19 10.53
C TYR D 463 27.26 -39.75 10.81
N ARG D 464 27.45 -38.47 11.14
CA ARG D 464 28.69 -37.91 11.65
C ARG D 464 29.91 -38.23 10.78
N PRO D 465 29.97 -37.74 9.55
CA PRO D 465 31.18 -37.92 8.75
C PRO D 465 32.32 -37.10 9.33
N ARG D 466 33.55 -37.50 8.99
CA ARG D 466 34.70 -36.70 9.38
C ARG D 466 34.82 -35.46 8.49
N ALA D 467 34.49 -35.61 7.21
CA ALA D 467 34.61 -34.50 6.28
C ALA D 467 33.53 -33.45 6.58
N PRO D 468 33.84 -32.17 6.41
CA PRO D 468 32.80 -31.14 6.58
C PRO D 468 31.72 -31.27 5.53
N ILE D 469 30.50 -30.91 5.92
CA ILE D 469 29.35 -30.92 5.03
C ILE D 469 29.11 -29.49 4.57
N ILE D 470 29.42 -29.21 3.31
CA ILE D 470 29.18 -27.89 2.73
C ILE D 470 27.77 -27.89 2.17
N ALA D 471 26.83 -27.30 2.91
CA ALA D 471 25.44 -27.24 2.50
C ALA D 471 25.23 -25.94 1.71
N VAL D 472 25.07 -26.07 0.40
CA VAL D 472 24.80 -24.93 -0.46
C VAL D 472 23.30 -24.70 -0.48
N THR D 473 22.88 -23.47 -0.18
CA THR D 473 21.46 -23.14 -0.18
C THR D 473 21.29 -21.70 -0.64
N ARG D 474 20.10 -21.41 -1.15
CA ARG D 474 19.68 -20.04 -1.42
C ARG D 474 18.77 -19.49 -0.34
N ASN D 475 18.18 -20.35 0.47
CA ASN D 475 17.33 -19.96 1.58
C ASN D 475 18.21 -19.42 2.71
N PRO D 476 18.17 -18.12 3.00
CA PRO D 476 19.05 -17.59 4.06
C PRO D 476 18.77 -18.16 5.43
N GLN D 477 17.51 -18.45 5.73
CA GLN D 477 17.18 -19.05 7.03
C GLN D 477 17.71 -20.47 7.12
N THR D 478 17.64 -21.22 6.02
CA THR D 478 18.21 -22.57 6.01
C THR D 478 19.70 -22.55 6.33
N ALA D 479 20.41 -21.55 5.79
CA ALA D 479 21.84 -21.44 6.06
C ALA D 479 22.11 -21.12 7.53
N ARG D 480 21.35 -20.19 8.10
CA ARG D 480 21.56 -19.85 9.51
C ARG D 480 21.20 -21.02 10.42
N GLN D 481 20.13 -21.74 10.10
CA GLN D 481 19.69 -22.85 10.95
C GLN D 481 20.63 -24.04 10.88
N ALA D 482 21.47 -24.12 9.84
CA ALA D 482 22.34 -25.27 9.66
C ALA D 482 23.41 -25.36 10.75
N HIS D 483 23.66 -24.27 11.48
CA HIS D 483 24.65 -24.31 12.55
C HIS D 483 24.26 -25.24 13.69
N LEU D 484 22.97 -25.58 13.80
CA LEU D 484 22.53 -26.47 14.86
C LEU D 484 23.03 -27.90 14.68
N TYR D 485 23.48 -28.27 13.47
CA TYR D 485 23.84 -29.64 13.14
C TYR D 485 25.35 -29.75 12.98
N ARG D 486 25.93 -30.77 13.61
CA ARG D 486 27.37 -30.96 13.58
C ARG D 486 27.86 -31.20 12.16
N GLY D 487 28.89 -30.44 11.77
CA GLY D 487 29.59 -30.68 10.53
C GLY D 487 29.05 -29.94 9.33
N ILE D 488 27.92 -29.26 9.44
CA ILE D 488 27.32 -28.56 8.32
C ILE D 488 27.92 -27.16 8.24
N PHE D 489 28.61 -26.87 7.15
CA PHE D 489 29.13 -25.54 6.87
C PHE D 489 28.20 -24.88 5.86
N PRO D 490 27.30 -24.00 6.28
CA PRO D 490 26.35 -23.41 5.33
C PRO D 490 26.98 -22.27 4.55
N VAL D 491 26.71 -22.28 3.25
CA VAL D 491 27.13 -21.19 2.36
C VAL D 491 25.91 -20.68 1.62
N LEU D 492 25.73 -19.36 1.60
CA LEU D 492 24.56 -18.73 1.01
C LEU D 492 24.89 -18.31 -0.41
N CYS D 493 24.29 -18.99 -1.38
CA CYS D 493 24.50 -18.68 -2.79
C CYS D 493 23.69 -17.46 -3.18
N LYS D 494 24.37 -16.41 -3.64
CA LYS D 494 23.71 -15.19 -4.09
C LYS D 494 23.58 -15.11 -5.60
N ASP D 495 24.19 -16.04 -6.33
CA ASP D 495 24.11 -16.00 -7.79
C ASP D 495 22.68 -16.23 -8.25
N PRO D 496 22.27 -15.59 -9.35
CA PRO D 496 20.89 -15.75 -9.83
C PRO D 496 20.65 -17.14 -10.39
N VAL D 497 19.37 -17.54 -10.36
CA VAL D 497 18.99 -18.84 -10.88
C VAL D 497 19.19 -18.88 -12.39
N GLN D 498 19.73 -19.98 -12.88
CA GLN D 498 19.97 -20.16 -14.30
C GLN D 498 18.77 -20.81 -14.97
N GLU D 499 18.62 -20.56 -16.27
CA GLU D 499 17.51 -21.11 -17.02
C GLU D 499 17.57 -22.64 -17.05
N ALA D 500 18.71 -23.18 -17.48
CA ALA D 500 18.90 -24.63 -17.47
C ALA D 500 19.16 -25.09 -16.04
N TRP D 501 18.28 -25.94 -15.52
CA TRP D 501 18.40 -26.37 -14.12
C TRP D 501 19.67 -27.17 -13.89
N ALA D 502 20.06 -28.00 -14.85
CA ALA D 502 21.32 -28.73 -14.74
C ALA D 502 22.50 -27.77 -14.59
N GLU D 503 22.48 -26.67 -15.34
CA GLU D 503 23.54 -25.67 -15.22
C GLU D 503 23.42 -24.89 -13.90
N ASP D 504 22.21 -24.72 -13.39
CA ASP D 504 22.05 -24.07 -12.09
C ASP D 504 22.53 -24.96 -10.97
N VAL D 505 22.41 -26.28 -11.12
CA VAL D 505 22.94 -27.20 -10.13
C VAL D 505 24.47 -27.15 -10.13
N ASP D 506 25.08 -27.20 -11.32
CA ASP D 506 26.53 -27.16 -11.40
C ASP D 506 27.08 -25.83 -10.92
N LEU D 507 26.29 -24.76 -11.05
CA LEU D 507 26.71 -23.46 -10.51
C LEU D 507 26.81 -23.50 -9.00
N ARG D 508 25.78 -24.07 -8.34
CA ARG D 508 25.80 -24.17 -6.89
C ARG D 508 26.87 -25.14 -6.41
N VAL D 509 27.12 -26.20 -7.18
CA VAL D 509 28.22 -27.12 -6.86
C VAL D 509 29.56 -26.41 -6.99
N ASN D 510 29.72 -25.61 -8.05
CA ASN D 510 30.95 -24.85 -8.23
C ASN D 510 31.12 -23.81 -7.14
N PHE D 511 30.02 -23.24 -6.64
CA PHE D 511 30.09 -22.32 -5.52
C PHE D 511 30.71 -22.99 -4.30
N ALA D 512 30.32 -24.24 -4.02
CA ALA D 512 30.88 -24.96 -2.88
C ALA D 512 32.35 -25.29 -3.10
N MET D 513 32.73 -25.60 -4.35
CA MET D 513 34.14 -25.88 -4.63
C MET D 513 35.01 -24.67 -4.36
N ASN D 514 34.57 -23.49 -4.79
CA ASN D 514 35.33 -22.27 -4.53
C ASN D 514 35.36 -21.94 -3.05
N VAL D 515 34.31 -22.29 -2.30
CA VAL D 515 34.30 -22.04 -0.87
C VAL D 515 35.34 -22.89 -0.15
N GLY D 516 35.33 -24.20 -0.42
CA GLY D 516 36.27 -25.09 0.24
C GLY D 516 37.72 -24.77 -0.07
N LYS D 517 38.00 -24.30 -1.29
CA LYS D 517 39.35 -23.89 -1.63
C LYS D 517 39.73 -22.60 -0.93
N ALA D 518 38.84 -21.60 -0.93
CA ALA D 518 39.13 -20.33 -0.29
C ALA D 518 39.27 -20.50 1.22
N ARG D 519 38.35 -21.21 1.84
CA ARG D 519 38.41 -21.45 3.28
C ARG D 519 39.41 -22.55 3.66
N GLY D 520 40.11 -23.12 2.69
CA GLY D 520 41.15 -24.09 3.01
C GLY D 520 40.65 -25.44 3.47
N PHE D 521 39.41 -25.81 3.13
CA PHE D 521 38.92 -27.13 3.50
C PHE D 521 39.49 -28.21 2.59
N PHE D 522 39.79 -27.87 1.34
CA PHE D 522 40.40 -28.79 0.40
C PHE D 522 41.01 -27.98 -0.73
N LYS D 523 41.73 -28.67 -1.61
CA LYS D 523 42.42 -28.03 -2.72
C LYS D 523 42.04 -28.72 -4.03
N LYS D 524 42.48 -28.13 -5.13
CA LYS D 524 42.23 -28.71 -6.44
C LYS D 524 42.83 -30.11 -6.51
N GLY D 525 42.08 -31.03 -7.12
CA GLY D 525 42.48 -32.42 -7.23
C GLY D 525 42.00 -33.31 -6.09
N ASP D 526 41.54 -32.73 -4.99
CA ASP D 526 41.00 -33.53 -3.90
C ASP D 526 39.66 -34.11 -4.31
N VAL D 527 39.32 -35.24 -3.70
CA VAL D 527 38.05 -35.92 -3.98
C VAL D 527 37.02 -35.43 -2.99
N VAL D 528 35.80 -35.16 -3.48
CA VAL D 528 34.69 -34.75 -2.64
C VAL D 528 33.44 -35.49 -3.07
N ILE D 529 32.50 -35.61 -2.12
CA ILE D 529 31.20 -36.19 -2.37
C ILE D 529 30.22 -35.05 -2.61
N VAL D 530 29.41 -35.17 -3.66
CA VAL D 530 28.42 -34.16 -4.02
C VAL D 530 27.05 -34.81 -4.03
N LEU D 531 26.13 -34.26 -3.25
CA LEU D 531 24.77 -34.79 -3.14
C LEU D 531 23.80 -33.82 -3.79
N THR D 532 23.09 -34.29 -4.81
CA THR D 532 22.05 -33.51 -5.46
C THR D 532 20.81 -34.39 -5.65
N GLY D 533 19.81 -33.89 -6.36
CA GLY D 533 18.61 -34.65 -6.65
C GLY D 533 18.32 -34.70 -8.15
N TRP D 534 17.25 -35.43 -8.48
CA TRP D 534 16.89 -35.67 -9.86
C TRP D 534 15.89 -34.67 -10.42
N ARG D 535 15.37 -33.77 -9.60
CA ARG D 535 14.38 -32.80 -10.04
C ARG D 535 14.36 -31.64 -9.05
N PRO D 536 14.02 -30.43 -9.49
CA PRO D 536 13.95 -29.30 -8.56
C PRO D 536 12.86 -29.50 -7.52
N GLY D 537 12.99 -28.76 -6.43
CA GLY D 537 12.06 -28.88 -5.32
C GLY D 537 12.65 -29.69 -4.18
N SER D 538 12.09 -29.49 -2.99
CA SER D 538 12.59 -30.14 -1.80
C SER D 538 12.14 -31.60 -1.73
N GLY D 539 12.98 -32.43 -1.13
CA GLY D 539 12.64 -33.82 -0.86
C GLY D 539 13.02 -34.81 -1.92
N PHE D 540 13.89 -34.45 -2.86
CA PHE D 540 14.26 -35.34 -3.96
C PHE D 540 15.76 -35.61 -4.02
N THR D 541 16.51 -35.30 -2.96
CA THR D 541 17.93 -35.60 -2.92
C THR D 541 18.12 -37.11 -2.99
N ASN D 542 18.82 -37.57 -4.03
CA ASN D 542 18.95 -39.01 -4.25
C ASN D 542 20.15 -39.35 -5.13
N THR D 543 20.97 -38.36 -5.46
CA THR D 543 22.09 -38.53 -6.38
C THR D 543 23.39 -38.23 -5.65
N MET D 544 24.31 -39.18 -5.65
CA MET D 544 25.62 -39.04 -5.03
C MET D 544 26.68 -39.18 -6.11
N ARG D 545 27.55 -38.18 -6.21
CA ARG D 545 28.64 -38.18 -7.17
C ARG D 545 29.97 -38.01 -6.45
N VAL D 546 30.95 -38.81 -6.85
CA VAL D 546 32.30 -38.75 -6.31
C VAL D 546 33.16 -38.04 -7.35
N VAL D 547 33.49 -36.78 -7.09
CA VAL D 547 34.14 -35.94 -8.11
C VAL D 547 35.39 -35.28 -7.57
N PRO D 548 36.40 -35.05 -8.40
CA PRO D 548 37.57 -34.30 -7.95
C PRO D 548 37.28 -32.80 -7.95
N VAL D 549 38.07 -32.08 -7.16
CA VAL D 549 37.95 -30.64 -7.05
C VAL D 549 38.64 -29.99 -8.24
N PRO D 550 37.93 -29.19 -9.06
CA PRO D 550 38.53 -28.52 -10.22
C PRO D 550 39.45 -27.37 -9.82
K K E . 8.24 15.01 19.68
K K F . -17.91 5.99 13.30
C1 GOL G . -10.96 2.42 7.36
O1 GOL G . -10.95 3.40 6.37
C2 GOL G . -11.85 2.95 8.50
O2 GOL G . -11.84 2.10 9.62
C3 GOL G . -11.29 4.35 8.82
O3 GOL G . -12.27 5.01 9.54
C1 GOL H . -28.10 12.55 7.50
O1 GOL H . -27.56 12.28 6.25
C2 GOL H . -28.06 11.24 8.29
O2 GOL H . -27.31 10.28 7.63
C3 GOL H . -27.44 11.62 9.64
O3 GOL H . -27.66 10.52 10.49
C1 OXL I . -16.32 11.80 9.25
C2 OXL I . -16.03 10.89 10.44
O1 OXL I . -17.48 11.87 8.79
O2 OXL I . -16.96 10.22 10.94
O3 OXL I . -15.40 12.49 8.74
O4 OXL I . -14.86 10.81 10.90
P1 FBP J . -1.08 15.95 44.84
O1P FBP J . -2.38 15.48 45.44
O2P FBP J . 0.03 15.77 45.84
O3P FBP J . -0.78 15.17 43.57
O1 FBP J . -1.23 17.51 44.48
C1 FBP J . -0.21 18.13 43.73
C2 FBP J . -0.78 19.30 42.94
O2 FBP J . 0.31 20.10 42.42
C3 FBP J . -1.68 20.18 43.79
O3 FBP J . -0.94 21.20 44.43
C4 FBP J . -2.65 20.74 42.78
O4 FBP J . -3.89 21.09 43.35
C5 FBP J . -2.81 19.56 41.84
O5 FBP J . -1.58 18.86 41.85
C6 FBP J . -3.23 19.96 40.43
O6 FBP J . -4.16 19.01 40.01
P2 FBP J . -5.38 19.41 39.05
O4P FBP J . -6.21 20.49 39.70
O5P FBP J . -6.21 18.17 38.84
O6P FBP J . -4.84 19.92 37.72
MG MG K . -18.95 10.12 10.27
CL CL L . -2.81 -31.78 -13.42
C1 GOL M . -8.30 -34.28 -6.32
O1 GOL M . -8.61 -33.37 -7.33
C2 GOL M . -9.63 -34.61 -5.59
O2 GOL M . -10.44 -35.42 -6.36
C3 GOL M . -9.20 -35.29 -4.27
O3 GOL M . -10.36 -35.45 -3.51
C1 GOL N . -5.01 -36.35 -16.04
O1 GOL N . -4.35 -35.13 -16.18
C2 GOL N . -5.84 -36.26 -14.74
O2 GOL N . -6.62 -35.11 -14.68
C3 GOL N . -6.68 -37.55 -14.73
O3 GOL N . -8.01 -37.15 -14.83
C1 GOL O . -25.51 -10.81 -42.54
O1 GOL O . -26.21 -9.61 -42.54
C2 GOL O . -26.56 -11.94 -42.70
O2 GOL O . -26.42 -12.60 -43.92
C3 GOL O . -26.34 -12.88 -41.50
O3 GOL O . -26.62 -12.14 -40.35
C1 GOL P . -10.70 8.31 -33.94
O1 GOL P . -9.63 9.12 -34.29
C2 GOL P . -11.43 9.01 -32.75
O2 GOL P . -12.54 9.73 -33.18
C3 GOL P . -11.80 7.87 -31.79
O3 GOL P . -12.95 7.26 -32.28
C1 GOL Q . -7.25 2.98 -40.86
O1 GOL Q . -6.86 2.59 -42.13
C2 GOL Q . -7.86 4.40 -40.99
O2 GOL Q . -8.87 4.43 -41.94
C3 GOL Q . -8.37 4.75 -39.58
O3 GOL Q . -7.33 4.49 -38.69
C1 OXL R . -10.92 -31.83 -12.65
C2 OXL R . -10.04 -30.61 -12.39
O1 OXL R . -11.38 -32.41 -11.67
O2 OXL R . -9.90 -30.28 -11.21
O3 OXL R . -11.11 -32.13 -13.83
O4 OXL R . -9.56 -30.05 -13.37
P1 FBP S . -7.90 5.16 -24.18
O1P FBP S . -8.01 5.72 -22.78
O2P FBP S . -7.33 6.19 -25.12
O3P FBP S . -7.02 3.93 -24.18
O1 FBP S . -9.37 4.76 -24.70
C1 FBP S . -9.58 4.46 -26.06
C2 FBP S . -10.87 3.68 -26.20
O2 FBP S . -11.07 3.33 -27.59
C3 FBP S . -12.06 4.52 -25.73
O3 FBP S . -12.59 5.26 -26.79
C4 FBP S . -13.00 3.48 -25.16
O4 FBP S . -13.87 4.02 -24.20
C5 FBP S . -12.02 2.51 -24.55
O5 FBP S . -10.89 2.50 -25.40
C6 FBP S . -12.61 1.11 -24.35
O6 FBP S . -12.32 0.73 -23.02
P2 FBP S . -13.10 -0.44 -22.26
O4P FBP S . -14.44 0.08 -21.77
O5P FBP S . -12.29 -0.93 -21.09
O6P FBP S . -13.33 -1.60 -23.21
MG MG T . -10.70 -31.70 -9.67
K K U . 6.68 22.56 -17.68
K K V . 7.62 21.26 -13.12
CL CL W . -6.61 15.86 -28.03
N ASN X . -9.52 36.53 -13.61
CA ASN X . -10.61 36.66 -12.64
C ASN X . -11.92 37.04 -13.33
O ASN X . -11.97 38.14 -13.95
CB ASN X . -10.26 37.70 -11.58
CG ASN X . -8.77 37.75 -11.29
OD1 ASN X . -8.22 36.85 -10.63
ND2 ASN X . -8.11 38.78 -11.77
OXT ASN X . -12.90 36.22 -13.20
C1 GOL Y . 0.94 19.38 -16.54
O1 GOL Y . 1.79 19.62 -15.45
C2 GOL Y . -0.08 18.30 -16.08
O2 GOL Y . -1.30 18.46 -16.71
C3 GOL Y . 0.57 16.94 -16.43
O3 GOL Y . -0.47 16.03 -16.57
C1 GOL Z . -9.64 39.58 -26.57
O1 GOL Z . -8.30 39.61 -26.17
C2 GOL Z . -9.67 39.77 -28.11
O2 GOL Z . -8.89 38.83 -28.77
C3 GOL Z . -11.16 39.66 -28.49
O3 GOL Z . -11.23 39.53 -29.87
C1 GOL AA . -2.08 17.79 -11.19
O1 GOL AA . -1.67 19.04 -10.71
C2 GOL AA . -0.83 16.95 -11.58
O2 GOL AA . -0.52 17.09 -12.92
C3 GOL AA . 0.32 17.47 -10.67
O3 GOL AA . 1.20 16.42 -10.48
C1 GOL BA . -0.27 55.10 3.43
O1 GOL BA . -1.16 54.32 2.68
C2 GOL BA . -0.04 54.35 4.77
O2 GOL BA . 1.12 54.77 5.41
C3 GOL BA . -1.31 54.65 5.61
O3 GOL BA . -1.33 56.02 5.83
C1 GOL CA . -4.60 37.90 7.48
O1 GOL CA . -4.69 39.17 6.90
C2 GOL CA . -5.22 36.90 6.46
O2 GOL CA . -6.21 37.50 5.70
C3 GOL CA . -4.02 36.41 5.61
O3 GOL CA . -3.98 35.02 5.75
C1 GOL DA . -5.27 30.54 5.92
O1 GOL DA . -4.13 30.33 5.14
C2 GOL DA . -4.87 31.48 7.09
O2 GOL DA . -4.31 32.67 6.65
C3 GOL DA . -3.91 30.65 7.97
O3 GOL DA . -3.76 31.33 9.18
C1 GOL EA . -15.43 15.64 -19.60
O1 GOL EA . -15.11 16.37 -20.73
C2 GOL EA . -16.68 16.28 -18.95
O2 GOL EA . -17.86 15.74 -19.45
C3 GOL EA . -16.53 16.05 -17.43
O3 GOL EA . -16.16 17.28 -16.87
C1 GOL FA . -4.91 66.44 -23.72
O1 GOL FA . -3.57 66.68 -23.99
C2 GOL FA . -5.40 67.57 -22.80
O2 GOL FA . -6.78 67.57 -22.66
C3 GOL FA . -4.67 67.32 -21.45
O3 GOL FA . -4.50 68.57 -20.86
C1 GOL GA . -16.26 35.26 -11.85
O1 GOL GA . -15.91 35.61 -13.15
C2 GOL GA . -17.79 35.48 -11.71
O2 GOL GA . -18.47 34.97 -12.79
C3 GOL GA . -18.16 34.76 -10.40
O3 GOL GA . -19.48 35.10 -10.11
C1 OXL HA . 4.67 22.74 -12.13
C2 OXL HA . 5.16 22.08 -10.84
O1 OXL HA . 3.49 23.07 -12.18
O2 OXL HA . 4.34 21.92 -9.94
O3 OXL HA . 5.50 22.89 -13.03
O4 OXL HA . 6.35 21.76 -10.80
P1 FBP IA . -6.66 56.31 -23.29
O1P FBP IA . -7.76 57.28 -23.68
O2P FBP IA . -7.13 54.88 -23.45
O3P FBP IA . -5.44 56.53 -24.15
O1 FBP IA . -6.27 56.52 -21.76
C1 FBP IA . -7.22 57.00 -20.83
C2 FBP IA . -6.66 56.71 -19.44
O2 FBP IA . -7.72 56.82 -18.45
C3 FBP IA . -5.57 57.73 -19.14
O3 FBP IA . -6.12 58.82 -18.43
C4 FBP IA . -4.58 56.94 -18.32
O4 FBP IA . -3.28 57.45 -18.49
C5 FBP IA . -4.71 55.54 -18.90
O5 FBP IA . -6.06 55.43 -19.35
C6 FBP IA . -4.36 54.49 -17.85
O6 FBP IA . -3.61 53.45 -18.45
P2 FBP IA . -2.42 52.76 -17.59
O4P FBP IA . -1.67 53.87 -16.88
O5P FBP IA . -1.49 52.00 -18.50
O6P FBP IA . -3.02 51.84 -16.58
C1 GOL JA . 33.29 -34.45 -13.21
O1 GOL JA . 33.74 -35.70 -12.77
C2 GOL JA . 32.02 -34.11 -12.40
O2 GOL JA . 31.72 -32.75 -12.44
C3 GOL JA . 30.90 -34.96 -13.05
O3 GOL JA . 30.50 -35.90 -12.09
C1 OXL KA . 20.38 -22.22 30.95
C2 OXL KA . 20.57 -23.12 32.16
O1 OXL KA . 19.40 -21.48 30.95
O2 OXL KA . 19.71 -23.04 33.04
O3 OXL KA . 21.23 -22.32 30.05
O4 OXL KA . 21.55 -23.87 32.17
P1 FBP LA . 16.45 -26.39 -6.18
O1P FBP LA . 16.75 -25.12 -5.42
O2P FBP LA . 14.96 -26.61 -6.27
O3P FBP LA . 17.04 -26.32 -7.57
O1 FBP LA . 17.11 -27.64 -5.41
C1 FBP LA . 17.36 -28.82 -6.13
C2 FBP LA . 17.74 -29.93 -5.18
O2 FBP LA . 19.10 -30.38 -5.46
C3 FBP LA . 16.76 -31.07 -5.37
O3 FBP LA . 17.25 -32.03 -6.27
C4 FBP LA . 16.56 -31.63 -3.97
O4 FBP LA . 15.28 -32.17 -3.79
C5 FBP LA . 16.73 -30.37 -3.14
O5 FBP LA . 17.66 -29.54 -3.82
C6 FBP LA . 17.16 -30.67 -1.70
O6 FBP LA . 16.30 -29.93 -0.86
P2 FBP LA . 15.96 -30.39 0.65
O4P FBP LA . 15.35 -29.23 1.39
O5P FBP LA . 17.23 -30.83 1.32
O6P FBP LA . 14.99 -31.53 0.61
MG MG MA . 18.49 -21.08 33.50
MG MG NA . 22.39 -3.08 23.47
C1 144 OA . 34.52 -40.84 24.92
N 144 OA . 35.21 -40.43 26.14
C2 144 OA . 35.74 -41.60 26.84
O2 144 OA . 34.66 -42.38 27.35
C3 144 OA . 36.32 -39.52 25.79
O3 144 OA . 37.33 -40.25 25.11
C4 144 OA . 34.27 -39.71 27.03
O4 144 OA . 33.21 -40.61 27.39
#